data_3WR5
#
_entry.id   3WR5
#
_cell.length_a   55.942
_cell.length_b   72.729
_cell.length_c   386.767
_cell.angle_alpha   90.00
_cell.angle_beta   90.00
_cell.angle_gamma   90.00
#
_symmetry.space_group_name_H-M   'P 21 21 21'
#
loop_
_entity.id
_entity.type
_entity.pdbx_description
1 polymer 'Formate dehydrogenase'
2 non-polymer NICOTINAMIDE-ADENINE-DINUCLEOTIDE
3 water water
#
_entity_poly.entity_id   1
_entity_poly.type   'polypeptide(L)'
_entity_poly.pdbx_seq_one_letter_code
;GAMGSMAKILCVLYDDPVDGYPKTYARDDLPKIDHYPGGQTLPTPKAIDFTPGQLLGSVSGELGLRKYLEANGHTFVVTS
DKDGPDSVFEKELVDADVVISQPFWPAYLTPERIAKAKNLKLALTAGIGSDHVDLQSAIDRGITVAEVTYCNSISVAEHV
VMMILGLVRNYIPSHDWARKGGWNIADCVEHSYDLEGMTVGSVAAGRIGLAVLRRLAPFDVKLHYTDRHRLPEAVEKELG
LVWHDTREDMYPHCDVVTLNVPLHPETEHMINDETLKLFKRGAYIVNTARGKLADRDAIVRAIESGQLAGYAGDVWFPQP
APKDHPWRTMKWEGMTPHISGTSLSAQARYAAGTREILECFFEGRPIRDEYLIVQGGALAGTGAHSYSKGNATGGSEEAA
KFKKAG
;
_entity_poly.pdbx_strand_id   A,B,C,D
#
loop_
_chem_comp.id
_chem_comp.type
_chem_comp.name
_chem_comp.formula
NAD non-polymer NICOTINAMIDE-ADENINE-DINUCLEOTIDE 'C21 H27 N7 O14 P2'
#
# COMPACT_ATOMS: atom_id res chain seq x y z
N ALA A 2 -20.89 -68.13 -36.26
CA ALA A 2 -20.57 -67.61 -34.94
C ALA A 2 -19.10 -67.75 -34.63
N MET A 3 -18.51 -68.94 -34.83
CA MET A 3 -17.08 -69.07 -34.56
C MET A 3 -16.32 -69.56 -35.80
N GLY A 4 -15.30 -68.77 -36.13
CA GLY A 4 -14.55 -68.90 -37.35
C GLY A 4 -13.36 -67.99 -37.17
N SER A 5 -12.47 -67.98 -38.15
CA SER A 5 -11.24 -67.22 -38.07
C SER A 5 -11.26 -65.89 -38.83
N MET A 6 -12.37 -65.61 -39.53
CA MET A 6 -12.47 -64.40 -40.35
C MET A 6 -13.63 -63.52 -39.93
N ALA A 7 -13.36 -62.23 -39.78
CA ALA A 7 -14.30 -61.28 -39.20
C ALA A 7 -14.71 -60.19 -40.18
N LYS A 8 -15.91 -59.66 -39.98
CA LYS A 8 -16.29 -58.42 -40.64
C LYS A 8 -16.02 -57.24 -39.67
N ILE A 9 -15.13 -56.35 -40.10
CA ILE A 9 -14.79 -55.18 -39.30
C ILE A 9 -15.46 -53.97 -39.95
N LEU A 10 -16.28 -53.29 -39.17
CA LEU A 10 -17.02 -52.12 -39.64
C LEU A 10 -16.37 -50.86 -39.05
N CYS A 11 -15.85 -50.00 -39.90
CA CYS A 11 -15.04 -48.91 -39.41
C CYS A 11 -15.58 -47.56 -39.84
N VAL A 12 -15.98 -46.73 -38.88
CA VAL A 12 -16.55 -45.43 -39.22
C VAL A 12 -15.50 -44.35 -39.03
N LEU A 13 -15.22 -43.62 -40.11
CA LEU A 13 -14.21 -42.58 -40.10
C LEU A 13 -14.80 -41.29 -40.65
N TYR A 14 -14.19 -40.15 -40.35
CA TYR A 14 -14.73 -38.90 -40.85
C TYR A 14 -14.33 -38.69 -42.32
N ASP A 15 -15.06 -37.82 -43.01
CA ASP A 15 -14.80 -37.52 -44.41
C ASP A 15 -13.39 -36.95 -44.63
N ASP A 16 -12.88 -37.16 -45.83
CA ASP A 16 -11.68 -36.50 -46.30
C ASP A 16 -11.89 -34.98 -46.32
N PRO A 17 -10.81 -34.21 -46.39
CA PRO A 17 -10.96 -32.77 -46.54
C PRO A 17 -11.78 -32.46 -47.80
N VAL A 18 -12.49 -31.35 -47.78
CA VAL A 18 -13.41 -31.02 -48.86
C VAL A 18 -12.68 -30.95 -50.20
N ASP A 19 -11.42 -30.54 -50.16
CA ASP A 19 -10.62 -30.40 -51.37
C ASP A 19 -9.95 -31.69 -51.81
N GLY A 20 -10.17 -32.77 -51.06
CA GLY A 20 -9.58 -34.05 -51.36
C GLY A 20 -8.51 -34.47 -50.35
N TYR A 21 -8.15 -35.74 -50.38
CA TYR A 21 -7.15 -36.31 -49.48
C TYR A 21 -5.73 -35.82 -49.79
N PRO A 22 -5.04 -35.28 -48.77
CA PRO A 22 -3.72 -34.68 -49.02
C PRO A 22 -2.66 -35.72 -49.30
N LYS A 23 -1.77 -35.49 -50.25
CA LYS A 23 -0.62 -36.38 -50.38
C LYS A 23 0.63 -35.72 -49.84
N THR A 24 0.54 -34.45 -49.43
CA THR A 24 1.69 -33.81 -48.80
C THR A 24 1.25 -33.03 -47.57
N TYR A 25 2.21 -32.79 -46.69
CA TYR A 25 1.91 -32.17 -45.41
C TYR A 25 2.85 -31.00 -45.15
N ALA A 26 2.52 -30.19 -44.16
CA ALA A 26 3.28 -28.97 -43.89
C ALA A 26 4.75 -29.23 -43.51
N ARG A 27 5.05 -30.42 -42.98
CA ARG A 27 6.38 -30.71 -42.46
C ARG A 27 6.82 -32.11 -42.84
N ASP A 28 8.12 -32.40 -42.71
CA ASP A 28 8.70 -33.65 -43.18
C ASP A 28 8.43 -34.83 -42.27
N ASP A 29 8.58 -34.66 -40.96
CA ASP A 29 8.27 -35.74 -40.02
C ASP A 29 7.72 -35.22 -38.69
N LEU A 30 7.29 -36.16 -37.84
CA LEU A 30 6.84 -35.89 -36.47
C LEU A 30 7.96 -35.98 -35.44
N PRO A 31 7.84 -35.20 -34.35
CA PRO A 31 8.72 -35.36 -33.20
C PRO A 31 8.67 -36.78 -32.68
N LYS A 32 9.78 -37.26 -32.13
CA LYS A 32 9.84 -38.61 -31.63
C LYS A 32 9.27 -38.61 -30.22
N ILE A 33 8.29 -39.45 -29.94
CA ILE A 33 7.77 -39.57 -28.57
C ILE A 33 8.09 -40.98 -28.07
N ASP A 34 8.87 -41.11 -27.01
CA ASP A 34 9.30 -42.43 -26.56
C ASP A 34 8.34 -43.16 -25.60
N HIS A 35 7.79 -42.46 -24.61
CA HIS A 35 6.71 -43.09 -23.84
C HIS A 35 5.80 -42.04 -23.20
N TYR A 36 4.78 -42.50 -22.50
CA TYR A 36 3.85 -41.64 -21.79
C TYR A 36 4.32 -41.31 -20.37
N PRO A 37 3.92 -40.13 -19.85
CA PRO A 37 4.26 -39.84 -18.46
C PRO A 37 3.64 -40.86 -17.51
N GLY A 38 4.45 -41.45 -16.64
CA GLY A 38 3.92 -42.48 -15.78
C GLY A 38 4.21 -43.91 -16.21
N GLY A 39 4.77 -44.10 -17.40
CA GLY A 39 5.27 -45.41 -17.70
C GLY A 39 4.52 -46.32 -18.67
N GLN A 40 3.22 -46.07 -18.90
CA GLN A 40 2.51 -46.86 -19.92
C GLN A 40 3.31 -46.79 -21.22
N THR A 41 3.57 -47.93 -21.84
CA THR A 41 4.33 -47.92 -23.08
C THR A 41 3.47 -47.50 -24.27
N LEU A 42 4.12 -47.02 -25.33
CA LEU A 42 3.45 -46.70 -26.59
C LEU A 42 2.85 -47.99 -27.19
N PRO A 43 1.89 -47.86 -28.12
CA PRO A 43 1.28 -49.06 -28.71
C PRO A 43 2.32 -50.00 -29.32
N THR A 44 2.04 -51.30 -29.22
CA THR A 44 2.94 -52.33 -29.72
C THR A 44 2.30 -53.25 -30.76
N PRO A 45 1.91 -52.70 -31.92
CA PRO A 45 1.43 -53.58 -32.99
C PRO A 45 2.62 -54.29 -33.61
N LYS A 46 2.40 -55.40 -34.30
CA LYS A 46 3.51 -56.11 -34.92
C LYS A 46 4.24 -55.23 -35.95
N ALA A 47 3.46 -54.47 -36.70
CA ALA A 47 3.98 -53.57 -37.72
C ALA A 47 2.97 -52.46 -37.96
N ILE A 48 3.39 -51.40 -38.65
CA ILE A 48 2.44 -50.42 -39.13
C ILE A 48 2.61 -50.20 -40.63
N ASP A 49 1.49 -50.01 -41.31
CA ASP A 49 1.42 -49.80 -42.76
C ASP A 49 1.22 -48.34 -43.17
N PHE A 50 1.57 -47.43 -42.29
CA PHE A 50 1.51 -46.00 -42.60
C PHE A 50 2.77 -45.29 -42.18
N THR A 51 2.93 -44.06 -42.65
CA THR A 51 4.00 -43.17 -42.17
C THR A 51 3.44 -42.17 -41.17
N PRO A 52 4.02 -42.11 -39.97
CA PRO A 52 3.54 -41.14 -38.97
C PRO A 52 3.52 -39.73 -39.55
N GLY A 53 2.41 -39.03 -39.38
CA GLY A 53 2.23 -37.71 -39.96
C GLY A 53 1.20 -37.69 -41.07
N GLN A 54 0.81 -38.86 -41.56
CA GLN A 54 -0.25 -38.96 -42.57
C GLN A 54 -1.65 -38.78 -41.95
N LEU A 55 -2.62 -38.39 -42.76
CA LEU A 55 -3.97 -38.28 -42.24
C LEU A 55 -4.63 -39.67 -42.20
N LEU A 56 -4.76 -40.24 -41.00
CA LEU A 56 -5.23 -41.62 -40.85
C LEU A 56 -6.69 -41.77 -40.44
N GLY A 57 -7.28 -40.71 -39.90
CA GLY A 57 -8.59 -40.86 -39.28
C GLY A 57 -9.74 -40.59 -40.24
N SER A 58 -9.42 -40.23 -41.49
CA SER A 58 -10.46 -40.00 -42.48
C SER A 58 -10.67 -41.23 -43.36
N VAL A 59 -11.70 -41.22 -44.20
CA VAL A 59 -12.07 -42.44 -44.90
C VAL A 59 -10.99 -42.97 -45.82
N SER A 60 -10.26 -42.08 -46.50
CA SER A 60 -9.18 -42.54 -47.37
C SER A 60 -7.96 -43.02 -46.57
N GLY A 61 -7.82 -42.57 -45.33
CA GLY A 61 -6.72 -43.01 -44.48
C GLY A 61 -6.90 -44.44 -43.93
N GLU A 62 -8.14 -44.79 -43.61
CA GLU A 62 -8.49 -46.12 -43.12
C GLU A 62 -7.73 -46.58 -41.88
N LEU A 63 -7.19 -45.66 -41.10
CA LEU A 63 -6.37 -45.97 -39.94
C LEU A 63 -5.21 -46.91 -40.30
N GLY A 64 -4.80 -46.91 -41.56
CA GLY A 64 -3.76 -47.79 -42.03
C GLY A 64 -4.03 -49.29 -41.85
N LEU A 65 -5.30 -49.69 -41.77
CA LEU A 65 -5.61 -51.10 -41.46
C LEU A 65 -5.91 -52.07 -42.61
N ARG A 66 -6.15 -51.57 -43.81
CA ARG A 66 -6.76 -52.43 -44.84
C ARG A 66 -5.88 -53.60 -45.24
N LYS A 67 -4.62 -53.35 -45.54
CA LYS A 67 -3.73 -54.40 -46.01
C LYS A 67 -3.60 -55.52 -44.96
N TYR A 68 -3.38 -55.13 -43.70
CA TYR A 68 -3.26 -56.12 -42.62
C TYR A 68 -4.54 -56.97 -42.51
N LEU A 69 -5.69 -56.32 -42.59
CA LEU A 69 -6.96 -57.03 -42.40
C LEU A 69 -7.28 -57.97 -43.58
N GLU A 70 -7.12 -57.48 -44.79
CA GLU A 70 -7.45 -58.29 -45.96
C GLU A 70 -6.50 -59.49 -46.11
N ALA A 71 -5.25 -59.32 -45.70
CA ALA A 71 -4.29 -60.41 -45.78
C ALA A 71 -4.66 -61.58 -44.88
N ASN A 72 -5.44 -61.30 -43.83
CA ASN A 72 -5.90 -62.33 -42.94
C ASN A 72 -7.32 -62.80 -43.26
N GLY A 73 -7.84 -62.34 -44.39
CA GLY A 73 -9.12 -62.80 -44.88
C GLY A 73 -10.33 -62.15 -44.25
N HIS A 74 -10.11 -61.07 -43.49
CA HIS A 74 -11.22 -60.34 -42.89
C HIS A 74 -11.88 -59.44 -43.93
N THR A 75 -13.14 -59.11 -43.69
CA THR A 75 -13.83 -58.12 -44.51
C THR A 75 -13.73 -56.78 -43.81
N PHE A 76 -13.29 -55.75 -44.53
CA PHE A 76 -13.07 -54.45 -43.95
C PHE A 76 -13.95 -53.43 -44.67
N VAL A 77 -14.96 -52.92 -43.97
CA VAL A 77 -15.83 -51.91 -44.54
C VAL A 77 -15.60 -50.57 -43.84
N VAL A 78 -15.29 -49.55 -44.64
CA VAL A 78 -15.05 -48.21 -44.13
C VAL A 78 -16.10 -47.27 -44.68
N THR A 79 -16.70 -46.47 -43.80
CA THR A 79 -17.72 -45.49 -44.22
C THR A 79 -17.71 -44.26 -43.30
N SER A 80 -18.13 -43.12 -43.83
CA SER A 80 -18.45 -41.98 -42.99
C SER A 80 -19.98 -41.89 -42.78
N ASP A 81 -20.76 -42.74 -43.43
CA ASP A 81 -22.20 -42.55 -43.33
C ASP A 81 -22.69 -43.32 -42.10
N LYS A 82 -22.82 -42.56 -40.99
CA LYS A 82 -23.06 -43.12 -39.65
C LYS A 82 -24.39 -42.83 -38.94
N ASP A 83 -25.15 -41.85 -39.43
CA ASP A 83 -26.31 -41.37 -38.69
C ASP A 83 -27.61 -41.73 -39.41
N GLY A 84 -28.57 -42.25 -38.64
CA GLY A 84 -29.86 -42.62 -39.17
C GLY A 84 -30.03 -44.14 -39.26
N PRO A 85 -31.28 -44.61 -39.39
CA PRO A 85 -31.56 -46.06 -39.40
C PRO A 85 -31.10 -46.82 -40.65
N ASP A 86 -31.07 -46.12 -41.79
CA ASP A 86 -30.64 -46.69 -43.05
C ASP A 86 -29.20 -46.29 -43.48
N SER A 87 -28.43 -45.68 -42.58
CA SER A 87 -27.07 -45.27 -42.94
C SER A 87 -26.29 -46.53 -43.35
N VAL A 88 -25.21 -46.36 -44.12
CA VAL A 88 -24.36 -47.50 -44.43
C VAL A 88 -23.92 -48.18 -43.14
N PHE A 89 -23.62 -47.38 -42.13
CA PHE A 89 -23.22 -47.96 -40.86
C PHE A 89 -24.24 -48.94 -40.27
N GLU A 90 -25.51 -48.54 -40.21
CA GLU A 90 -26.51 -49.37 -39.52
C GLU A 90 -26.92 -50.59 -40.33
N LYS A 91 -26.81 -50.50 -41.66
CA LYS A 91 -27.02 -51.67 -42.51
C LYS A 91 -25.90 -52.70 -42.35
N GLU A 92 -24.65 -52.23 -42.33
CA GLU A 92 -23.50 -53.13 -42.23
C GLU A 92 -23.34 -53.69 -40.82
N LEU A 93 -23.99 -53.03 -39.86
CA LEU A 93 -23.85 -53.36 -38.43
C LEU A 93 -24.47 -54.70 -38.05
N VAL A 94 -25.53 -55.09 -38.74
CA VAL A 94 -26.27 -56.28 -38.37
C VAL A 94 -25.37 -57.53 -38.31
N ASP A 95 -24.46 -57.71 -39.27
CA ASP A 95 -23.51 -58.83 -39.19
C ASP A 95 -22.05 -58.50 -38.79
N ALA A 96 -21.74 -57.26 -38.40
CA ALA A 96 -20.35 -56.93 -38.03
C ALA A 96 -19.88 -57.64 -36.74
N ASP A 97 -18.66 -58.19 -36.77
CA ASP A 97 -18.02 -58.71 -35.56
C ASP A 97 -17.32 -57.63 -34.74
N VAL A 98 -16.75 -56.64 -35.43
CA VAL A 98 -16.02 -55.55 -34.79
C VAL A 98 -16.53 -54.22 -35.32
N VAL A 99 -16.79 -53.30 -34.41
CA VAL A 99 -17.11 -51.93 -34.80
C VAL A 99 -16.01 -51.03 -34.27
N ILE A 100 -15.48 -50.21 -35.17
CA ILE A 100 -14.50 -49.19 -34.85
C ILE A 100 -15.02 -47.80 -35.15
N SER A 101 -14.97 -46.89 -34.18
CA SER A 101 -15.13 -45.49 -34.56
C SER A 101 -14.33 -44.58 -33.66
N GLN A 102 -14.27 -43.31 -34.07
CA GLN A 102 -13.58 -42.28 -33.35
C GLN A 102 -14.61 -41.35 -32.70
N PRO A 103 -14.28 -40.78 -31.54
CA PRO A 103 -15.19 -39.88 -30.85
C PRO A 103 -15.50 -38.62 -31.65
N PHE A 104 -14.63 -38.27 -32.59
CA PHE A 104 -14.75 -37.05 -33.38
C PHE A 104 -15.87 -37.13 -34.40
N TRP A 105 -16.19 -38.37 -34.78
CA TRP A 105 -17.23 -38.68 -35.74
C TRP A 105 -17.83 -40.01 -35.27
N PRO A 106 -18.55 -39.96 -34.13
CA PRO A 106 -18.83 -41.22 -33.41
C PRO A 106 -19.96 -42.05 -34.00
N ALA A 107 -19.76 -43.37 -34.07
CA ALA A 107 -20.88 -44.22 -34.43
C ALA A 107 -21.53 -44.64 -33.11
N TYR A 108 -22.67 -44.03 -32.79
CA TYR A 108 -23.28 -44.24 -31.50
C TYR A 108 -23.83 -45.66 -31.43
N LEU A 109 -23.41 -46.43 -30.44
CA LEU A 109 -23.98 -47.75 -30.30
C LEU A 109 -24.99 -47.65 -29.17
N THR A 110 -26.22 -47.36 -29.57
CA THR A 110 -27.35 -47.24 -28.67
C THR A 110 -27.85 -48.64 -28.29
N PRO A 111 -28.69 -48.75 -27.24
CA PRO A 111 -29.30 -50.05 -26.93
C PRO A 111 -29.98 -50.66 -28.17
N GLU A 112 -30.72 -49.85 -28.90
CA GLU A 112 -31.42 -50.32 -30.09
C GLU A 112 -30.42 -50.88 -31.11
N ARG A 113 -29.33 -50.17 -31.34
CA ARG A 113 -28.35 -50.60 -32.33
C ARG A 113 -27.62 -51.86 -31.86
N ILE A 114 -27.32 -51.91 -30.57
CA ILE A 114 -26.61 -53.05 -30.03
C ILE A 114 -27.49 -54.30 -30.10
N ALA A 115 -28.80 -54.12 -29.87
CA ALA A 115 -29.77 -55.23 -29.97
C ALA A 115 -29.84 -55.81 -31.38
N LYS A 116 -29.74 -54.93 -32.38
CA LYS A 116 -29.65 -55.33 -33.79
C LYS A 116 -28.31 -55.97 -34.21
N ALA A 117 -27.23 -55.74 -33.47
CA ALA A 117 -25.94 -56.25 -33.94
C ALA A 117 -25.76 -57.66 -33.42
N LYS A 118 -26.04 -58.61 -34.29
CA LYS A 118 -26.08 -60.02 -33.93
C LYS A 118 -24.71 -60.63 -33.66
N ASN A 119 -23.70 -60.22 -34.40
CA ASN A 119 -22.35 -60.76 -34.25
C ASN A 119 -21.36 -59.92 -33.44
N LEU A 120 -21.78 -58.76 -32.95
CA LEU A 120 -20.81 -57.82 -32.37
C LEU A 120 -20.10 -58.41 -31.16
N LYS A 121 -18.79 -58.56 -31.28
CA LYS A 121 -17.98 -59.00 -30.16
C LYS A 121 -17.07 -57.92 -29.55
N LEU A 122 -16.77 -56.89 -30.33
CA LEU A 122 -15.82 -55.85 -29.90
C LEU A 122 -16.22 -54.48 -30.39
N ALA A 123 -16.35 -53.54 -29.46
CA ALA A 123 -16.56 -52.15 -29.79
C ALA A 123 -15.26 -51.43 -29.46
N LEU A 124 -14.60 -50.94 -30.51
CA LEU A 124 -13.28 -50.38 -30.41
C LEU A 124 -13.32 -48.89 -30.67
N THR A 125 -12.87 -48.13 -29.68
CA THR A 125 -12.76 -46.69 -29.83
C THR A 125 -11.35 -46.32 -30.31
N ALA A 126 -11.25 -45.75 -31.50
CA ALA A 126 -9.94 -45.29 -31.93
C ALA A 126 -9.81 -43.87 -31.44
N GLY A 127 -9.24 -43.75 -30.26
CA GLY A 127 -9.30 -42.50 -29.54
C GLY A 127 -9.53 -42.90 -28.10
N ILE A 128 -10.02 -41.95 -27.31
CA ILE A 128 -10.33 -42.10 -25.89
C ILE A 128 -11.76 -41.61 -25.59
N GLY A 129 -12.42 -42.38 -24.75
CA GLY A 129 -13.75 -42.17 -24.18
C GLY A 129 -14.73 -42.99 -24.99
N SER A 130 -15.49 -43.79 -24.25
CA SER A 130 -16.39 -44.77 -24.84
C SER A 130 -17.85 -44.47 -24.64
N ASP A 131 -18.16 -43.26 -24.20
CA ASP A 131 -19.51 -42.84 -23.86
C ASP A 131 -20.45 -42.84 -25.07
N HIS A 132 -19.91 -43.04 -26.28
CA HIS A 132 -20.80 -43.16 -27.44
C HIS A 132 -21.28 -44.61 -27.57
N VAL A 133 -20.86 -45.46 -26.64
CA VAL A 133 -21.30 -46.86 -26.58
C VAL A 133 -22.17 -47.03 -25.35
N ASP A 134 -23.31 -47.69 -25.45
CA ASP A 134 -24.08 -47.90 -24.23
C ASP A 134 -23.41 -49.02 -23.45
N LEU A 135 -22.80 -48.67 -22.32
CA LEU A 135 -21.91 -49.60 -21.64
C LEU A 135 -22.73 -50.67 -20.94
N GLN A 136 -23.93 -50.31 -20.50
CA GLN A 136 -24.78 -51.29 -19.81
C GLN A 136 -25.21 -52.39 -20.79
N SER A 137 -25.58 -52.01 -22.01
CA SER A 137 -25.90 -53.00 -23.05
C SER A 137 -24.70 -53.91 -23.38
N ALA A 138 -23.51 -53.32 -23.49
CA ALA A 138 -22.29 -54.08 -23.79
C ALA A 138 -22.04 -55.09 -22.70
N ILE A 139 -22.18 -54.62 -21.46
CA ILE A 139 -21.98 -55.42 -20.27
C ILE A 139 -22.92 -56.62 -20.29
N ASP A 140 -24.18 -56.35 -20.59
CA ASP A 140 -25.23 -57.38 -20.59
C ASP A 140 -25.04 -58.39 -21.71
N ARG A 141 -24.51 -57.93 -22.84
CA ARG A 141 -24.31 -58.79 -24.02
C ARG A 141 -22.94 -59.49 -24.04
N GLY A 142 -22.08 -59.16 -23.09
CA GLY A 142 -20.75 -59.75 -23.06
C GLY A 142 -19.85 -59.22 -24.17
N ILE A 143 -20.18 -58.05 -24.68
CA ILE A 143 -19.36 -57.40 -25.71
C ILE A 143 -18.14 -56.73 -25.04
N THR A 144 -16.96 -56.89 -25.65
CA THR A 144 -15.79 -56.16 -25.15
C THR A 144 -15.80 -54.72 -25.64
N VAL A 145 -15.53 -53.79 -24.73
CA VAL A 145 -15.36 -52.40 -25.11
C VAL A 145 -13.94 -51.95 -24.76
N ALA A 146 -13.20 -51.46 -25.76
CA ALA A 146 -11.81 -51.06 -25.55
C ALA A 146 -11.52 -49.71 -26.24
N GLU A 147 -10.52 -48.99 -25.74
CA GLU A 147 -10.17 -47.70 -26.32
C GLU A 147 -8.65 -47.55 -26.26
N VAL A 148 -8.06 -46.61 -26.99
CA VAL A 148 -6.61 -46.55 -26.93
C VAL A 148 -6.17 -45.51 -25.91
N THR A 149 -6.02 -45.99 -24.69
CA THR A 149 -5.74 -45.15 -23.53
C THR A 149 -4.43 -44.38 -23.68
N TYR A 150 -4.47 -43.13 -23.22
CA TYR A 150 -3.36 -42.16 -23.19
C TYR A 150 -2.91 -41.70 -24.60
N CYS A 151 -3.54 -42.18 -25.66
CA CYS A 151 -3.04 -41.90 -27.02
C CYS A 151 -3.01 -40.39 -27.33
N ASN A 152 -4.06 -39.67 -26.97
CA ASN A 152 -4.11 -38.22 -27.17
C ASN A 152 -4.20 -37.34 -25.92
N SER A 153 -4.04 -37.92 -24.74
CA SER A 153 -4.22 -37.17 -23.48
C SER A 153 -3.38 -35.90 -23.45
N ILE A 154 -2.13 -36.00 -23.90
CA ILE A 154 -1.24 -34.84 -23.92
C ILE A 154 -1.67 -33.81 -24.95
N SER A 155 -2.16 -34.29 -26.09
CA SER A 155 -2.67 -33.37 -27.13
C SER A 155 -3.81 -32.50 -26.58
N VAL A 156 -4.71 -33.12 -25.84
CA VAL A 156 -5.85 -32.42 -25.29
C VAL A 156 -5.43 -31.43 -24.20
N ALA A 157 -4.51 -31.82 -23.32
CA ALA A 157 -4.01 -30.88 -22.30
C ALA A 157 -3.45 -29.61 -22.91
N GLU A 158 -2.71 -29.73 -24.02
CA GLU A 158 -2.22 -28.55 -24.74
C GLU A 158 -3.39 -27.69 -25.24
N HIS A 159 -4.38 -28.37 -25.83
CA HIS A 159 -5.57 -27.67 -26.31
C HIS A 159 -6.26 -26.92 -25.18
N VAL A 160 -6.32 -27.54 -24.01
CA VAL A 160 -6.92 -26.89 -22.84
C VAL A 160 -6.23 -25.57 -22.47
N VAL A 161 -4.90 -25.59 -22.36
CA VAL A 161 -4.15 -24.40 -21.94
C VAL A 161 -4.35 -23.32 -22.98
N MET A 162 -4.33 -23.73 -24.25
CA MET A 162 -4.55 -22.80 -25.36
C MET A 162 -5.91 -22.08 -25.22
N MET A 163 -6.95 -22.84 -24.91
CA MET A 163 -8.28 -22.27 -24.79
C MET A 163 -8.45 -21.45 -23.52
N ILE A 164 -7.83 -21.85 -22.42
CA ILE A 164 -7.85 -21.00 -21.22
C ILE A 164 -7.28 -19.63 -21.53
N LEU A 165 -6.06 -19.62 -22.08
CA LEU A 165 -5.44 -18.36 -22.46
C LEU A 165 -6.30 -17.59 -23.46
N GLY A 166 -6.81 -18.27 -24.49
CA GLY A 166 -7.68 -17.61 -25.46
C GLY A 166 -8.92 -16.92 -24.85
N LEU A 167 -9.58 -17.58 -23.90
CA LEU A 167 -10.76 -17.00 -23.25
C LEU A 167 -10.40 -15.80 -22.41
N VAL A 168 -9.40 -15.99 -21.56
CA VAL A 168 -9.02 -14.97 -20.60
C VAL A 168 -8.49 -13.73 -21.29
N ARG A 169 -7.72 -13.93 -22.37
CA ARG A 169 -7.08 -12.82 -23.08
C ARG A 169 -7.93 -12.28 -24.24
N ASN A 170 -9.08 -12.90 -24.49
CA ASN A 170 -10.05 -12.46 -25.51
C ASN A 170 -9.52 -12.57 -26.95
N TYR A 171 -8.85 -13.69 -27.25
CA TYR A 171 -8.20 -13.94 -28.53
C TYR A 171 -9.15 -13.87 -29.74
N ILE A 172 -10.25 -14.61 -29.68
CA ILE A 172 -11.15 -14.74 -30.83
C ILE A 172 -11.76 -13.42 -31.31
N PRO A 173 -12.38 -12.66 -30.40
CA PRO A 173 -12.84 -11.36 -30.89
C PRO A 173 -11.74 -10.43 -31.39
N SER A 174 -10.56 -10.49 -30.81
CA SER A 174 -9.48 -9.61 -31.24
C SER A 174 -8.99 -9.94 -32.64
N HIS A 175 -8.87 -11.24 -32.93
CA HIS A 175 -8.50 -11.70 -34.26
C HIS A 175 -9.51 -11.27 -35.32
N ASP A 176 -10.79 -11.27 -34.95
CA ASP A 176 -11.87 -10.83 -35.83
C ASP A 176 -11.66 -9.38 -36.28
N TRP A 177 -11.33 -8.49 -35.33
CA TRP A 177 -11.04 -7.09 -35.65
C TRP A 177 -9.87 -6.96 -36.63
N ALA A 178 -8.83 -7.78 -36.45
CA ALA A 178 -7.66 -7.73 -37.34
C ALA A 178 -8.00 -8.18 -38.76
N ARG A 179 -8.78 -9.24 -38.88
CA ARG A 179 -9.20 -9.78 -40.17
C ARG A 179 -10.15 -8.87 -40.94
N LYS A 180 -11.04 -8.19 -40.23
CA LYS A 180 -12.02 -7.33 -40.89
C LYS A 180 -11.49 -5.93 -41.20
N GLY A 181 -10.22 -5.69 -40.90
CA GLY A 181 -9.61 -4.41 -41.20
C GLY A 181 -9.63 -3.36 -40.10
N GLY A 182 -10.00 -3.78 -38.88
CA GLY A 182 -10.07 -2.85 -37.77
C GLY A 182 -8.75 -2.75 -37.00
N TRP A 183 -8.80 -2.05 -35.89
CA TRP A 183 -7.68 -1.99 -34.95
C TRP A 183 -8.27 -2.14 -33.57
N ASN A 184 -8.98 -1.07 -33.16
CA ASN A 184 -9.98 -1.20 -32.11
C ASN A 184 -9.48 -1.77 -30.80
N ILE A 185 -8.39 -1.20 -30.31
CA ILE A 185 -7.74 -1.73 -29.11
C ILE A 185 -8.71 -1.83 -27.91
N ALA A 186 -9.46 -0.76 -27.65
CA ALA A 186 -10.31 -0.72 -26.46
C ALA A 186 -11.40 -1.77 -26.54
N ASP A 187 -11.90 -2.04 -27.75
CA ASP A 187 -12.93 -3.06 -27.91
C ASP A 187 -12.35 -4.45 -27.59
N CYS A 188 -11.09 -4.69 -27.96
CA CYS A 188 -10.43 -5.95 -27.65
C CYS A 188 -10.22 -6.11 -26.14
N VAL A 189 -9.63 -5.10 -25.49
CA VAL A 189 -9.11 -5.30 -24.14
C VAL A 189 -10.09 -4.95 -23.01
N GLU A 190 -11.24 -4.39 -23.35
CA GLU A 190 -12.31 -4.19 -22.37
C GLU A 190 -12.74 -5.53 -21.75
N HIS A 191 -12.55 -6.62 -22.47
CA HIS A 191 -12.78 -7.99 -21.97
C HIS A 191 -11.48 -8.82 -21.73
N SER A 192 -10.32 -8.18 -21.67
CA SER A 192 -9.04 -8.93 -21.66
C SER A 192 -8.25 -8.84 -20.35
N TYR A 193 -7.94 -10.00 -19.76
CA TYR A 193 -7.21 -10.09 -18.49
C TYR A 193 -5.97 -10.97 -18.62
N ASP A 194 -5.02 -10.81 -17.70
CA ASP A 194 -3.89 -11.74 -17.58
C ASP A 194 -4.34 -12.98 -16.79
N LEU A 195 -3.75 -14.13 -17.12
CA LEU A 195 -4.02 -15.34 -16.40
C LEU A 195 -3.29 -15.32 -15.05
N GLU A 196 -2.13 -14.68 -15.01
CA GLU A 196 -1.27 -14.67 -13.83
C GLU A 196 -2.04 -14.30 -12.56
N GLY A 197 -1.91 -15.14 -11.53
CA GLY A 197 -2.55 -14.87 -10.26
C GLY A 197 -3.95 -15.44 -10.12
N MET A 198 -4.55 -15.88 -11.24
CA MET A 198 -5.89 -16.47 -11.17
C MET A 198 -5.88 -17.85 -10.52
N THR A 199 -7.06 -18.30 -10.11
CA THR A 199 -7.22 -19.64 -9.58
C THR A 199 -7.84 -20.54 -10.64
N VAL A 200 -7.21 -21.68 -10.91
CA VAL A 200 -7.74 -22.62 -11.90
C VAL A 200 -8.04 -23.96 -11.23
N GLY A 201 -9.28 -24.43 -11.35
CA GLY A 201 -9.62 -25.74 -10.85
C GLY A 201 -9.78 -26.75 -11.97
N SER A 202 -9.41 -28.00 -11.71
CA SER A 202 -9.72 -29.04 -12.67
C SER A 202 -10.62 -30.11 -12.04
N VAL A 203 -11.71 -30.43 -12.72
CA VAL A 203 -12.49 -31.61 -12.35
C VAL A 203 -11.85 -32.83 -13.00
N ALA A 204 -11.43 -33.81 -12.17
CA ALA A 204 -10.61 -34.95 -12.62
C ALA A 204 -9.14 -34.63 -12.89
N ALA A 205 -8.24 -35.09 -12.02
CA ALA A 205 -6.88 -35.15 -12.53
C ALA A 205 -6.50 -36.57 -12.94
N GLY A 206 -6.85 -36.92 -14.16
CA GLY A 206 -6.45 -38.19 -14.74
C GLY A 206 -5.31 -37.89 -15.66
N ARG A 207 -5.21 -38.63 -16.74
CA ARG A 207 -4.12 -38.43 -17.68
C ARG A 207 -4.19 -37.02 -18.26
N ILE A 208 -5.37 -36.56 -18.66
CA ILE A 208 -5.47 -35.19 -19.18
C ILE A 208 -5.33 -34.16 -18.07
N GLY A 209 -6.08 -34.34 -16.99
CA GLY A 209 -6.11 -33.39 -15.89
C GLY A 209 -4.74 -33.10 -15.28
N LEU A 210 -3.98 -34.16 -15.04
CA LEU A 210 -2.68 -33.96 -14.45
C LEU A 210 -1.73 -33.25 -15.43
N ALA A 211 -1.82 -33.58 -16.70
CA ALA A 211 -1.00 -32.95 -17.73
C ALA A 211 -1.34 -31.46 -17.84
N VAL A 212 -2.62 -31.12 -17.66
CA VAL A 212 -3.02 -29.72 -17.65
C VAL A 212 -2.43 -28.99 -16.44
N LEU A 213 -2.57 -29.59 -15.26
CA LEU A 213 -2.05 -28.99 -14.03
C LEU A 213 -0.54 -28.75 -14.13
N ARG A 214 0.19 -29.70 -14.70
CA ARG A 214 1.63 -29.53 -14.88
C ARG A 214 1.98 -28.38 -15.85
N ARG A 215 1.21 -28.23 -16.92
CA ARG A 215 1.45 -27.17 -17.88
C ARG A 215 1.03 -25.79 -17.32
N LEU A 216 0.08 -25.76 -16.40
CA LEU A 216 -0.36 -24.48 -15.82
C LEU A 216 0.53 -23.99 -14.70
N ALA A 217 1.29 -24.89 -14.10
CA ALA A 217 2.09 -24.49 -12.93
C ALA A 217 2.99 -23.26 -13.17
N PRO A 218 3.76 -23.21 -14.29
CA PRO A 218 4.64 -22.05 -14.52
C PRO A 218 3.94 -20.72 -14.84
N PHE A 219 2.64 -20.73 -15.06
CA PHE A 219 1.91 -19.49 -15.31
C PHE A 219 1.59 -18.76 -14.02
N ASP A 220 2.01 -19.33 -12.90
CA ASP A 220 1.84 -18.73 -11.59
C ASP A 220 0.36 -18.48 -11.27
N VAL A 221 -0.44 -19.52 -11.47
CA VAL A 221 -1.82 -19.51 -11.00
C VAL A 221 -1.92 -20.37 -9.75
N LYS A 222 -3.05 -20.31 -9.05
CA LYS A 222 -3.32 -21.22 -7.92
C LYS A 222 -4.04 -22.41 -8.50
N LEU A 223 -3.62 -23.62 -8.17
CA LEU A 223 -4.19 -24.82 -8.77
C LEU A 223 -5.05 -25.63 -7.80
N HIS A 224 -6.30 -25.85 -8.18
CA HIS A 224 -7.23 -26.65 -7.38
C HIS A 224 -7.69 -27.88 -8.18
N TYR A 225 -8.06 -28.95 -7.50
CA TYR A 225 -8.61 -30.08 -8.24
C TYR A 225 -9.47 -30.94 -7.36
N THR A 226 -10.28 -31.76 -8.02
CA THR A 226 -11.06 -32.83 -7.39
C THR A 226 -10.96 -34.03 -8.34
N ASP A 227 -11.24 -35.21 -7.83
CA ASP A 227 -11.21 -36.47 -8.58
C ASP A 227 -11.81 -37.56 -7.68
N ARG A 228 -12.25 -38.63 -8.31
CA ARG A 228 -12.70 -39.84 -7.65
C ARG A 228 -11.54 -40.41 -6.81
N HIS A 229 -10.33 -40.30 -7.32
CA HIS A 229 -9.13 -40.78 -6.64
C HIS A 229 -8.17 -39.64 -6.39
N ARG A 230 -7.74 -39.49 -5.15
CA ARG A 230 -6.84 -38.40 -4.84
C ARG A 230 -5.43 -38.70 -5.36
N LEU A 231 -4.72 -37.68 -5.83
CA LEU A 231 -3.32 -37.86 -6.23
C LEU A 231 -2.42 -38.13 -5.01
N PRO A 232 -1.27 -38.78 -5.23
CA PRO A 232 -0.28 -38.96 -4.15
C PRO A 232 0.14 -37.64 -3.53
N GLU A 233 0.46 -37.66 -2.23
CA GLU A 233 0.84 -36.42 -1.54
C GLU A 233 2.05 -35.74 -2.18
N ALA A 234 2.99 -36.54 -2.70
CA ALA A 234 4.17 -35.96 -3.33
C ALA A 234 3.78 -35.13 -4.55
N VAL A 235 2.82 -35.61 -5.33
CA VAL A 235 2.38 -34.85 -6.51
C VAL A 235 1.65 -33.56 -6.13
N GLU A 236 0.77 -33.62 -5.14
CA GLU A 236 0.09 -32.43 -4.64
C GLU A 236 1.11 -31.41 -4.14
N LYS A 237 2.16 -31.90 -3.49
CA LYS A 237 3.15 -31.01 -2.90
C LYS A 237 3.99 -30.28 -3.94
N GLU A 238 4.51 -31.03 -4.91
CA GLU A 238 5.29 -30.46 -6.01
C GLU A 238 4.54 -29.38 -6.81
N LEU A 239 3.23 -29.56 -7.03
CA LEU A 239 2.47 -28.62 -7.84
C LEU A 239 1.70 -27.61 -7.02
N GLY A 240 1.79 -27.69 -5.70
CA GLY A 240 1.02 -26.83 -4.84
C GLY A 240 -0.49 -26.98 -5.05
N LEU A 241 -0.94 -28.21 -5.30
CA LEU A 241 -2.36 -28.45 -5.56
C LEU A 241 -3.24 -28.34 -4.32
N VAL A 242 -4.42 -27.74 -4.47
CA VAL A 242 -5.41 -27.72 -3.39
C VAL A 242 -6.54 -28.68 -3.71
N TRP A 243 -6.67 -29.70 -2.87
CA TRP A 243 -7.66 -30.75 -3.04
C TRP A 243 -9.05 -30.35 -2.53
N HIS A 244 -10.08 -30.76 -3.26
CA HIS A 244 -11.46 -30.65 -2.81
C HIS A 244 -12.11 -32.02 -2.96
N ASP A 245 -12.98 -32.40 -2.04
CA ASP A 245 -13.68 -33.68 -2.10
C ASP A 245 -14.76 -33.73 -3.16
N THR A 246 -15.42 -32.61 -3.40
CA THR A 246 -16.46 -32.59 -4.41
C THR A 246 -16.20 -31.44 -5.35
N ARG A 247 -16.72 -31.54 -6.55
CA ARG A 247 -16.53 -30.48 -7.52
C ARG A 247 -17.31 -29.23 -7.12
N GLU A 248 -18.42 -29.40 -6.40
CA GLU A 248 -19.19 -28.23 -5.97
C GLU A 248 -18.48 -27.41 -4.89
N ASP A 249 -17.67 -28.06 -4.05
CA ASP A 249 -16.84 -27.32 -3.09
C ASP A 249 -15.75 -26.53 -3.81
N MET A 250 -15.35 -27.01 -4.98
CA MET A 250 -14.24 -26.37 -5.69
C MET A 250 -14.67 -25.10 -6.45
N TYR A 251 -15.82 -25.15 -7.12
CA TYR A 251 -16.25 -24.03 -8.02
C TYR A 251 -16.16 -22.61 -7.46
N PRO A 252 -16.58 -22.39 -6.19
CA PRO A 252 -16.56 -21.00 -5.76
C PRO A 252 -15.15 -20.39 -5.66
N HIS A 253 -14.10 -21.21 -5.63
CA HIS A 253 -12.74 -20.69 -5.51
C HIS A 253 -12.14 -20.25 -6.83
N CYS A 254 -12.74 -20.69 -7.94
CA CYS A 254 -12.04 -20.70 -9.23
C CYS A 254 -12.39 -19.56 -10.16
N ASP A 255 -11.37 -18.93 -10.73
CA ASP A 255 -11.56 -18.03 -11.86
C ASP A 255 -11.80 -18.82 -13.15
N VAL A 256 -11.17 -19.97 -13.24
CA VAL A 256 -11.28 -20.82 -14.43
C VAL A 256 -11.53 -22.28 -14.01
N VAL A 257 -12.49 -22.94 -14.66
CA VAL A 257 -12.71 -24.35 -14.45
C VAL A 257 -12.54 -25.16 -15.73
N THR A 258 -11.73 -26.21 -15.64
CA THR A 258 -11.50 -27.16 -16.72
C THR A 258 -12.10 -28.51 -16.39
N LEU A 259 -12.83 -29.05 -17.34
CA LEU A 259 -13.51 -30.36 -17.19
C LEU A 259 -12.71 -31.46 -17.90
N ASN A 260 -12.14 -32.35 -17.12
CA ASN A 260 -11.30 -33.45 -17.60
C ASN A 260 -11.78 -34.88 -17.30
N VAL A 261 -13.06 -35.01 -17.04
CA VAL A 261 -13.65 -36.21 -16.50
C VAL A 261 -14.45 -36.91 -17.63
N PRO A 262 -14.52 -38.25 -17.61
CA PRO A 262 -15.33 -38.97 -18.61
C PRO A 262 -16.84 -38.74 -18.41
N LEU A 263 -17.62 -39.02 -19.45
CA LEU A 263 -19.07 -38.92 -19.39
C LEU A 263 -19.70 -40.26 -19.02
N HIS A 264 -20.47 -40.27 -17.93
CA HIS A 264 -21.25 -41.44 -17.50
C HIS A 264 -22.31 -40.89 -16.53
N PRO A 265 -23.24 -41.74 -16.03
CA PRO A 265 -24.34 -41.12 -15.29
C PRO A 265 -23.94 -40.23 -14.12
N GLU A 266 -22.79 -40.46 -13.48
CA GLU A 266 -22.35 -39.54 -12.44
C GLU A 266 -22.00 -38.13 -12.93
N THR A 267 -21.48 -38.01 -14.14
CA THR A 267 -21.05 -36.71 -14.64
C THR A 267 -21.95 -36.01 -15.65
N GLU A 268 -22.97 -36.71 -16.13
CA GLU A 268 -23.84 -36.14 -17.15
C GLU A 268 -24.56 -34.89 -16.66
N HIS A 269 -24.51 -33.82 -17.45
CA HIS A 269 -25.10 -32.52 -17.11
C HIS A 269 -24.70 -32.00 -15.72
N MET A 270 -23.47 -32.29 -15.32
CA MET A 270 -22.98 -31.81 -14.05
C MET A 270 -22.82 -30.28 -14.03
N ILE A 271 -22.73 -29.67 -15.21
CA ILE A 271 -22.76 -28.23 -15.32
C ILE A 271 -24.14 -27.79 -15.79
N ASN A 272 -24.89 -27.17 -14.89
CA ASN A 272 -26.28 -26.83 -15.19
C ASN A 272 -26.68 -25.60 -14.38
N ASP A 273 -27.94 -25.17 -14.51
CA ASP A 273 -28.39 -23.95 -13.85
C ASP A 273 -28.12 -24.01 -12.34
N GLU A 274 -28.32 -25.17 -11.72
CA GLU A 274 -28.10 -25.28 -10.29
C GLU A 274 -26.63 -25.21 -9.91
N THR A 275 -25.75 -25.91 -10.62
CA THR A 275 -24.35 -25.83 -10.23
C THR A 275 -23.71 -24.51 -10.68
N LEU A 276 -24.22 -23.87 -11.73
CA LEU A 276 -23.63 -22.60 -12.21
C LEU A 276 -23.79 -21.45 -11.21
N LYS A 277 -24.78 -21.56 -10.33
CA LYS A 277 -24.95 -20.55 -9.28
C LYS A 277 -23.74 -20.53 -8.32
N LEU A 278 -22.95 -21.60 -8.32
CA LEU A 278 -21.78 -21.72 -7.44
C LEU A 278 -20.52 -21.01 -7.95
N PHE A 279 -20.52 -20.57 -9.21
CA PHE A 279 -19.33 -19.95 -9.83
C PHE A 279 -19.22 -18.48 -9.50
N LYS A 280 -17.99 -17.99 -9.34
CA LYS A 280 -17.70 -16.55 -9.25
C LYS A 280 -18.21 -15.82 -10.49
N ARG A 281 -18.57 -14.54 -10.34
CA ARG A 281 -18.93 -13.73 -11.50
C ARG A 281 -17.78 -13.59 -12.50
N GLY A 282 -18.07 -13.79 -13.78
CA GLY A 282 -17.04 -13.66 -14.79
C GLY A 282 -16.12 -14.86 -14.83
N ALA A 283 -16.58 -16.00 -14.33
CA ALA A 283 -15.80 -17.25 -14.41
C ALA A 283 -15.64 -17.74 -15.85
N TYR A 284 -14.61 -18.56 -16.12
CA TYR A 284 -14.43 -19.17 -17.43
C TYR A 284 -14.55 -20.69 -17.32
N ILE A 285 -15.16 -21.34 -18.30
CA ILE A 285 -15.16 -22.79 -18.33
C ILE A 285 -14.54 -23.27 -19.65
N VAL A 286 -13.59 -24.17 -19.53
CA VAL A 286 -13.04 -24.86 -20.68
C VAL A 286 -13.40 -26.33 -20.56
N ASN A 287 -14.05 -26.84 -21.60
CA ASN A 287 -14.50 -28.22 -21.57
C ASN A 287 -14.05 -28.94 -22.83
N THR A 288 -13.00 -29.71 -22.70
CA THR A 288 -12.51 -30.56 -23.77
C THR A 288 -12.88 -32.02 -23.54
N ALA A 289 -13.68 -32.29 -22.49
CA ALA A 289 -13.96 -33.67 -22.14
C ALA A 289 -15.13 -34.24 -22.93
N ARG A 290 -16.35 -33.87 -22.55
CA ARG A 290 -17.52 -34.29 -23.29
C ARG A 290 -18.58 -33.20 -23.26
N GLY A 291 -19.21 -32.98 -24.42
CA GLY A 291 -20.23 -31.95 -24.55
C GLY A 291 -21.34 -32.10 -23.54
N LYS A 292 -21.73 -33.35 -23.26
CA LYS A 292 -22.91 -33.60 -22.44
C LYS A 292 -22.66 -33.42 -20.94
N LEU A 293 -21.42 -33.11 -20.55
CA LEU A 293 -21.13 -32.71 -19.17
C LEU A 293 -21.87 -31.42 -18.82
N ALA A 294 -22.19 -30.64 -19.85
CA ALA A 294 -22.84 -29.34 -19.64
C ALA A 294 -24.20 -29.25 -20.33
N ASP A 295 -25.21 -28.83 -19.57
CA ASP A 295 -26.51 -28.51 -20.11
C ASP A 295 -26.28 -27.36 -21.09
N ARG A 296 -26.59 -27.57 -22.37
CA ARG A 296 -26.19 -26.59 -23.39
C ARG A 296 -26.88 -25.24 -23.25
N ASP A 297 -28.16 -25.24 -22.87
CA ASP A 297 -28.91 -23.99 -22.74
C ASP A 297 -28.55 -23.25 -21.43
N ALA A 298 -28.17 -24.02 -20.41
CA ALA A 298 -27.70 -23.45 -19.14
C ALA A 298 -26.42 -22.66 -19.38
N ILE A 299 -25.54 -23.18 -20.25
CA ILE A 299 -24.31 -22.48 -20.62
C ILE A 299 -24.64 -21.16 -21.31
N VAL A 300 -25.56 -21.20 -22.27
CA VAL A 300 -25.96 -20.01 -23.00
C VAL A 300 -26.53 -18.97 -22.05
N ARG A 301 -27.37 -19.39 -21.12
CA ARG A 301 -27.98 -18.44 -20.19
C ARG A 301 -26.94 -17.78 -19.30
N ALA A 302 -25.95 -18.54 -18.85
CA ALA A 302 -24.91 -18.00 -17.97
C ALA A 302 -23.96 -17.04 -18.71
N ILE A 303 -23.72 -17.29 -19.99
CA ILE A 303 -22.94 -16.36 -20.82
C ILE A 303 -23.74 -15.06 -21.02
N GLU A 304 -25.02 -15.17 -21.34
CA GLU A 304 -25.83 -13.98 -21.55
C GLU A 304 -26.00 -13.17 -20.26
N SER A 305 -25.97 -13.83 -19.11
CA SER A 305 -26.15 -13.13 -17.83
C SER A 305 -24.84 -12.57 -17.25
N GLY A 306 -23.69 -12.97 -17.80
CA GLY A 306 -22.44 -12.51 -17.26
C GLY A 306 -21.93 -13.36 -16.10
N GLN A 307 -22.67 -14.40 -15.73
CA GLN A 307 -22.19 -15.37 -14.74
C GLN A 307 -20.90 -16.02 -15.26
N LEU A 308 -20.85 -16.30 -16.57
CA LEU A 308 -19.65 -16.75 -17.25
C LEU A 308 -19.13 -15.63 -18.16
N ALA A 309 -17.82 -15.38 -18.09
CA ALA A 309 -17.16 -14.45 -19.01
C ALA A 309 -16.67 -15.18 -20.29
N GLY A 310 -16.78 -16.51 -20.31
CA GLY A 310 -16.43 -17.26 -21.49
C GLY A 310 -16.60 -18.76 -21.32
N TYR A 311 -16.80 -19.42 -22.46
CA TYR A 311 -16.91 -20.87 -22.52
C TYR A 311 -16.15 -21.31 -23.75
N ALA A 312 -15.31 -22.33 -23.60
CA ALA A 312 -14.61 -22.86 -24.75
C ALA A 312 -14.47 -24.36 -24.65
N GLY A 313 -14.45 -25.02 -25.80
CA GLY A 313 -14.14 -26.43 -25.87
C GLY A 313 -14.25 -26.94 -27.28
N ASP A 314 -13.83 -28.19 -27.47
CA ASP A 314 -13.97 -28.78 -28.78
C ASP A 314 -15.04 -29.86 -28.83
N VAL A 315 -15.74 -30.11 -27.73
CA VAL A 315 -16.68 -31.23 -27.66
C VAL A 315 -18.12 -30.76 -27.54
N TRP A 316 -19.00 -31.44 -28.24
CA TRP A 316 -20.39 -31.02 -28.35
C TRP A 316 -21.26 -32.23 -28.11
N PHE A 317 -22.55 -32.01 -27.86
CA PHE A 317 -23.45 -33.13 -27.93
C PHE A 317 -24.71 -32.69 -28.64
N PRO A 318 -25.19 -33.51 -29.59
CA PRO A 318 -24.51 -34.70 -30.12
C PRO A 318 -23.41 -34.34 -31.12
N GLN A 319 -22.70 -35.33 -31.69
CA GLN A 319 -21.71 -34.99 -32.72
C GLN A 319 -21.98 -35.76 -34.03
N PRO A 320 -21.93 -35.07 -35.19
CA PRO A 320 -21.67 -33.62 -35.34
C PRO A 320 -22.77 -32.75 -34.77
N ALA A 321 -22.42 -31.56 -34.34
CA ALA A 321 -23.38 -30.62 -33.80
C ALA A 321 -24.28 -30.10 -34.89
N PRO A 322 -25.60 -30.03 -34.64
CA PRO A 322 -26.52 -29.41 -35.58
C PRO A 322 -26.10 -27.98 -35.93
N LYS A 323 -26.43 -27.56 -37.14
CA LYS A 323 -26.04 -26.24 -37.62
C LYS A 323 -26.62 -25.12 -36.75
N ASP A 324 -27.76 -25.38 -36.11
CA ASP A 324 -28.38 -24.37 -35.25
C ASP A 324 -27.99 -24.52 -33.76
N HIS A 325 -27.03 -25.38 -33.47
CA HIS A 325 -26.56 -25.57 -32.10
C HIS A 325 -26.18 -24.22 -31.47
N PRO A 326 -26.78 -23.88 -30.33
CA PRO A 326 -26.59 -22.54 -29.75
C PRO A 326 -25.14 -22.17 -29.41
N TRP A 327 -24.25 -23.13 -29.17
CA TRP A 327 -22.85 -22.80 -28.86
C TRP A 327 -22.15 -22.24 -30.11
N ARG A 328 -22.70 -22.48 -31.29
CA ARG A 328 -22.09 -21.95 -32.50
C ARG A 328 -22.16 -20.41 -32.54
N THR A 329 -23.26 -19.83 -32.10
CA THR A 329 -23.45 -18.37 -32.20
C THR A 329 -23.29 -17.52 -30.91
N MET A 330 -23.06 -18.15 -29.76
CA MET A 330 -23.03 -17.37 -28.50
C MET A 330 -21.80 -16.45 -28.42
N LYS A 331 -21.92 -15.36 -27.67
CA LYS A 331 -20.77 -14.46 -27.49
C LYS A 331 -19.80 -15.05 -26.47
N TRP A 332 -18.55 -14.62 -26.54
CA TRP A 332 -17.53 -15.07 -25.59
C TRP A 332 -17.33 -16.59 -25.62
N GLU A 333 -17.32 -17.17 -26.82
CA GLU A 333 -17.02 -18.58 -26.98
C GLU A 333 -15.71 -18.76 -27.72
N GLY A 334 -15.01 -19.83 -27.37
CA GLY A 334 -13.80 -20.28 -28.02
C GLY A 334 -13.94 -21.63 -28.72
N MET A 335 -15.14 -21.97 -29.20
CA MET A 335 -15.41 -23.29 -29.76
C MET A 335 -14.62 -23.69 -31.04
N THR A 336 -14.29 -24.97 -31.11
CA THR A 336 -13.84 -25.62 -32.34
C THR A 336 -14.68 -26.88 -32.48
N PRO A 337 -14.73 -27.46 -33.69
CA PRO A 337 -15.29 -28.81 -33.79
C PRO A 337 -14.40 -29.79 -33.04
N HIS A 338 -14.74 -31.06 -32.97
CA HIS A 338 -13.98 -31.92 -32.08
C HIS A 338 -12.71 -32.40 -32.79
N ILE A 339 -11.65 -31.65 -32.60
CA ILE A 339 -10.38 -31.93 -33.25
C ILE A 339 -9.17 -32.21 -32.37
N SER A 340 -9.27 -31.94 -31.07
CA SER A 340 -8.03 -31.90 -30.25
C SER A 340 -7.35 -33.26 -30.14
N GLY A 341 -8.16 -34.30 -30.03
CA GLY A 341 -7.60 -35.64 -29.88
C GLY A 341 -7.25 -36.24 -31.23
N THR A 342 -7.54 -35.52 -32.31
CA THR A 342 -7.20 -36.05 -33.64
C THR A 342 -6.13 -35.25 -34.46
N SER A 343 -5.23 -34.54 -33.78
CA SER A 343 -4.08 -33.97 -34.50
C SER A 343 -3.30 -35.08 -35.23
N LEU A 344 -2.49 -34.71 -36.23
CA LEU A 344 -1.74 -35.73 -36.98
C LEU A 344 -0.82 -36.52 -36.05
N SER A 345 -0.29 -35.88 -35.01
CA SER A 345 0.58 -36.56 -34.05
C SER A 345 -0.22 -37.63 -33.28
N ALA A 346 -1.42 -37.26 -32.86
CA ALA A 346 -2.25 -38.17 -32.08
C ALA A 346 -2.74 -39.35 -32.94
N GLN A 347 -3.07 -39.07 -34.18
CA GLN A 347 -3.59 -40.13 -35.07
C GLN A 347 -2.60 -41.27 -35.25
N ALA A 348 -1.31 -40.92 -35.33
CA ALA A 348 -0.29 -41.93 -35.52
C ALA A 348 -0.32 -42.92 -34.37
N ARG A 349 -0.49 -42.42 -33.14
CA ARG A 349 -0.54 -43.28 -31.95
C ARG A 349 -1.87 -44.08 -31.86
N TYR A 350 -3.04 -43.48 -32.07
CA TYR A 350 -4.25 -44.30 -31.90
C TYR A 350 -4.49 -45.22 -33.09
N ALA A 351 -3.91 -44.92 -34.25
CA ALA A 351 -4.00 -45.89 -35.33
C ALA A 351 -3.17 -47.14 -34.99
N ALA A 352 -1.97 -46.92 -34.45
CA ALA A 352 -1.12 -48.01 -34.04
C ALA A 352 -1.80 -48.78 -32.90
N GLY A 353 -2.45 -48.05 -31.99
CA GLY A 353 -3.13 -48.70 -30.87
C GLY A 353 -4.33 -49.54 -31.30
N THR A 354 -5.09 -49.03 -32.27
CA THR A 354 -6.22 -49.75 -32.84
C THR A 354 -5.74 -51.07 -33.45
N ARG A 355 -4.67 -50.99 -34.23
CA ARG A 355 -4.10 -52.18 -34.83
C ARG A 355 -3.64 -53.16 -33.74
N GLU A 356 -3.00 -52.66 -32.69
CA GLU A 356 -2.56 -53.53 -31.59
C GLU A 356 -3.73 -54.30 -30.96
N ILE A 357 -4.83 -53.61 -30.70
CA ILE A 357 -6.00 -54.23 -30.08
C ILE A 357 -6.61 -55.28 -31.01
N LEU A 358 -6.71 -54.95 -32.30
CA LEU A 358 -7.26 -55.91 -33.27
C LEU A 358 -6.44 -57.17 -33.36
N GLU A 359 -5.11 -57.02 -33.47
CA GLU A 359 -4.19 -58.14 -33.50
C GLU A 359 -4.39 -59.02 -32.27
N CYS A 360 -4.44 -58.44 -31.07
CA CYS A 360 -4.67 -59.21 -29.86
C CYS A 360 -5.99 -59.97 -29.93
N PHE A 361 -7.04 -59.27 -30.33
CA PHE A 361 -8.37 -59.84 -30.39
C PHE A 361 -8.42 -61.02 -31.34
N PHE A 362 -7.79 -60.89 -32.50
CA PHE A 362 -7.83 -61.96 -33.48
C PHE A 362 -6.84 -63.10 -33.22
N GLU A 363 -5.84 -62.86 -32.36
CA GLU A 363 -4.88 -63.91 -32.01
C GLU A 363 -5.30 -64.60 -30.73
N GLY A 364 -6.40 -64.13 -30.14
CA GLY A 364 -6.84 -64.68 -28.87
C GLY A 364 -5.94 -64.33 -27.69
N ARG A 365 -5.14 -63.26 -27.79
CA ARG A 365 -4.39 -62.77 -26.64
C ARG A 365 -5.19 -61.70 -25.88
N PRO A 366 -4.99 -61.59 -24.56
CA PRO A 366 -5.77 -60.57 -23.84
C PRO A 366 -5.38 -59.15 -24.26
N ILE A 367 -6.38 -58.32 -24.41
CA ILE A 367 -6.17 -56.90 -24.66
C ILE A 367 -5.54 -56.28 -23.42
N ARG A 368 -4.57 -55.38 -23.59
CA ARG A 368 -3.95 -54.69 -22.45
C ARG A 368 -5.01 -54.16 -21.49
N ASP A 369 -4.80 -54.41 -20.20
CA ASP A 369 -5.74 -53.98 -19.19
C ASP A 369 -6.04 -52.47 -19.27
N GLU A 370 -5.01 -51.66 -19.54
CA GLU A 370 -5.22 -50.21 -19.59
C GLU A 370 -6.13 -49.78 -20.75
N TYR A 371 -6.24 -50.62 -21.77
CA TYR A 371 -7.13 -50.38 -22.91
C TYR A 371 -8.60 -50.77 -22.66
N LEU A 372 -8.85 -51.62 -21.66
CA LEU A 372 -10.19 -52.17 -21.45
C LEU A 372 -11.12 -51.20 -20.74
N ILE A 373 -12.36 -51.17 -21.23
CA ILE A 373 -13.43 -50.44 -20.58
C ILE A 373 -14.41 -51.49 -19.98
N VAL A 374 -14.89 -52.38 -20.85
CA VAL A 374 -15.78 -53.47 -20.49
C VAL A 374 -15.22 -54.78 -21.03
N GLN A 375 -15.12 -55.79 -20.19
CA GLN A 375 -14.69 -57.09 -20.68
C GLN A 375 -15.31 -58.17 -19.79
N GLY A 376 -15.75 -59.27 -20.38
CA GLY A 376 -16.30 -60.39 -19.61
C GLY A 376 -17.44 -59.97 -18.71
N GLY A 377 -18.37 -59.18 -19.23
CA GLY A 377 -19.59 -58.86 -18.49
C GLY A 377 -19.52 -57.85 -17.37
N ALA A 378 -18.46 -57.05 -17.30
CA ALA A 378 -18.33 -56.02 -16.27
C ALA A 378 -17.37 -54.91 -16.68
N LEU A 379 -17.46 -53.77 -16.00
CA LEU A 379 -16.39 -52.77 -16.09
C LEU A 379 -15.08 -53.45 -15.73
N ALA A 380 -14.05 -53.19 -16.50
CA ALA A 380 -12.75 -53.80 -16.27
C ALA A 380 -11.66 -52.78 -16.58
N GLY A 381 -10.47 -52.99 -16.05
CA GLY A 381 -9.33 -52.14 -16.38
C GLY A 381 -9.62 -50.67 -16.18
N THR A 382 -9.37 -49.87 -17.20
CA THR A 382 -9.56 -48.43 -17.12
C THR A 382 -11.03 -48.11 -16.87
N GLY A 383 -11.90 -48.95 -17.40
CA GLY A 383 -13.33 -48.82 -17.19
C GLY A 383 -13.72 -48.86 -15.71
N ALA A 384 -13.18 -49.84 -14.98
CA ALA A 384 -13.45 -49.94 -13.53
C ALA A 384 -12.93 -48.73 -12.78
N HIS A 385 -11.77 -48.24 -13.19
CA HIS A 385 -11.14 -47.12 -12.53
C HIS A 385 -11.90 -45.82 -12.78
N SER A 386 -12.20 -45.57 -14.05
CA SER A 386 -12.69 -44.26 -14.48
C SER A 386 -14.17 -44.11 -14.81
N TYR A 387 -14.92 -45.21 -14.87
CA TYR A 387 -16.32 -45.10 -15.31
C TYR A 387 -17.29 -45.62 -14.23
N SER A 388 -18.57 -45.44 -14.50
CA SER A 388 -19.64 -46.06 -13.75
C SER A 388 -20.57 -46.62 -14.79
N LYS A 389 -21.30 -47.68 -14.43
CA LYS A 389 -22.18 -48.34 -15.38
C LYS A 389 -23.36 -47.43 -15.73
N GLY A 390 -23.86 -47.56 -16.94
CA GLY A 390 -24.99 -46.77 -17.37
C GLY A 390 -24.94 -46.53 -18.86
N ASN A 391 -25.90 -45.74 -19.34
CA ASN A 391 -26.07 -45.44 -20.74
C ASN A 391 -26.05 -43.93 -20.98
N ALA A 392 -25.04 -43.44 -21.69
CA ALA A 392 -24.91 -42.00 -21.94
C ALA A 392 -25.36 -41.56 -23.35
N THR A 393 -25.86 -42.50 -24.16
CA THR A 393 -26.11 -42.22 -25.58
C THR A 393 -27.48 -41.62 -25.84
N GLY A 394 -28.26 -41.37 -24.79
CA GLY A 394 -29.57 -40.75 -24.93
C GLY A 394 -29.51 -39.42 -25.65
N GLY A 395 -30.31 -39.26 -26.69
CA GLY A 395 -30.36 -38.01 -27.45
C GLY A 395 -29.37 -37.93 -28.60
N SER A 396 -28.62 -38.99 -28.85
CA SER A 396 -27.56 -38.92 -29.87
C SER A 396 -28.14 -38.88 -31.29
N GLU A 397 -29.42 -39.21 -31.44
CA GLU A 397 -30.03 -39.26 -32.78
C GLU A 397 -30.20 -37.88 -33.42
N GLU A 398 -30.09 -36.82 -32.62
CA GLU A 398 -30.11 -35.45 -33.10
C GLU A 398 -28.90 -35.16 -34.01
N ALA A 399 -27.88 -36.01 -33.94
CA ALA A 399 -26.70 -35.89 -34.81
C ALA A 399 -27.09 -36.01 -36.30
N ALA A 400 -28.11 -36.81 -36.57
CA ALA A 400 -28.55 -37.07 -37.95
C ALA A 400 -29.08 -35.81 -38.64
N LYS A 401 -29.41 -34.79 -37.84
CA LYS A 401 -29.83 -33.48 -38.35
C LYS A 401 -28.78 -32.79 -39.24
N PHE A 402 -27.51 -32.86 -38.83
CA PHE A 402 -26.41 -32.12 -39.46
C PHE A 402 -26.35 -32.27 -40.99
N MET B 3 14.36 29.06 -18.35
CA MET B 3 13.44 27.93 -18.44
C MET B 3 12.20 28.21 -17.62
N GLY B 4 11.42 27.18 -17.31
CA GLY B 4 10.22 27.42 -16.56
C GLY B 4 9.86 26.29 -15.63
N SER B 5 8.88 26.54 -14.77
CA SER B 5 8.46 25.57 -13.77
C SER B 5 7.16 24.84 -14.09
N MET B 6 6.49 25.23 -15.18
CA MET B 6 5.18 24.68 -15.52
C MET B 6 5.29 24.03 -16.88
N ALA B 7 4.76 22.83 -17.01
CA ALA B 7 4.99 22.04 -18.21
C ALA B 7 3.70 21.77 -18.97
N LYS B 8 3.83 21.61 -20.28
CA LYS B 8 2.76 21.08 -21.09
C LYS B 8 2.98 19.59 -21.29
N ILE B 9 2.05 18.78 -20.81
CA ILE B 9 2.14 17.33 -20.97
C ILE B 9 1.18 16.88 -22.06
N LEU B 10 1.73 16.29 -23.10
CA LEU B 10 0.93 15.85 -24.23
C LEU B 10 0.85 14.32 -24.24
N CYS B 11 -0.38 13.82 -24.12
CA CYS B 11 -0.62 12.41 -23.95
C CYS B 11 -1.52 11.84 -25.05
N VAL B 12 -0.97 10.88 -25.81
CA VAL B 12 -1.70 10.24 -26.91
C VAL B 12 -2.19 8.86 -26.48
N LEU B 13 -3.50 8.66 -26.57
CA LEU B 13 -4.12 7.42 -26.12
C LEU B 13 -5.05 6.89 -27.19
N TYR B 14 -5.40 5.61 -27.15
CA TYR B 14 -6.33 5.09 -28.16
C TYR B 14 -7.79 5.43 -27.82
N ASP B 15 -8.66 5.34 -28.83
CA ASP B 15 -10.08 5.64 -28.69
C ASP B 15 -10.78 4.75 -27.67
N ASP B 16 -11.84 5.30 -27.08
CA ASP B 16 -12.76 4.51 -26.27
C ASP B 16 -13.41 3.41 -27.13
N PRO B 17 -14.01 2.37 -26.51
CA PRO B 17 -14.71 1.41 -27.34
C PRO B 17 -15.79 2.07 -28.18
N VAL B 18 -16.09 1.48 -29.34
CA VAL B 18 -17.04 2.06 -30.28
C VAL B 18 -18.41 2.28 -29.64
N ASP B 19 -18.73 1.42 -28.68
CA ASP B 19 -20.00 1.49 -27.96
C ASP B 19 -19.93 2.39 -26.72
N GLY B 20 -18.79 3.03 -26.50
CA GLY B 20 -18.63 3.94 -25.38
C GLY B 20 -17.73 3.45 -24.25
N TYR B 21 -17.33 4.37 -23.37
CA TYR B 21 -16.50 4.02 -22.22
C TYR B 21 -17.32 3.12 -21.31
N PRO B 22 -16.75 1.97 -20.91
CA PRO B 22 -17.55 0.98 -20.19
C PRO B 22 -18.00 1.44 -18.81
N LYS B 23 -19.25 1.11 -18.46
CA LYS B 23 -19.72 1.39 -17.11
C LYS B 23 -19.63 0.15 -16.22
N THR B 24 -19.40 -1.00 -16.83
CA THR B 24 -19.17 -2.23 -16.08
C THR B 24 -18.11 -3.12 -16.72
N TYR B 25 -17.61 -4.05 -15.92
CA TYR B 25 -16.58 -4.99 -16.37
C TYR B 25 -16.97 -6.45 -16.06
N ALA B 26 -16.28 -7.39 -16.69
CA ALA B 26 -16.63 -8.82 -16.57
C ALA B 26 -16.49 -9.38 -15.16
N ARG B 27 -15.62 -8.79 -14.36
CA ARG B 27 -15.29 -9.36 -13.05
C ARG B 27 -15.13 -8.28 -11.98
N ASP B 28 -15.16 -8.70 -10.73
CA ASP B 28 -15.18 -7.76 -9.62
C ASP B 28 -13.79 -7.20 -9.29
N ASP B 29 -12.77 -8.05 -9.31
CA ASP B 29 -11.41 -7.65 -8.95
C ASP B 29 -10.35 -8.27 -9.87
N LEU B 30 -9.15 -7.68 -9.81
CA LEU B 30 -7.97 -8.26 -10.42
C LEU B 30 -7.22 -9.12 -9.42
N PRO B 31 -6.56 -10.19 -9.88
CA PRO B 31 -5.63 -10.93 -9.02
C PRO B 31 -4.53 -10.05 -8.40
N LYS B 32 -4.10 -10.35 -7.19
CA LYS B 32 -3.02 -9.59 -6.54
C LYS B 32 -1.65 -10.12 -6.98
N ILE B 33 -0.81 -9.22 -7.49
CA ILE B 33 0.55 -9.55 -7.88
C ILE B 33 1.54 -8.85 -6.95
N ASP B 34 2.42 -9.59 -6.31
CA ASP B 34 3.28 -8.97 -5.30
C ASP B 34 4.53 -8.32 -5.87
N HIS B 35 5.23 -9.04 -6.75
CA HIS B 35 6.36 -8.44 -7.45
C HIS B 35 6.65 -9.19 -8.76
N TYR B 36 7.64 -8.70 -9.49
CA TYR B 36 8.05 -9.33 -10.74
C TYR B 36 9.08 -10.44 -10.50
N PRO B 37 9.12 -11.44 -11.39
CA PRO B 37 10.14 -12.48 -11.31
C PRO B 37 11.53 -11.89 -11.42
N GLY B 38 12.43 -12.25 -10.50
CA GLY B 38 13.76 -11.67 -10.54
C GLY B 38 13.92 -10.50 -9.59
N GLY B 39 12.82 -10.03 -9.01
CA GLY B 39 12.89 -9.11 -7.89
C GLY B 39 12.52 -7.63 -8.08
N GLN B 40 12.51 -7.13 -9.32
CA GLN B 40 12.07 -5.75 -9.54
C GLN B 40 10.71 -5.53 -8.90
N THR B 41 10.58 -4.44 -8.15
CA THR B 41 9.34 -4.13 -7.47
C THR B 41 8.32 -3.55 -8.43
N LEU B 42 7.05 -3.68 -8.08
CA LEU B 42 5.98 -3.06 -8.85
C LEU B 42 6.12 -1.53 -8.77
N PRO B 43 5.44 -0.80 -9.67
CA PRO B 43 5.56 0.67 -9.59
C PRO B 43 5.19 1.24 -8.20
N THR B 44 5.89 2.29 -7.80
CA THR B 44 5.63 2.90 -6.50
C THR B 44 5.27 4.37 -6.63
N PRO B 45 4.15 4.69 -7.29
CA PRO B 45 3.80 6.11 -7.24
C PRO B 45 3.32 6.50 -5.84
N LYS B 46 3.38 7.77 -5.52
CA LYS B 46 2.95 8.26 -4.21
C LYS B 46 1.47 8.00 -3.98
N ALA B 47 0.69 8.17 -5.03
CA ALA B 47 -0.73 7.85 -4.98
C ALA B 47 -1.20 7.49 -6.38
N ILE B 48 -2.36 6.83 -6.47
CA ILE B 48 -3.03 6.60 -7.75
C ILE B 48 -4.48 7.06 -7.66
N ASP B 49 -4.97 7.63 -8.76
CA ASP B 49 -6.32 8.15 -8.87
C ASP B 49 -7.29 7.29 -9.70
N PHE B 50 -6.95 6.03 -9.91
CA PHE B 50 -7.82 5.11 -10.64
C PHE B 50 -8.05 3.84 -9.84
N THR B 51 -9.04 3.05 -10.26
CA THR B 51 -9.24 1.72 -9.70
C THR B 51 -8.70 0.64 -10.63
N PRO B 52 -7.82 -0.23 -10.11
CA PRO B 52 -7.28 -1.33 -10.92
C PRO B 52 -8.39 -2.19 -11.54
N GLY B 53 -8.32 -2.43 -12.85
CA GLY B 53 -9.33 -3.17 -13.58
C GLY B 53 -10.14 -2.31 -14.52
N GLN B 54 -10.07 -1.00 -14.31
CA GLN B 54 -10.70 -0.02 -15.19
C GLN B 54 -9.86 0.17 -16.43
N LEU B 55 -10.50 0.63 -17.51
CA LEU B 55 -9.82 0.91 -18.76
C LEU B 55 -9.09 2.24 -18.64
N LEU B 56 -7.76 2.20 -18.58
CA LEU B 56 -6.99 3.44 -18.37
C LEU B 56 -6.32 4.01 -19.62
N GLY B 57 -6.20 3.17 -20.65
CA GLY B 57 -5.36 3.48 -21.79
C GLY B 57 -6.07 4.15 -22.92
N SER B 58 -7.38 4.36 -22.78
CA SER B 58 -8.12 5.05 -23.80
C SER B 58 -8.28 6.51 -23.41
N VAL B 59 -8.85 7.33 -24.29
CA VAL B 59 -8.89 8.79 -24.08
C VAL B 59 -9.64 9.20 -22.81
N SER B 60 -10.73 8.51 -22.46
CA SER B 60 -11.48 8.81 -21.24
C SER B 60 -10.78 8.33 -19.99
N GLY B 61 -9.89 7.35 -20.12
CA GLY B 61 -9.15 6.87 -18.97
C GLY B 61 -8.02 7.81 -18.56
N GLU B 62 -7.36 8.40 -19.56
CA GLU B 62 -6.29 9.36 -19.35
C GLU B 62 -5.12 8.86 -18.47
N LEU B 63 -4.96 7.54 -18.36
CA LEU B 63 -3.96 6.93 -17.47
C LEU B 63 -4.10 7.42 -16.01
N GLY B 64 -5.27 7.94 -15.65
CA GLY B 64 -5.52 8.50 -14.33
C GLY B 64 -4.62 9.67 -13.93
N LEU B 65 -4.11 10.42 -14.90
CA LEU B 65 -3.12 11.45 -14.59
C LEU B 65 -3.62 12.89 -14.43
N ARG B 66 -4.84 13.19 -14.86
CA ARG B 66 -5.25 14.59 -15.02
C ARG B 66 -5.26 15.39 -13.73
N LYS B 67 -5.90 14.83 -12.71
CA LYS B 67 -6.03 15.52 -11.44
C LYS B 67 -4.64 15.79 -10.84
N TYR B 68 -3.75 14.82 -10.86
CA TYR B 68 -2.38 15.03 -10.34
C TYR B 68 -1.61 16.12 -11.09
N LEU B 69 -1.72 16.12 -12.42
CA LEU B 69 -0.94 17.05 -13.24
C LEU B 69 -1.46 18.47 -13.09
N GLU B 70 -2.78 18.62 -13.15
CA GLU B 70 -3.36 19.95 -13.06
C GLU B 70 -3.20 20.54 -11.66
N ALA B 71 -3.20 19.69 -10.64
CA ALA B 71 -3.04 20.14 -9.26
C ALA B 71 -1.66 20.74 -9.01
N ASN B 72 -0.70 20.34 -9.82
CA ASN B 72 0.66 20.85 -9.74
C ASN B 72 0.90 22.00 -10.73
N GLY B 73 -0.19 22.45 -11.36
CA GLY B 73 -0.17 23.61 -12.23
C GLY B 73 0.26 23.37 -13.66
N HIS B 74 0.41 22.10 -14.03
CA HIS B 74 0.74 21.74 -15.41
C HIS B 74 -0.49 21.69 -16.32
N THR B 75 -0.27 21.86 -17.62
CA THR B 75 -1.32 21.63 -18.61
C THR B 75 -1.24 20.20 -19.14
N PHE B 76 -2.38 19.53 -19.21
CA PHE B 76 -2.48 18.13 -19.62
C PHE B 76 -3.38 18.02 -20.84
N VAL B 77 -2.80 17.68 -21.99
CA VAL B 77 -3.58 17.54 -23.21
C VAL B 77 -3.67 16.08 -23.63
N VAL B 78 -4.88 15.58 -23.81
CA VAL B 78 -5.11 14.19 -24.22
C VAL B 78 -5.78 14.15 -25.58
N THR B 79 -5.27 13.32 -26.47
CA THR B 79 -5.88 13.18 -27.79
C THR B 79 -5.63 11.78 -28.34
N SER B 80 -6.50 11.31 -29.24
CA SER B 80 -6.15 10.11 -29.99
C SER B 80 -5.67 10.44 -31.42
N ASP B 81 -5.71 11.71 -31.79
CA ASP B 81 -5.46 12.08 -33.18
C ASP B 81 -3.96 12.31 -33.39
N LYS B 82 -3.29 11.28 -33.89
CA LYS B 82 -1.83 11.23 -33.93
C LYS B 82 -1.15 11.23 -35.28
N ASP B 83 -1.89 10.98 -36.36
CA ASP B 83 -1.21 10.68 -37.62
C ASP B 83 -1.32 11.86 -38.57
N GLY B 84 -0.17 12.27 -39.09
CA GLY B 84 -0.12 13.32 -40.09
C GLY B 84 0.31 14.64 -39.51
N PRO B 85 0.72 15.59 -40.38
CA PRO B 85 1.13 16.95 -40.05
C PRO B 85 -0.06 17.78 -39.57
N ASP B 86 -1.25 17.29 -39.90
CA ASP B 86 -2.51 17.95 -39.61
C ASP B 86 -3.13 17.62 -38.26
N SER B 87 -2.58 16.61 -37.60
CA SER B 87 -3.15 16.09 -36.36
C SER B 87 -3.11 17.05 -35.16
N VAL B 88 -4.02 16.86 -34.23
CA VAL B 88 -3.97 17.58 -32.97
C VAL B 88 -2.62 17.33 -32.31
N PHE B 89 -2.12 16.10 -32.41
CA PHE B 89 -0.84 15.76 -31.81
C PHE B 89 0.30 16.66 -32.31
N GLU B 90 0.39 16.85 -33.62
CA GLU B 90 1.55 17.53 -34.18
C GLU B 90 1.49 19.03 -33.91
N LYS B 91 0.28 19.54 -33.78
CA LYS B 91 0.08 20.93 -33.42
C LYS B 91 0.46 21.20 -31.98
N GLU B 92 0.05 20.32 -31.08
CA GLU B 92 0.33 20.48 -29.66
C GLU B 92 1.78 20.17 -29.35
N LEU B 93 2.43 19.46 -30.26
CA LEU B 93 3.78 18.94 -30.04
C LEU B 93 4.85 20.04 -29.96
N VAL B 94 4.62 21.13 -30.66
CA VAL B 94 5.62 22.20 -30.77
C VAL B 94 6.10 22.74 -29.42
N ASP B 95 5.17 22.97 -28.51
CA ASP B 95 5.53 23.46 -27.18
C ASP B 95 5.44 22.43 -26.04
N ALA B 96 5.20 21.16 -26.35
CA ALA B 96 5.12 20.16 -25.28
C ALA B 96 6.49 19.94 -24.59
N ASP B 97 6.50 19.92 -23.27
CA ASP B 97 7.67 19.51 -22.48
C ASP B 97 7.76 17.99 -22.34
N VAL B 98 6.61 17.34 -22.25
CA VAL B 98 6.53 15.89 -22.05
C VAL B 98 5.55 15.29 -23.05
N VAL B 99 5.96 14.22 -23.73
CA VAL B 99 5.04 13.45 -24.57
C VAL B 99 4.89 12.05 -23.99
N ILE B 100 3.63 11.62 -23.83
CA ILE B 100 3.32 10.26 -23.39
C ILE B 100 2.52 9.54 -24.48
N SER B 101 2.96 8.37 -24.93
CA SER B 101 2.08 7.52 -25.72
C SER B 101 2.31 6.05 -25.40
N GLN B 102 1.42 5.20 -25.91
CA GLN B 102 1.53 3.76 -25.72
C GLN B 102 1.95 3.12 -27.04
N PRO B 103 2.69 2.00 -26.96
CA PRO B 103 3.09 1.34 -28.21
C PRO B 103 1.90 0.84 -29.03
N PHE B 104 0.74 0.63 -28.41
CA PHE B 104 -0.46 0.10 -29.06
C PHE B 104 -1.11 1.12 -29.98
N TRP B 105 -0.86 2.38 -29.70
CA TRP B 105 -1.38 3.49 -30.49
C TRP B 105 -0.29 4.56 -30.50
N PRO B 106 0.83 4.28 -31.18
CA PRO B 106 2.05 5.05 -30.93
C PRO B 106 2.10 6.42 -31.58
N ALA B 107 2.52 7.42 -30.82
CA ALA B 107 2.77 8.71 -31.42
C ALA B 107 4.24 8.69 -31.78
N TYR B 108 4.52 8.54 -33.07
CA TYR B 108 5.88 8.36 -33.54
C TYR B 108 6.67 9.64 -33.40
N LEU B 109 7.80 9.58 -32.70
CA LEU B 109 8.65 10.74 -32.66
C LEU B 109 9.80 10.49 -33.62
N THR B 110 9.58 10.95 -34.85
CA THR B 110 10.54 10.88 -35.93
C THR B 110 11.58 11.98 -35.74
N PRO B 111 12.71 11.91 -36.48
CA PRO B 111 13.65 13.04 -36.42
C PRO B 111 12.97 14.38 -36.72
N GLU B 112 12.15 14.43 -37.77
CA GLU B 112 11.47 15.67 -38.11
C GLU B 112 10.58 16.18 -36.96
N ARG B 113 9.80 15.29 -36.32
CA ARG B 113 8.88 15.72 -35.27
C ARG B 113 9.62 16.18 -34.02
N ILE B 114 10.74 15.52 -33.73
CA ILE B 114 11.55 15.90 -32.60
C ILE B 114 12.17 17.29 -32.83
N ALA B 115 12.60 17.58 -34.06
CA ALA B 115 13.14 18.91 -34.39
C ALA B 115 12.09 20.00 -34.18
N LYS B 116 10.83 19.69 -34.52
CA LYS B 116 9.71 20.60 -34.25
C LYS B 116 9.38 20.72 -32.77
N ALA B 117 9.74 19.74 -31.96
CA ALA B 117 9.33 19.85 -30.58
C ALA B 117 10.44 20.62 -29.89
N LYS B 118 10.21 21.93 -29.75
CA LYS B 118 11.22 22.85 -29.28
C LYS B 118 11.49 22.66 -27.80
N ASN B 119 10.43 22.37 -27.05
CA ASN B 119 10.51 22.27 -25.58
C ASN B 119 10.65 20.84 -25.04
N LEU B 120 10.69 19.84 -25.91
CA LEU B 120 10.58 18.45 -25.45
C LEU B 120 11.70 18.06 -24.51
N LYS B 121 11.38 17.74 -23.27
CA LYS B 121 12.39 17.23 -22.33
C LYS B 121 12.29 15.74 -21.97
N LEU B 122 11.11 15.16 -22.13
CA LEU B 122 10.85 13.78 -21.72
C LEU B 122 9.88 13.08 -22.67
N ALA B 123 10.30 11.96 -23.22
CA ALA B 123 9.43 11.09 -24.01
C ALA B 123 9.17 9.85 -23.18
N LEU B 124 7.92 9.68 -22.76
CA LEU B 124 7.62 8.63 -21.83
C LEU B 124 6.74 7.62 -22.55
N THR B 125 7.17 6.37 -22.53
CA THR B 125 6.40 5.27 -23.07
C THR B 125 5.53 4.65 -21.99
N ALA B 126 4.21 4.71 -22.14
CA ALA B 126 3.38 4.03 -21.16
C ALA B 126 3.23 2.61 -21.68
N GLY B 127 4.13 1.76 -21.21
CA GLY B 127 4.30 0.47 -21.84
C GLY B 127 5.78 0.13 -21.91
N ILE B 128 6.11 -0.81 -22.78
CA ILE B 128 7.47 -1.25 -22.96
C ILE B 128 7.81 -1.14 -24.45
N GLY B 129 9.00 -0.60 -24.68
CA GLY B 129 9.67 -0.45 -25.97
C GLY B 129 9.47 0.97 -26.48
N SER B 130 10.61 1.57 -26.82
CA SER B 130 10.70 2.97 -27.20
C SER B 130 11.04 3.21 -28.66
N ASP B 131 10.96 2.15 -29.46
CA ASP B 131 11.40 2.21 -30.84
C ASP B 131 10.55 3.14 -31.72
N HIS B 132 9.45 3.65 -31.17
CA HIS B 132 8.64 4.62 -31.89
C HIS B 132 9.20 6.05 -31.66
N VAL B 133 10.28 6.13 -30.90
CA VAL B 133 10.99 7.39 -30.65
C VAL B 133 12.34 7.23 -31.32
N ASP B 134 12.78 8.23 -32.07
CA ASP B 134 14.12 8.14 -32.67
C ASP B 134 15.14 8.38 -31.59
N LEU B 135 15.90 7.35 -31.25
CA LEU B 135 16.77 7.44 -30.07
C LEU B 135 17.99 8.29 -30.36
N GLN B 136 18.45 8.30 -31.60
CA GLN B 136 19.65 9.07 -31.89
C GLN B 136 19.35 10.56 -31.72
N SER B 137 18.19 11.02 -32.20
CA SER B 137 17.79 12.42 -32.03
C SER B 137 17.63 12.77 -30.56
N ALA B 138 17.06 11.86 -29.78
CA ALA B 138 16.86 12.09 -28.34
C ALA B 138 18.20 12.24 -27.64
N ILE B 139 19.14 11.36 -27.98
CA ILE B 139 20.48 11.41 -27.41
C ILE B 139 21.11 12.77 -27.75
N ASP B 140 21.01 13.18 -29.01
CA ASP B 140 21.65 14.43 -29.45
C ASP B 140 21.04 15.66 -28.77
N ARG B 141 19.75 15.61 -28.48
CA ARG B 141 19.04 16.72 -27.85
C ARG B 141 19.04 16.74 -26.31
N GLY B 142 19.58 15.71 -25.68
CA GLY B 142 19.55 15.65 -24.22
C GLY B 142 18.15 15.36 -23.68
N ILE B 143 17.32 14.78 -24.54
CA ILE B 143 15.96 14.38 -24.16
C ILE B 143 15.98 13.07 -23.40
N THR B 144 15.26 13.00 -22.29
CA THR B 144 15.13 11.75 -21.57
C THR B 144 14.06 10.87 -22.23
N VAL B 145 14.39 9.59 -22.39
CA VAL B 145 13.42 8.61 -22.86
C VAL B 145 13.28 7.53 -21.80
N ALA B 146 12.05 7.31 -21.34
CA ALA B 146 11.78 6.35 -20.25
C ALA B 146 10.59 5.44 -20.57
N GLU B 147 10.54 4.26 -19.96
CA GLU B 147 9.42 3.37 -20.18
C GLU B 147 9.14 2.59 -18.91
N VAL B 148 7.98 1.96 -18.79
CA VAL B 148 7.70 1.26 -17.54
C VAL B 148 8.07 -0.21 -17.72
N THR B 149 9.32 -0.45 -17.39
CA THR B 149 9.95 -1.74 -17.56
C THR B 149 9.25 -2.80 -16.74
N TYR B 150 9.11 -3.97 -17.35
CA TYR B 150 8.51 -5.18 -16.82
C TYR B 150 6.98 -5.06 -16.59
N CYS B 151 6.34 -3.94 -16.89
CA CYS B 151 4.90 -3.83 -16.59
C CYS B 151 3.99 -4.89 -17.26
N ASN B 152 4.20 -5.14 -18.54
CA ASN B 152 3.42 -6.17 -19.24
C ASN B 152 4.22 -7.39 -19.74
N SER B 153 5.49 -7.53 -19.34
CA SER B 153 6.35 -8.63 -19.83
C SER B 153 5.70 -10.00 -19.62
N ILE B 154 5.10 -10.22 -18.46
CA ILE B 154 4.44 -11.52 -18.22
C ILE B 154 3.18 -11.68 -19.06
N SER B 155 2.44 -10.59 -19.26
CA SER B 155 1.25 -10.65 -20.11
C SER B 155 1.59 -11.11 -21.50
N VAL B 156 2.67 -10.57 -22.03
CA VAL B 156 3.06 -10.87 -23.39
C VAL B 156 3.50 -12.33 -23.47
N ALA B 157 4.22 -12.79 -22.46
CA ALA B 157 4.64 -14.19 -22.40
C ALA B 157 3.46 -15.15 -22.49
N GLU B 158 2.37 -14.85 -21.77
CA GLU B 158 1.14 -15.66 -21.89
C GLU B 158 0.62 -15.66 -23.30
N HIS B 159 0.57 -14.48 -23.89
CA HIS B 159 0.11 -14.27 -25.28
C HIS B 159 0.96 -15.08 -26.26
N VAL B 160 2.27 -15.11 -26.07
CA VAL B 160 3.16 -15.88 -26.94
C VAL B 160 2.82 -17.36 -26.88
N VAL B 161 2.73 -17.91 -25.67
CA VAL B 161 2.45 -19.34 -25.57
C VAL B 161 1.09 -19.65 -26.21
N MET B 162 0.09 -18.80 -25.97
CA MET B 162 -1.23 -18.96 -26.57
C MET B 162 -1.15 -19.03 -28.11
N MET B 163 -0.35 -18.15 -28.71
CA MET B 163 -0.25 -18.07 -30.18
C MET B 163 0.57 -19.21 -30.74
N ILE B 164 1.59 -19.63 -30.01
CA ILE B 164 2.33 -20.81 -30.40
C ILE B 164 1.41 -22.00 -30.51
N LEU B 165 0.66 -22.27 -29.43
CA LEU B 165 -0.30 -23.39 -29.46
C LEU B 165 -1.31 -23.21 -30.57
N GLY B 166 -1.84 -21.99 -30.70
CA GLY B 166 -2.81 -21.68 -31.74
C GLY B 166 -2.34 -21.98 -33.16
N LEU B 167 -1.09 -21.63 -33.46
CA LEU B 167 -0.51 -21.92 -34.79
C LEU B 167 -0.32 -23.42 -35.02
N VAL B 168 0.33 -24.09 -34.08
CA VAL B 168 0.67 -25.49 -34.22
C VAL B 168 -0.60 -26.36 -34.28
N ARG B 169 -1.60 -26.03 -33.46
CA ARG B 169 -2.82 -26.84 -33.43
C ARG B 169 -3.89 -26.35 -34.43
N ASN B 170 -3.62 -25.26 -35.17
CA ASN B 170 -4.54 -24.74 -36.19
C ASN B 170 -5.89 -24.24 -35.63
N TYR B 171 -5.81 -23.49 -34.53
CA TYR B 171 -6.96 -22.96 -33.80
C TYR B 171 -7.89 -22.06 -34.63
N ILE B 172 -7.33 -21.03 -35.26
CA ILE B 172 -8.18 -20.03 -35.93
C ILE B 172 -9.02 -20.61 -37.07
N PRO B 173 -8.41 -21.35 -38.01
CA PRO B 173 -9.27 -21.97 -39.02
C PRO B 173 -10.31 -22.96 -38.46
N SER B 174 -9.99 -23.66 -37.40
CA SER B 174 -10.94 -24.60 -36.83
C SER B 174 -12.15 -23.85 -36.22
N HIS B 175 -11.89 -22.75 -35.53
CA HIS B 175 -12.95 -21.93 -34.97
C HIS B 175 -13.90 -21.36 -36.05
N ASP B 176 -13.35 -20.99 -37.22
CA ASP B 176 -14.15 -20.53 -38.37
C ASP B 176 -15.15 -21.60 -38.80
N TRP B 177 -14.70 -22.84 -38.92
CA TRP B 177 -15.61 -23.94 -39.28
C TRP B 177 -16.76 -24.07 -38.26
N ALA B 178 -16.46 -23.97 -36.98
CA ALA B 178 -17.48 -24.09 -35.94
C ALA B 178 -18.45 -22.93 -36.04
N ARG B 179 -17.91 -21.76 -36.32
CA ARG B 179 -18.71 -20.53 -36.40
C ARG B 179 -19.66 -20.54 -37.59
N LYS B 180 -19.19 -21.08 -38.72
CA LYS B 180 -19.97 -21.11 -39.96
C LYS B 180 -20.95 -22.24 -40.12
N GLY B 181 -21.07 -23.10 -39.12
CA GLY B 181 -21.99 -24.21 -39.20
C GLY B 181 -21.38 -25.49 -39.75
N GLY B 182 -20.06 -25.57 -39.86
CA GLY B 182 -19.43 -26.78 -40.34
C GLY B 182 -19.04 -27.77 -39.24
N TRP B 183 -18.32 -28.81 -39.63
CA TRP B 183 -17.73 -29.74 -38.67
C TRP B 183 -16.32 -29.99 -39.19
N ASN B 184 -16.24 -30.69 -40.31
CA ASN B 184 -15.06 -30.62 -41.19
C ASN B 184 -13.77 -30.99 -40.47
N ILE B 185 -13.81 -32.12 -39.79
CA ILE B 185 -12.69 -32.52 -38.98
C ILE B 185 -11.41 -32.56 -39.81
N ALA B 186 -11.46 -33.21 -40.98
CA ALA B 186 -10.23 -33.44 -41.74
C ALA B 186 -9.62 -32.14 -42.20
N ASP B 187 -10.46 -31.15 -42.51
CA ASP B 187 -10.01 -29.84 -42.97
C ASP B 187 -9.25 -29.12 -41.85
N CYS B 188 -9.71 -29.30 -40.62
CA CYS B 188 -9.04 -28.77 -39.44
C CYS B 188 -7.69 -29.44 -39.17
N VAL B 189 -7.64 -30.76 -39.12
CA VAL B 189 -6.46 -31.43 -38.58
C VAL B 189 -5.42 -31.80 -39.64
N GLU B 190 -5.79 -31.58 -40.90
CA GLU B 190 -4.87 -31.72 -42.01
C GLU B 190 -3.61 -30.85 -41.79
N HIS B 191 -3.80 -29.74 -41.10
CA HIS B 191 -2.72 -28.79 -40.71
C HIS B 191 -2.41 -28.77 -39.20
N SER B 192 -2.82 -29.77 -38.43
CA SER B 192 -2.73 -29.69 -36.98
C SER B 192 -1.74 -30.70 -36.32
N TYR B 193 -0.83 -30.20 -35.49
CA TYR B 193 0.18 -31.03 -34.82
C TYR B 193 0.15 -30.80 -33.30
N ASP B 194 0.75 -31.73 -32.54
CA ASP B 194 1.01 -31.49 -31.12
C ASP B 194 2.30 -30.69 -30.96
N LEU B 195 2.38 -29.88 -29.91
CA LEU B 195 3.60 -29.14 -29.58
C LEU B 195 4.67 -30.06 -28.96
N GLU B 196 4.21 -31.10 -28.25
CA GLU B 196 5.07 -32.02 -27.50
C GLU B 196 6.23 -32.55 -28.36
N GLY B 197 7.47 -32.39 -27.90
CA GLY B 197 8.61 -32.93 -28.63
C GLY B 197 9.21 -31.97 -29.66
N MET B 198 8.50 -30.89 -29.99
CA MET B 198 9.04 -29.91 -30.93
C MET B 198 10.18 -29.11 -30.30
N THR B 199 10.95 -28.46 -31.15
CA THR B 199 11.99 -27.57 -30.67
C THR B 199 11.52 -26.12 -30.81
N VAL B 200 11.61 -25.36 -29.73
CA VAL B 200 11.24 -23.94 -29.76
C VAL B 200 12.44 -23.06 -29.44
N GLY B 201 12.77 -22.12 -30.33
CA GLY B 201 13.81 -21.15 -30.03
C GLY B 201 13.28 -19.76 -29.68
N SER B 202 13.99 -19.09 -28.80
CA SER B 202 13.68 -17.70 -28.52
C SER B 202 14.87 -16.82 -28.87
N VAL B 203 14.61 -15.78 -29.65
CA VAL B 203 15.58 -14.74 -29.85
C VAL B 203 15.42 -13.76 -28.69
N ALA B 204 16.46 -13.58 -27.87
CA ALA B 204 16.37 -12.83 -26.61
C ALA B 204 15.65 -13.56 -25.49
N ALA B 205 16.40 -14.00 -24.48
CA ALA B 205 15.71 -14.24 -23.23
C ALA B 205 15.92 -13.08 -22.25
N GLY B 206 15.05 -12.08 -22.38
CA GLY B 206 14.99 -10.95 -21.49
C GLY B 206 13.83 -11.21 -20.57
N ARG B 207 13.12 -10.17 -20.14
CA ARG B 207 12.00 -10.38 -19.24
C ARG B 207 10.89 -11.21 -19.92
N ILE B 208 10.52 -10.90 -21.15
CA ILE B 208 9.51 -11.72 -21.83
C ILE B 208 10.10 -13.07 -22.23
N GLY B 209 11.25 -13.07 -22.88
CA GLY B 209 11.81 -14.31 -23.40
C GLY B 209 11.97 -15.41 -22.36
N LEU B 210 12.53 -15.04 -21.20
CA LEU B 210 12.72 -16.00 -20.14
C LEU B 210 11.36 -16.50 -19.56
N ALA B 211 10.40 -15.60 -19.45
CA ALA B 211 9.07 -16.00 -18.97
C ALA B 211 8.43 -16.97 -19.97
N VAL B 212 8.68 -16.77 -21.25
CA VAL B 212 8.18 -17.71 -22.27
C VAL B 212 8.84 -19.08 -22.13
N LEU B 213 10.16 -19.10 -21.99
CA LEU B 213 10.88 -20.36 -21.81
C LEU B 213 10.39 -21.11 -20.56
N ARG B 214 10.14 -20.40 -19.45
CA ARG B 214 9.61 -21.03 -18.25
C ARG B 214 8.23 -21.64 -18.45
N ARG B 215 7.37 -20.94 -19.20
CA ARG B 215 6.01 -21.45 -19.45
C ARG B 215 6.01 -22.62 -20.44
N LEU B 216 7.01 -22.70 -21.33
CA LEU B 216 7.09 -23.79 -22.31
C LEU B 216 7.68 -25.07 -21.74
N ALA B 217 8.45 -24.96 -20.69
CA ALA B 217 9.17 -26.13 -20.14
C ALA B 217 8.29 -27.37 -19.84
N PRO B 218 7.16 -27.21 -19.14
CA PRO B 218 6.34 -28.40 -18.86
C PRO B 218 5.63 -28.97 -20.11
N PHE B 219 5.69 -28.29 -21.25
CA PHE B 219 5.10 -28.82 -22.48
C PHE B 219 6.01 -29.87 -23.17
N ASP B 220 7.16 -30.14 -22.56
CA ASP B 220 8.11 -31.15 -23.04
C ASP B 220 8.57 -30.85 -24.47
N VAL B 221 8.98 -29.61 -24.68
CA VAL B 221 9.65 -29.24 -25.90
C VAL B 221 11.14 -29.09 -25.59
N LYS B 222 11.97 -28.99 -26.63
CA LYS B 222 13.38 -28.69 -26.46
C LYS B 222 13.55 -27.19 -26.60
N LEU B 223 14.25 -26.58 -25.67
CA LEU B 223 14.33 -25.13 -25.59
C LEU B 223 15.69 -24.58 -25.98
N HIS B 224 15.68 -23.70 -26.98
CA HIS B 224 16.87 -23.04 -27.51
C HIS B 224 16.75 -21.52 -27.37
N TYR B 225 17.87 -20.83 -27.22
CA TYR B 225 17.80 -19.38 -27.18
C TYR B 225 19.11 -18.75 -27.56
N THR B 226 19.04 -17.47 -27.90
CA THR B 226 20.20 -16.65 -28.06
C THR B 226 19.88 -15.29 -27.43
N ASP B 227 20.92 -14.55 -27.07
CA ASP B 227 20.73 -13.23 -26.49
C ASP B 227 22.05 -12.48 -26.56
N ARG B 228 21.98 -11.16 -26.50
CA ARG B 228 23.14 -10.30 -26.35
C ARG B 228 23.85 -10.66 -25.04
N HIS B 229 23.06 -11.02 -24.03
CA HIS B 229 23.62 -11.41 -22.75
C HIS B 229 23.22 -12.82 -22.33
N ARG B 230 24.22 -13.67 -22.10
CA ARG B 230 23.92 -15.07 -21.79
C ARG B 230 23.36 -15.18 -20.37
N LEU B 231 22.39 -16.07 -20.19
CA LEU B 231 21.82 -16.34 -18.88
C LEU B 231 22.85 -17.10 -18.05
N PRO B 232 22.76 -16.97 -16.71
CA PRO B 232 23.56 -17.76 -15.78
C PRO B 232 23.37 -19.26 -15.97
N GLU B 233 24.42 -20.05 -15.72
CA GLU B 233 24.35 -21.50 -15.93
C GLU B 233 23.25 -22.16 -15.11
N ALA B 234 23.00 -21.63 -13.91
CA ALA B 234 21.98 -22.21 -13.07
C ALA B 234 20.63 -22.17 -13.77
N VAL B 235 20.31 -21.04 -14.41
CA VAL B 235 19.05 -20.91 -15.13
C VAL B 235 19.02 -21.82 -16.36
N GLU B 236 20.12 -21.85 -17.12
CA GLU B 236 20.21 -22.75 -18.27
C GLU B 236 20.04 -24.21 -17.87
N LYS B 237 20.60 -24.64 -16.74
CA LYS B 237 20.48 -26.06 -16.34
C LYS B 237 19.05 -26.38 -15.89
N GLU B 238 18.48 -25.51 -15.09
CA GLU B 238 17.11 -25.67 -14.62
C GLU B 238 16.13 -25.89 -15.78
N LEU B 239 16.29 -25.11 -16.85
CA LEU B 239 15.32 -25.17 -17.93
C LEU B 239 15.76 -26.04 -19.10
N GLY B 240 16.95 -26.60 -19.02
CA GLY B 240 17.51 -27.37 -20.13
C GLY B 240 17.69 -26.51 -21.39
N LEU B 241 18.10 -25.26 -21.22
CA LEU B 241 18.29 -24.37 -22.35
C LEU B 241 19.51 -24.73 -23.19
N VAL B 242 19.36 -24.63 -24.50
CA VAL B 242 20.49 -24.80 -25.41
C VAL B 242 20.87 -23.42 -25.97
N TRP B 243 22.08 -23.00 -25.65
CA TRP B 243 22.59 -21.69 -26.03
C TRP B 243 23.07 -21.69 -27.46
N HIS B 244 22.80 -20.60 -28.17
CA HIS B 244 23.37 -20.36 -29.48
C HIS B 244 24.03 -18.99 -29.50
N ASP B 245 25.18 -18.92 -30.16
CA ASP B 245 25.95 -17.68 -30.22
C ASP B 245 25.27 -16.64 -31.10
N THR B 246 24.62 -17.10 -32.17
CA THR B 246 23.88 -16.22 -33.07
C THR B 246 22.46 -16.74 -33.40
N ARG B 247 21.56 -15.84 -33.80
CA ARG B 247 20.21 -16.26 -34.11
C ARG B 247 20.20 -17.08 -35.38
N GLU B 248 21.13 -16.80 -36.30
CA GLU B 248 21.14 -17.57 -37.53
C GLU B 248 21.61 -19.02 -37.31
N ASP B 249 22.46 -19.27 -36.31
CA ASP B 249 22.83 -20.64 -35.95
C ASP B 249 21.64 -21.36 -35.34
N MET B 250 20.77 -20.60 -34.71
CA MET B 250 19.64 -21.20 -34.02
C MET B 250 18.51 -21.61 -34.95
N TYR B 251 18.13 -20.79 -35.93
CA TYR B 251 16.94 -21.05 -36.75
C TYR B 251 16.78 -22.48 -37.33
N PRO B 252 17.85 -23.09 -37.90
CA PRO B 252 17.64 -24.43 -38.47
C PRO B 252 17.29 -25.51 -37.44
N HIS B 253 17.55 -25.23 -36.17
CA HIS B 253 17.20 -26.20 -35.09
C HIS B 253 15.71 -26.15 -34.70
N CYS B 254 15.00 -25.10 -35.10
CA CYS B 254 13.71 -24.80 -34.47
C CYS B 254 12.47 -25.14 -35.30
N ASP B 255 11.51 -25.79 -34.66
CA ASP B 255 10.17 -25.91 -35.24
C ASP B 255 9.41 -24.62 -35.08
N VAL B 256 9.65 -23.97 -33.97
CA VAL B 256 8.94 -22.73 -33.64
C VAL B 256 9.98 -21.70 -33.24
N VAL B 257 9.89 -20.51 -33.80
CA VAL B 257 10.76 -19.42 -33.36
C VAL B 257 9.92 -18.29 -32.83
N THR B 258 10.23 -17.84 -31.63
CA THR B 258 9.53 -16.69 -31.04
C THR B 258 10.51 -15.52 -30.91
N LEU B 259 10.08 -14.33 -31.35
CA LEU B 259 10.92 -13.13 -31.35
C LEU B 259 10.60 -12.26 -30.13
N ASN B 260 11.56 -12.15 -29.23
CA ASN B 260 11.44 -11.39 -27.98
C ASN B 260 12.41 -10.18 -27.80
N VAL B 261 12.93 -9.68 -28.89
CA VAL B 261 14.01 -8.71 -28.83
C VAL B 261 13.49 -7.29 -29.18
N PRO B 262 14.10 -6.23 -28.59
CA PRO B 262 13.67 -4.88 -28.97
C PRO B 262 14.03 -4.53 -30.40
N LEU B 263 13.37 -3.51 -30.94
CA LEU B 263 13.65 -3.03 -32.28
C LEU B 263 14.68 -1.90 -32.26
N HIS B 264 15.79 -2.13 -32.94
CA HIS B 264 16.83 -1.11 -33.14
C HIS B 264 17.65 -1.57 -34.36
N PRO B 265 18.64 -0.77 -34.83
CA PRO B 265 19.25 -1.14 -36.13
C PRO B 265 19.82 -2.56 -36.26
N GLU B 266 20.30 -3.15 -35.16
CA GLU B 266 20.77 -4.52 -35.16
C GLU B 266 19.64 -5.53 -35.45
N THR B 267 18.43 -5.25 -34.97
CA THR B 267 17.34 -6.22 -35.15
C THR B 267 16.33 -5.91 -36.23
N GLU B 268 16.40 -4.72 -36.82
CA GLU B 268 15.43 -4.33 -37.85
C GLU B 268 15.47 -5.23 -39.09
N HIS B 269 14.30 -5.71 -39.51
CA HIS B 269 14.16 -6.66 -40.63
C HIS B 269 15.10 -7.85 -40.53
N MET B 270 15.32 -8.33 -39.29
CA MET B 270 16.15 -9.51 -39.09
C MET B 270 15.50 -10.76 -39.69
N ILE B 271 14.17 -10.72 -39.88
CA ILE B 271 13.46 -11.77 -40.58
C ILE B 271 13.15 -11.27 -41.99
N ASN B 272 13.82 -11.84 -42.97
CA ASN B 272 13.74 -11.34 -44.33
C ASN B 272 13.90 -12.49 -45.31
N ASP B 273 13.85 -12.22 -46.61
CA ASP B 273 13.92 -13.31 -47.59
C ASP B 273 15.15 -14.21 -47.39
N GLU B 274 16.28 -13.61 -47.05
CA GLU B 274 17.51 -14.36 -46.90
C GLU B 274 17.51 -15.19 -45.62
N THR B 275 17.16 -14.59 -44.48
CA THR B 275 17.23 -15.36 -43.24
C THR B 275 16.11 -16.41 -43.16
N LEU B 276 15.01 -16.23 -43.88
CA LEU B 276 13.94 -17.23 -43.87
C LEU B 276 14.38 -18.56 -44.50
N LYS B 277 15.38 -18.50 -45.38
CA LYS B 277 15.96 -19.72 -45.99
C LYS B 277 16.62 -20.63 -44.98
N LEU B 278 16.95 -20.11 -43.80
CA LEU B 278 17.52 -20.91 -42.71
C LEU B 278 16.47 -21.72 -41.96
N PHE B 279 15.19 -21.42 -42.19
CA PHE B 279 14.13 -22.06 -41.41
C PHE B 279 13.78 -23.43 -41.98
N LYS B 280 13.41 -24.37 -41.12
CA LYS B 280 12.88 -25.67 -41.56
C LYS B 280 11.61 -25.48 -42.40
N ARG B 281 11.34 -26.39 -43.34
CA ARG B 281 10.05 -26.36 -44.02
C ARG B 281 8.92 -26.58 -42.99
N GLY B 282 7.90 -25.74 -43.02
CA GLY B 282 6.80 -25.82 -42.06
C GLY B 282 7.10 -25.27 -40.67
N ALA B 283 8.11 -24.41 -40.57
CA ALA B 283 8.39 -23.73 -39.30
C ALA B 283 7.29 -22.73 -38.93
N TYR B 284 7.19 -22.39 -37.65
CA TYR B 284 6.26 -21.38 -37.18
C TYR B 284 7.00 -20.20 -36.61
N ILE B 285 6.49 -18.99 -36.85
CA ILE B 285 7.04 -17.82 -36.20
C ILE B 285 5.96 -17.10 -35.44
N VAL B 286 6.26 -16.82 -34.18
CA VAL B 286 5.43 -15.97 -33.35
C VAL B 286 6.22 -14.72 -33.04
N ASN B 287 5.64 -13.58 -33.36
CA ASN B 287 6.32 -12.32 -33.13
C ASN B 287 5.43 -11.34 -32.37
N THR B 288 5.66 -11.25 -31.06
CA THR B 288 4.99 -10.30 -30.17
C THR B 288 5.92 -9.16 -29.81
N ALA B 289 7.09 -9.09 -30.43
CA ALA B 289 8.03 -8.05 -30.04
C ALA B 289 7.77 -6.76 -30.83
N ARG B 290 8.22 -6.69 -32.07
CA ARG B 290 7.93 -5.52 -32.91
C ARG B 290 7.73 -5.97 -34.35
N GLY B 291 6.74 -5.39 -35.00
CA GLY B 291 6.39 -5.73 -36.38
C GLY B 291 7.56 -5.60 -37.35
N LYS B 292 8.37 -4.57 -37.17
CA LYS B 292 9.42 -4.26 -38.14
C LYS B 292 10.64 -5.16 -37.97
N LEU B 293 10.59 -6.08 -37.00
CA LEU B 293 11.60 -7.15 -36.94
C LEU B 293 11.51 -8.03 -38.18
N ALA B 294 10.33 -8.04 -38.80
CA ALA B 294 10.06 -8.90 -39.95
C ALA B 294 9.74 -8.07 -41.19
N ASP B 295 10.45 -8.34 -42.28
CA ASP B 295 10.08 -7.78 -43.57
C ASP B 295 8.70 -8.31 -43.93
N ARG B 296 7.76 -7.39 -44.12
CA ARG B 296 6.35 -7.71 -44.23
C ARG B 296 6.06 -8.62 -45.42
N ASP B 297 6.65 -8.34 -46.57
CA ASP B 297 6.36 -9.13 -47.76
C ASP B 297 7.12 -10.45 -47.78
N ALA B 298 8.28 -10.49 -47.14
CA ALA B 298 9.01 -11.76 -47.01
C ALA B 298 8.21 -12.80 -46.23
N ILE B 299 7.53 -12.38 -45.17
CA ILE B 299 6.70 -13.31 -44.42
C ILE B 299 5.60 -13.86 -45.32
N VAL B 300 4.97 -12.98 -46.08
CA VAL B 300 3.87 -13.39 -46.94
C VAL B 300 4.33 -14.39 -47.99
N ARG B 301 5.49 -14.14 -48.58
CA ARG B 301 6.04 -15.05 -49.58
C ARG B 301 6.39 -16.41 -48.97
N ALA B 302 6.92 -16.38 -47.75
CA ALA B 302 7.28 -17.63 -47.10
C ALA B 302 6.04 -18.48 -46.73
N ILE B 303 4.94 -17.81 -46.40
CA ILE B 303 3.69 -18.50 -46.12
C ILE B 303 3.15 -19.14 -47.40
N GLU B 304 3.16 -18.38 -48.49
CA GLU B 304 2.63 -18.86 -49.76
C GLU B 304 3.46 -20.00 -50.34
N SER B 305 4.76 -20.03 -50.06
CA SER B 305 5.61 -21.10 -50.61
C SER B 305 5.67 -22.37 -49.75
N GLY B 306 5.16 -22.31 -48.53
CA GLY B 306 5.22 -23.44 -47.61
C GLY B 306 6.46 -23.50 -46.74
N GLN B 307 7.36 -22.54 -46.90
CA GLN B 307 8.51 -22.41 -46.02
C GLN B 307 8.03 -22.18 -44.56
N LEU B 308 6.98 -21.40 -44.37
CA LEU B 308 6.37 -21.23 -43.06
C LEU B 308 5.00 -21.91 -42.99
N ALA B 309 4.75 -22.65 -41.92
CA ALA B 309 3.43 -23.25 -41.68
C ALA B 309 2.53 -22.30 -40.90
N GLY B 310 3.09 -21.20 -40.43
CA GLY B 310 2.26 -20.21 -39.75
C GLY B 310 3.03 -19.03 -39.21
N TYR B 311 2.34 -17.90 -39.10
CA TYR B 311 2.89 -16.68 -38.50
C TYR B 311 1.80 -16.10 -37.61
N ALA B 312 2.16 -15.72 -36.39
CA ALA B 312 1.21 -15.09 -35.48
C ALA B 312 1.93 -14.04 -34.68
N GLY B 313 1.22 -13.01 -34.27
CA GLY B 313 1.77 -12.03 -33.36
C GLY B 313 0.76 -10.90 -33.22
N ASP B 314 1.01 -9.98 -32.31
CA ASP B 314 0.13 -8.82 -32.18
C ASP B 314 0.74 -7.48 -32.67
N VAL B 315 1.97 -7.51 -33.19
CA VAL B 315 2.65 -6.28 -33.56
C VAL B 315 2.81 -6.14 -35.06
N TRP B 316 2.64 -4.90 -35.51
CA TRP B 316 2.63 -4.56 -36.93
C TRP B 316 3.51 -3.34 -37.18
N PHE B 317 3.87 -3.10 -38.43
CA PHE B 317 4.45 -1.80 -38.73
C PHE B 317 3.87 -1.25 -40.03
N PRO B 318 3.48 0.03 -40.02
CA PRO B 318 3.36 0.88 -38.82
C PRO B 318 2.07 0.56 -38.04
N GLN B 319 1.83 1.28 -36.94
CA GLN B 319 0.59 1.05 -36.19
C GLN B 319 -0.19 2.34 -36.05
N PRO B 320 -1.52 2.29 -36.28
CA PRO B 320 -2.32 1.12 -36.72
C PRO B 320 -1.98 0.63 -38.13
N ALA B 321 -2.17 -0.66 -38.35
CA ALA B 321 -1.90 -1.25 -39.66
C ALA B 321 -2.92 -0.76 -40.66
N PRO B 322 -2.47 -0.39 -41.86
CA PRO B 322 -3.41 -0.05 -42.94
C PRO B 322 -4.39 -1.18 -43.19
N LYS B 323 -5.59 -0.81 -43.62
CA LYS B 323 -6.69 -1.75 -43.87
C LYS B 323 -6.29 -2.84 -44.87
N ASP B 324 -5.38 -2.51 -45.79
CA ASP B 324 -4.90 -3.47 -46.79
C ASP B 324 -3.58 -4.16 -46.42
N HIS B 325 -3.12 -3.96 -45.18
CA HIS B 325 -1.89 -4.62 -44.73
C HIS B 325 -2.03 -6.12 -45.00
N PRO B 326 -1.06 -6.71 -45.70
CA PRO B 326 -1.11 -8.11 -46.15
C PRO B 326 -1.19 -9.17 -45.04
N TRP B 327 -0.73 -8.90 -43.83
CA TRP B 327 -0.82 -9.90 -42.78
C TRP B 327 -2.27 -10.09 -42.33
N ARG B 328 -3.13 -9.14 -42.63
CA ARG B 328 -4.54 -9.25 -42.25
C ARG B 328 -5.22 -10.43 -42.97
N THR B 329 -4.88 -10.60 -44.25
CA THR B 329 -5.54 -11.65 -45.05
C THR B 329 -4.76 -12.93 -45.39
N MET B 330 -3.48 -13.04 -45.04
CA MET B 330 -2.71 -14.20 -45.48
C MET B 330 -3.18 -15.51 -44.82
N LYS B 331 -2.91 -16.65 -45.45
CA LYS B 331 -3.31 -17.91 -44.83
C LYS B 331 -2.37 -18.27 -43.70
N TRP B 332 -2.88 -19.09 -42.79
CA TRP B 332 -2.10 -19.56 -41.64
C TRP B 332 -1.60 -18.42 -40.76
N GLU B 333 -2.44 -17.41 -40.52
CA GLU B 333 -2.05 -16.32 -39.64
C GLU B 333 -2.85 -16.38 -38.36
N GLY B 334 -2.23 -16.00 -37.26
CA GLY B 334 -2.86 -15.91 -35.96
C GLY B 334 -2.94 -14.50 -35.43
N MET B 335 -2.99 -13.49 -36.30
CA MET B 335 -2.86 -12.08 -35.91
C MET B 335 -3.96 -11.50 -35.00
N THR B 336 -3.54 -10.61 -34.10
CA THR B 336 -4.46 -9.73 -33.38
C THR B 336 -3.92 -8.33 -33.56
N PRO B 337 -4.74 -7.30 -33.27
CA PRO B 337 -4.18 -5.96 -33.18
C PRO B 337 -3.25 -5.92 -31.97
N HIS B 338 -2.60 -4.78 -31.70
CA HIS B 338 -1.55 -4.82 -30.69
C HIS B 338 -2.26 -4.63 -29.37
N ILE B 339 -2.60 -5.76 -28.75
CA ILE B 339 -3.31 -5.76 -27.50
C ILE B 339 -2.63 -6.45 -26.31
N SER B 340 -1.57 -7.21 -26.56
CA SER B 340 -1.11 -8.11 -25.50
C SER B 340 -0.60 -7.36 -24.30
N GLY B 341 0.07 -6.24 -24.51
CA GLY B 341 0.61 -5.50 -23.38
C GLY B 341 -0.39 -4.53 -22.74
N THR B 342 -1.58 -4.44 -23.30
CA THR B 342 -2.62 -3.54 -22.76
C THR B 342 -3.87 -4.23 -22.18
N SER B 343 -3.75 -5.47 -21.74
CA SER B 343 -4.84 -6.07 -20.97
C SER B 343 -5.13 -5.22 -19.72
N LEU B 344 -6.33 -5.37 -19.16
CA LEU B 344 -6.72 -4.55 -18.01
C LEU B 344 -5.76 -4.75 -16.83
N SER B 345 -5.23 -5.96 -16.70
CA SER B 345 -4.28 -6.27 -15.66
C SER B 345 -3.00 -5.48 -15.85
N ALA B 346 -2.53 -5.40 -17.09
CA ALA B 346 -1.30 -4.68 -17.42
C ALA B 346 -1.45 -3.16 -17.29
N GLN B 347 -2.61 -2.63 -17.70
CA GLN B 347 -2.84 -1.18 -17.68
C GLN B 347 -2.70 -0.58 -16.29
N ALA B 348 -3.19 -1.28 -15.28
CA ALA B 348 -3.10 -0.82 -13.90
C ALA B 348 -1.64 -0.64 -13.53
N ARG B 349 -0.79 -1.54 -14.02
CA ARG B 349 0.64 -1.43 -13.72
C ARG B 349 1.32 -0.29 -14.50
N TYR B 350 1.08 -0.16 -15.80
CA TYR B 350 1.82 0.90 -16.49
C TYR B 350 1.23 2.29 -16.26
N ALA B 351 -0.03 2.37 -15.86
CA ALA B 351 -0.58 3.64 -15.44
C ALA B 351 0.09 4.11 -14.15
N ALA B 352 0.29 3.20 -13.20
CA ALA B 352 1.01 3.53 -11.97
C ALA B 352 2.47 3.88 -12.21
N GLY B 353 3.12 3.14 -13.11
CA GLY B 353 4.52 3.39 -13.40
C GLY B 353 4.71 4.72 -14.10
N THR B 354 3.77 5.05 -14.98
CA THR B 354 3.79 6.32 -15.68
C THR B 354 3.75 7.45 -14.67
N ARG B 355 2.84 7.36 -13.70
CA ARG B 355 2.75 8.37 -12.68
C ARG B 355 4.05 8.45 -11.85
N GLU B 356 4.60 7.28 -11.49
CA GLU B 356 5.84 7.28 -10.73
C GLU B 356 6.96 8.01 -11.49
N ILE B 357 7.07 7.77 -12.79
CA ILE B 357 8.12 8.40 -13.58
C ILE B 357 7.91 9.91 -13.65
N LEU B 358 6.67 10.34 -13.85
CA LEU B 358 6.36 11.77 -13.88
C LEU B 358 6.64 12.45 -12.54
N GLU B 359 6.20 11.85 -11.43
CA GLU B 359 6.47 12.39 -10.08
C GLU B 359 7.97 12.62 -9.89
N CYS B 360 8.77 11.61 -10.18
CA CYS B 360 10.22 11.72 -10.10
C CYS B 360 10.75 12.84 -10.98
N PHE B 361 10.26 12.91 -12.21
CA PHE B 361 10.70 13.91 -13.16
C PHE B 361 10.41 15.36 -12.71
N PHE B 362 9.22 15.62 -12.20
CA PHE B 362 8.85 16.98 -11.82
C PHE B 362 9.40 17.42 -10.46
N GLU B 363 9.84 16.45 -9.66
CA GLU B 363 10.45 16.78 -8.38
C GLU B 363 11.96 16.79 -8.47
N GLY B 364 12.50 16.59 -9.67
CA GLY B 364 13.93 16.58 -9.86
C GLY B 364 14.66 15.41 -9.21
N ARG B 365 13.93 14.34 -8.91
CA ARG B 365 14.52 13.10 -8.42
C ARG B 365 14.88 12.16 -9.60
N PRO B 366 15.88 11.29 -9.39
CA PRO B 366 16.22 10.37 -10.48
C PRO B 366 15.11 9.36 -10.79
N ILE B 367 14.87 9.17 -12.08
CA ILE B 367 13.98 8.11 -12.55
C ILE B 367 14.71 6.79 -12.32
N ARG B 368 14.00 5.74 -11.91
CA ARG B 368 14.60 4.42 -11.73
C ARG B 368 15.44 4.04 -12.92
N ASP B 369 16.65 3.59 -12.66
CA ASP B 369 17.56 3.20 -13.73
C ASP B 369 16.92 2.16 -14.68
N GLU B 370 16.13 1.23 -14.13
CA GLU B 370 15.52 0.20 -14.97
C GLU B 370 14.46 0.80 -15.91
N TYR B 371 13.92 1.97 -15.54
CA TYR B 371 12.96 2.66 -16.41
C TYR B 371 13.64 3.45 -17.54
N LEU B 372 14.93 3.76 -17.39
CA LEU B 372 15.60 4.62 -18.38
C LEU B 372 16.00 3.93 -19.67
N ILE B 373 15.79 4.63 -20.78
CA ILE B 373 16.28 4.21 -22.07
C ILE B 373 17.41 5.15 -22.51
N VAL B 374 17.09 6.44 -22.52
CA VAL B 374 18.05 7.49 -22.83
C VAL B 374 18.00 8.53 -21.71
N GLN B 375 19.17 8.91 -21.19
CA GLN B 375 19.21 9.98 -20.22
C GLN B 375 20.56 10.69 -20.29
N GLY B 376 20.55 12.01 -20.18
CA GLY B 376 21.80 12.78 -20.16
C GLY B 376 22.72 12.54 -21.34
N GLY B 377 22.13 12.50 -22.53
CA GLY B 377 22.91 12.41 -23.75
C GLY B 377 23.48 11.02 -24.06
N ALA B 378 22.98 9.99 -23.39
CA ALA B 378 23.46 8.65 -23.69
C ALA B 378 22.42 7.58 -23.37
N LEU B 379 22.60 6.40 -23.97
CA LEU B 379 21.90 5.21 -23.54
C LEU B 379 22.20 5.01 -22.07
N ALA B 380 21.16 4.71 -21.30
CA ALA B 380 21.33 4.52 -19.88
C ALA B 380 20.40 3.40 -19.42
N GLY B 381 20.70 2.82 -18.26
CA GLY B 381 19.84 1.83 -17.64
C GLY B 381 19.50 0.70 -18.60
N THR B 382 18.21 0.42 -18.74
CA THR B 382 17.74 -0.65 -19.60
C THR B 382 18.15 -0.35 -21.05
N GLY B 383 18.21 0.93 -21.39
CA GLY B 383 18.65 1.32 -22.72
C GLY B 383 20.04 0.84 -23.06
N ALA B 384 20.97 1.04 -22.13
CA ALA B 384 22.35 0.57 -22.31
C ALA B 384 22.41 -0.95 -22.45
N HIS B 385 21.55 -1.63 -21.70
CA HIS B 385 21.50 -3.09 -21.69
C HIS B 385 20.90 -3.67 -22.97
N SER B 386 19.73 -3.16 -23.34
CA SER B 386 18.91 -3.78 -24.38
C SER B 386 18.86 -3.11 -25.75
N TYR B 387 19.42 -1.91 -25.87
CA TYR B 387 19.26 -1.18 -27.13
C TYR B 387 20.62 -0.90 -27.79
N SER B 388 20.58 -0.33 -28.98
CA SER B 388 21.76 0.26 -29.59
C SER B 388 21.30 1.61 -30.14
N LYS B 389 22.21 2.56 -30.30
CA LYS B 389 21.87 3.89 -30.81
C LYS B 389 21.43 3.76 -32.26
N GLY B 390 20.50 4.61 -32.67
CA GLY B 390 20.02 4.60 -34.04
C GLY B 390 18.56 5.05 -34.14
N ASN B 391 18.02 5.00 -35.34
CA ASN B 391 16.66 5.46 -35.61
C ASN B 391 15.81 4.36 -36.27
N ALA B 392 14.78 3.92 -35.56
CA ALA B 392 13.91 2.84 -36.06
C ALA B 392 12.58 3.31 -36.64
N THR B 393 12.37 4.62 -36.70
CA THR B 393 11.05 5.16 -37.07
C THR B 393 10.82 5.32 -38.56
N GLY B 394 11.81 4.98 -39.36
CA GLY B 394 11.67 5.05 -40.81
C GLY B 394 10.47 4.28 -41.34
N GLY B 395 9.62 4.95 -42.11
CA GLY B 395 8.44 4.36 -42.68
C GLY B 395 7.17 4.50 -41.86
N SER B 396 7.22 5.21 -40.74
CA SER B 396 6.05 5.29 -39.84
C SER B 396 4.93 6.19 -40.36
N GLU B 397 5.21 6.98 -41.40
CA GLU B 397 4.26 7.96 -41.92
C GLU B 397 3.06 7.32 -42.61
N GLY C 1 -4.96 -24.94 10.10
CA GLY C 1 -4.88 -23.97 11.17
C GLY C 1 -6.24 -23.36 11.51
N ALA C 2 -7.29 -23.96 10.96
CA ALA C 2 -8.64 -23.43 11.05
C ALA C 2 -9.27 -23.57 12.44
N MET C 3 -9.05 -24.70 13.10
CA MET C 3 -9.63 -24.91 14.43
C MET C 3 -8.60 -25.23 15.51
N GLY C 4 -8.99 -25.01 16.76
CA GLY C 4 -8.21 -25.43 17.92
C GLY C 4 -8.44 -24.48 19.07
N SER C 5 -7.97 -24.89 20.25
CA SER C 5 -8.12 -24.06 21.43
C SER C 5 -6.79 -23.40 21.77
N MET C 6 -5.75 -23.78 21.03
CA MET C 6 -4.40 -23.27 21.28
C MET C 6 -3.84 -22.53 20.08
N ALA C 7 -3.25 -21.37 20.34
CA ALA C 7 -2.84 -20.42 19.33
C ALA C 7 -1.33 -20.17 19.25
N LYS C 8 -0.88 -19.80 18.08
CA LYS C 8 0.44 -19.23 17.96
C LYS C 8 0.22 -17.72 18.04
N ILE C 9 0.77 -17.09 19.08
CA ILE C 9 0.61 -15.66 19.28
C ILE C 9 1.90 -14.92 18.95
N LEU C 10 1.81 -14.02 17.98
CA LEU C 10 2.97 -13.28 17.50
C LEU C 10 2.91 -11.84 18.00
N CYS C 11 3.90 -11.46 18.80
CA CYS C 11 3.84 -10.18 19.51
C CYS C 11 5.03 -9.30 19.13
N VAL C 12 4.74 -8.16 18.52
CA VAL C 12 5.81 -7.25 18.08
C VAL C 12 5.93 -6.09 19.07
N LEU C 13 7.11 -5.94 19.65
CA LEU C 13 7.38 -4.93 20.66
C LEU C 13 8.65 -4.16 20.29
N TYR C 14 8.81 -2.94 20.82
CA TYR C 14 9.99 -2.13 20.47
C TYR C 14 11.21 -2.59 21.25
N ASP C 15 12.38 -2.20 20.76
CA ASP C 15 13.63 -2.60 21.39
C ASP C 15 13.75 -2.14 22.83
N ASP C 16 14.49 -2.91 23.62
CA ASP C 16 14.92 -2.51 24.97
C ASP C 16 15.74 -1.22 24.86
N PRO C 17 15.92 -0.50 25.99
CA PRO C 17 16.82 0.66 25.92
C PRO C 17 18.22 0.27 25.48
N VAL C 18 18.94 1.18 24.82
CA VAL C 18 20.26 0.90 24.27
C VAL C 18 21.22 0.43 25.37
N ASP C 19 21.02 0.91 26.60
CA ASP C 19 21.88 0.56 27.72
C ASP C 19 21.46 -0.74 28.39
N GLY C 20 20.43 -1.38 27.87
CA GLY C 20 19.96 -2.63 28.43
C GLY C 20 18.64 -2.43 29.14
N TYR C 21 17.96 -3.51 29.43
CA TYR C 21 16.68 -3.45 30.14
C TYR C 21 16.92 -2.98 31.56
N PRO C 22 16.14 -1.98 32.02
CA PRO C 22 16.43 -1.35 33.32
C PRO C 22 16.22 -2.31 34.48
N LYS C 23 17.09 -2.23 35.49
CA LYS C 23 16.83 -3.00 36.70
C LYS C 23 16.36 -2.13 37.85
N THR C 24 16.34 -0.81 37.62
CA THR C 24 15.72 0.12 38.54
C THR C 24 14.99 1.23 37.79
N TYR C 25 14.06 1.87 38.48
CA TYR C 25 13.28 2.94 37.88
C TYR C 25 13.39 4.18 38.74
N ALA C 26 13.02 5.33 38.17
CA ALA C 26 13.20 6.60 38.85
C ALA C 26 12.40 6.72 40.16
N ARG C 27 11.30 5.98 40.28
CA ARG C 27 10.41 6.14 41.43
C ARG C 27 9.91 4.79 41.92
N ASP C 28 9.36 4.75 43.13
CA ASP C 28 8.96 3.49 43.77
C ASP C 28 7.60 2.95 43.30
N ASP C 29 6.63 3.84 43.10
CA ASP C 29 5.25 3.43 42.78
C ASP C 29 4.63 4.31 41.70
N LEU C 30 3.54 3.82 41.10
CA LEU C 30 2.68 4.67 40.26
C LEU C 30 1.53 5.23 41.09
N PRO C 31 1.07 6.44 40.75
CA PRO C 31 -0.17 6.97 41.31
C PRO C 31 -1.32 6.03 41.02
N LYS C 32 -2.28 5.96 41.94
CA LYS C 32 -3.45 5.11 41.80
C LYS C 32 -4.57 5.78 41.00
N ILE C 33 -5.09 5.09 39.99
CA ILE C 33 -6.20 5.60 39.18
C ILE C 33 -7.44 4.75 39.41
N ASP C 34 -8.57 5.39 39.66
CA ASP C 34 -9.81 4.68 40.04
C ASP C 34 -10.57 4.18 38.82
N HIS C 35 -10.94 5.12 37.94
CA HIS C 35 -11.58 4.75 36.70
C HIS C 35 -11.33 5.85 35.68
N TYR C 36 -11.88 5.67 34.50
CA TYR C 36 -11.77 6.66 33.44
C TYR C 36 -12.90 7.67 33.54
N PRO C 37 -12.66 8.90 33.06
CA PRO C 37 -13.71 9.92 33.01
C PRO C 37 -14.86 9.44 32.14
N GLY C 38 -16.08 9.51 32.64
CA GLY C 38 -17.20 9.05 31.85
C GLY C 38 -17.64 7.65 32.23
N GLY C 39 -16.85 7.00 33.09
CA GLY C 39 -17.31 5.77 33.71
C GLY C 39 -16.75 4.41 33.27
N GLN C 40 -16.17 4.31 32.07
CA GLN C 40 -15.56 3.05 31.65
C GLN C 40 -14.58 2.59 32.74
N THR C 41 -14.66 1.31 33.10
CA THR C 41 -13.79 0.77 34.14
C THR C 41 -12.40 0.48 33.58
N LEU C 42 -11.40 0.46 34.46
CA LEU C 42 -10.05 0.07 34.08
C LEU C 42 -10.06 -1.40 33.64
N PRO C 43 -9.02 -1.86 32.93
CA PRO C 43 -9.01 -3.26 32.51
C PRO C 43 -9.20 -4.25 33.67
N THR C 44 -9.89 -5.35 33.40
CA THR C 44 -10.17 -6.35 34.43
C THR C 44 -9.67 -7.74 34.05
N PRO C 45 -8.35 -7.91 33.93
CA PRO C 45 -7.89 -9.27 33.71
C PRO C 45 -8.03 -10.07 35.01
N LYS C 46 -8.09 -11.40 34.93
CA LYS C 46 -8.22 -12.20 36.16
C LYS C 46 -6.99 -12.00 37.06
N ALA C 47 -5.83 -11.87 36.43
CA ALA C 47 -4.61 -11.62 37.18
C ALA C 47 -3.63 -10.88 36.29
N ILE C 48 -2.60 -10.30 36.89
CA ILE C 48 -1.47 -9.80 36.12
C ILE C 48 -0.14 -10.33 36.64
N ASP C 49 0.78 -10.57 35.73
CA ASP C 49 2.09 -11.13 36.03
C ASP C 49 3.21 -10.07 36.05
N PHE C 50 2.83 -8.80 36.20
CA PHE C 50 3.83 -7.73 36.30
C PHE C 50 3.54 -6.79 37.47
N THR C 51 4.53 -5.98 37.84
CA THR C 51 4.27 -4.93 38.81
C THR C 51 4.18 -3.59 38.04
N PRO C 52 3.08 -2.85 38.25
CA PRO C 52 2.86 -1.56 37.60
C PRO C 52 4.03 -0.60 37.81
N GLY C 53 4.51 0.02 36.73
CA GLY C 53 5.67 0.89 36.77
C GLY C 53 6.87 0.31 36.05
N GLN C 54 6.81 -0.98 35.75
CA GLN C 54 7.84 -1.66 34.98
C GLN C 54 7.72 -1.36 33.48
N LEU C 55 8.80 -1.50 32.74
CA LEU C 55 8.76 -1.35 31.29
C LEU C 55 8.22 -2.62 30.62
N LEU C 56 6.99 -2.55 30.13
CA LEU C 56 6.29 -3.70 29.58
C LEU C 56 6.25 -3.76 28.05
N GLY C 57 6.52 -2.64 27.39
CA GLY C 57 6.30 -2.54 25.97
C GLY C 57 7.49 -2.88 25.10
N SER C 58 8.62 -3.19 25.73
CA SER C 58 9.80 -3.60 24.98
C SER C 58 9.92 -5.12 24.95
N VAL C 59 10.87 -5.62 24.18
CA VAL C 59 10.97 -7.06 23.94
C VAL C 59 11.17 -7.87 25.22
N SER C 60 11.93 -7.35 26.16
CA SER C 60 12.16 -8.07 27.41
C SER C 60 10.98 -8.03 28.37
N GLY C 61 10.11 -7.03 28.25
CA GLY C 61 8.96 -6.94 29.11
C GLY C 61 7.83 -7.88 28.70
N GLU C 62 7.69 -8.07 27.39
CA GLU C 62 6.72 -8.99 26.80
C GLU C 62 5.29 -8.74 27.22
N LEU C 63 4.97 -7.50 27.61
CA LEU C 63 3.63 -7.13 28.08
C LEU C 63 3.15 -8.02 29.22
N GLY C 64 4.10 -8.66 29.90
CA GLY C 64 3.81 -9.56 31.01
C GLY C 64 2.94 -10.76 30.64
N LEU C 65 2.98 -11.17 29.37
CA LEU C 65 2.07 -12.21 28.89
C LEU C 65 2.58 -13.66 28.81
N ARG C 66 3.90 -13.86 28.89
CA ARG C 66 4.49 -15.17 28.54
C ARG C 66 4.03 -16.29 29.45
N LYS C 67 4.06 -16.05 30.75
CA LYS C 67 3.69 -17.07 31.71
C LYS C 67 2.25 -17.55 31.50
N TYR C 68 1.34 -16.60 31.35
CA TYR C 68 -0.06 -16.92 31.13
C TYR C 68 -0.30 -17.71 29.83
N LEU C 69 0.40 -17.28 28.79
CA LEU C 69 0.19 -17.88 27.47
C LEU C 69 0.75 -19.30 27.37
N GLU C 70 1.97 -19.51 27.84
CA GLU C 70 2.60 -20.83 27.73
C GLU C 70 1.93 -21.86 28.65
N ALA C 71 1.42 -21.40 29.79
CA ALA C 71 0.72 -22.26 30.73
C ALA C 71 -0.61 -22.77 30.17
N ASN C 72 -1.15 -22.04 29.20
CA ASN C 72 -2.37 -22.46 28.53
C ASN C 72 -2.11 -23.16 27.20
N GLY C 73 -0.84 -23.48 26.93
CA GLY C 73 -0.49 -24.26 25.76
C GLY C 73 -0.36 -23.47 24.48
N HIS C 74 -0.37 -22.15 24.57
CA HIS C 74 -0.19 -21.31 23.40
C HIS C 74 1.28 -21.17 23.04
N THR C 75 1.59 -20.90 21.78
CA THR C 75 2.96 -20.55 21.42
C THR C 75 3.07 -19.02 21.38
N PHE C 76 4.08 -18.47 22.07
CA PHE C 76 4.22 -17.02 22.21
C PHE C 76 5.55 -16.59 21.60
N VAL C 77 5.50 -15.89 20.48
CA VAL C 77 6.72 -15.40 19.86
C VAL C 77 6.79 -13.86 19.94
N VAL C 78 7.88 -13.36 20.49
CA VAL C 78 8.12 -11.93 20.65
C VAL C 78 9.32 -11.51 19.80
N THR C 79 9.18 -10.41 19.07
CA THR C 79 10.25 -9.91 18.22
C THR C 79 10.12 -8.40 18.08
N SER C 80 11.24 -7.72 17.83
CA SER C 80 11.19 -6.33 17.39
C SER C 80 11.40 -6.17 15.88
N ASP C 81 11.71 -7.25 15.18
CA ASP C 81 12.08 -7.15 13.77
C ASP C 81 10.84 -7.24 12.89
N LYS C 82 10.35 -6.06 12.50
CA LYS C 82 9.03 -5.96 11.89
C LYS C 82 9.02 -5.52 10.43
N ASP C 83 10.14 -5.03 9.97
CA ASP C 83 10.14 -4.31 8.70
C ASP C 83 10.78 -5.14 7.60
N GLY C 84 10.10 -5.23 6.46
CA GLY C 84 10.64 -5.91 5.30
C GLY C 84 10.09 -7.30 5.06
N PRO C 85 10.30 -7.81 3.84
CA PRO C 85 9.85 -9.17 3.53
C PRO C 85 10.67 -10.26 4.27
N ASP C 86 11.89 -9.94 4.69
CA ASP C 86 12.76 -10.93 5.33
C ASP C 86 12.70 -10.97 6.86
N SER C 87 11.87 -10.13 7.47
CA SER C 87 11.83 -10.01 8.93
C SER C 87 11.34 -11.27 9.66
N VAL C 88 11.75 -11.40 10.92
CA VAL C 88 11.25 -12.45 11.79
C VAL C 88 9.72 -12.40 11.83
N PHE C 89 9.19 -11.19 11.87
CA PHE C 89 7.74 -11.00 11.90
C PHE C 89 7.02 -11.66 10.72
N GLU C 90 7.50 -11.41 9.50
CA GLU C 90 6.78 -11.85 8.32
C GLU C 90 6.97 -13.36 8.13
N LYS C 91 8.07 -13.90 8.66
CA LYS C 91 8.26 -15.35 8.68
C LYS C 91 7.25 -16.02 9.61
N GLU C 92 7.12 -15.48 10.82
CA GLU C 92 6.25 -16.09 11.81
C GLU C 92 4.78 -15.79 11.52
N LEU C 93 4.53 -14.79 10.67
CA LEU C 93 3.17 -14.32 10.42
C LEU C 93 2.33 -15.36 9.70
N VAL C 94 2.99 -16.16 8.87
CA VAL C 94 2.32 -17.13 8.01
C VAL C 94 1.38 -18.06 8.78
N ASP C 95 1.85 -18.54 9.94
CA ASP C 95 1.06 -19.42 10.80
C ASP C 95 0.43 -18.82 12.07
N ALA C 96 0.56 -17.50 12.29
CA ALA C 96 0.02 -16.88 13.50
C ALA C 96 -1.49 -16.85 13.56
N ASP C 97 -2.07 -17.23 14.70
CA ASP C 97 -3.51 -17.03 14.97
C ASP C 97 -3.79 -15.62 15.48
N VAL C 98 -2.85 -15.10 16.25
CA VAL C 98 -3.01 -13.79 16.89
C VAL C 98 -1.77 -12.92 16.64
N VAL C 99 -1.99 -11.68 16.20
CA VAL C 99 -0.92 -10.71 16.12
C VAL C 99 -1.17 -9.55 17.09
N ILE C 100 -0.16 -9.26 17.90
CA ILE C 100 -0.20 -8.14 18.83
C ILE C 100 0.91 -7.18 18.45
N SER C 101 0.57 -5.91 18.24
CA SER C 101 1.60 -4.88 18.19
C SER C 101 1.13 -3.58 18.82
N GLN C 102 2.07 -2.67 19.00
CA GLN C 102 1.76 -1.37 19.55
C GLN C 102 1.87 -0.34 18.44
N PRO C 103 1.07 0.73 18.50
CA PRO C 103 1.20 1.76 17.47
C PRO C 103 2.59 2.46 17.48
N PHE C 104 3.31 2.37 18.59
CA PHE C 104 4.61 3.05 18.73
C PHE C 104 5.69 2.36 17.91
N TRP C 105 5.47 1.07 17.65
CA TRP C 105 6.38 0.25 16.84
C TRP C 105 5.52 -0.75 16.09
N PRO C 106 4.73 -0.26 15.11
CA PRO C 106 3.60 -1.04 14.58
C PRO C 106 3.99 -2.13 13.61
N ALA C 107 3.36 -3.31 13.74
CA ALA C 107 3.54 -4.32 12.71
C ALA C 107 2.41 -4.07 11.73
N TYR C 108 2.74 -3.48 10.59
CA TYR C 108 1.69 -3.10 9.66
C TYR C 108 1.04 -4.35 9.06
N LEU C 109 -0.27 -4.47 9.19
CA LEU C 109 -0.93 -5.59 8.53
C LEU C 109 -1.60 -5.00 7.28
N THR C 110 -0.83 -5.04 6.20
CA THR C 110 -1.23 -4.58 4.88
C THR C 110 -2.10 -5.65 4.22
N PRO C 111 -2.79 -5.31 3.11
CA PRO C 111 -3.51 -6.35 2.39
C PRO C 111 -2.65 -7.58 2.04
N GLU C 112 -1.45 -7.34 1.51
CA GLU C 112 -0.53 -8.40 1.13
C GLU C 112 -0.18 -9.31 2.32
N ARG C 113 0.13 -8.70 3.46
CA ARG C 113 0.53 -9.47 4.62
C ARG C 113 -0.63 -10.28 5.20
N ILE C 114 -1.82 -9.71 5.19
CA ILE C 114 -2.98 -10.41 5.70
C ILE C 114 -3.31 -11.63 4.83
N ALA C 115 -3.16 -11.47 3.52
CA ALA C 115 -3.36 -12.59 2.60
C ALA C 115 -2.35 -13.71 2.87
N LYS C 116 -1.12 -13.33 3.21
CA LYS C 116 -0.08 -14.29 3.58
C LYS C 116 -0.33 -14.95 4.94
N ALA C 117 -1.12 -14.33 5.81
CA ALA C 117 -1.37 -14.96 7.11
C ALA C 117 -2.64 -15.82 7.00
N LYS C 118 -2.45 -17.12 6.81
CA LYS C 118 -3.57 -18.05 6.55
C LYS C 118 -4.45 -18.30 7.75
N ASN C 119 -3.85 -18.29 8.93
CA ASN C 119 -4.53 -18.61 10.19
C ASN C 119 -5.02 -17.42 11.03
N LEU C 120 -4.77 -16.20 10.56
CA LEU C 120 -4.97 -15.06 11.43
C LEU C 120 -6.42 -14.94 11.88
N LYS C 121 -6.65 -14.99 13.19
CA LYS C 121 -7.98 -14.75 13.74
C LYS C 121 -8.21 -13.47 14.55
N LEU C 122 -7.13 -12.92 15.10
CA LEU C 122 -7.24 -11.75 15.96
C LEU C 122 -6.04 -10.84 15.78
N ALA C 123 -6.31 -9.58 15.46
CA ALA C 123 -5.31 -8.54 15.46
C ALA C 123 -5.59 -7.63 16.64
N LEU C 124 -4.66 -7.62 17.58
CA LEU C 124 -4.79 -6.94 18.85
C LEU C 124 -3.82 -5.77 18.91
N THR C 125 -4.37 -4.60 19.18
CA THR C 125 -3.56 -3.41 19.36
C THR C 125 -3.28 -3.22 20.83
N ALA C 126 -2.01 -3.26 21.23
CA ALA C 126 -1.76 -2.98 22.63
C ALA C 126 -1.58 -1.48 22.70
N GLY C 127 -2.67 -0.77 22.98
CA GLY C 127 -2.65 0.66 22.81
C GLY C 127 -3.97 1.06 22.20
N ILE C 128 -3.99 2.23 21.58
CA ILE C 128 -5.19 2.76 20.95
C ILE C 128 -4.88 3.12 19.51
N GLY C 129 -5.81 2.77 18.64
CA GLY C 129 -5.85 3.10 17.22
C GLY C 129 -5.32 1.92 16.44
N SER C 130 -6.13 1.51 15.47
CA SER C 130 -5.94 0.29 14.69
C SER C 130 -5.59 0.47 13.22
N ASP C 131 -5.24 1.71 12.86
CA ASP C 131 -5.01 2.12 11.49
C ASP C 131 -3.81 1.45 10.83
N HIS C 132 -3.00 0.71 11.59
CA HIS C 132 -1.88 -0.02 11.02
C HIS C 132 -2.33 -1.40 10.51
N VAL C 133 -3.63 -1.64 10.61
CA VAL C 133 -4.27 -2.85 10.11
C VAL C 133 -5.18 -2.44 8.96
N ASP C 134 -5.14 -3.16 7.85
CA ASP C 134 -6.06 -2.82 6.78
C ASP C 134 -7.40 -3.36 7.23
N LEU C 135 -8.34 -2.46 7.53
CA LEU C 135 -9.59 -2.88 8.15
C LEU C 135 -10.51 -3.53 7.12
N GLN C 136 -10.37 -3.15 5.86
CA GLN C 136 -11.20 -3.78 4.82
C GLN C 136 -10.81 -5.25 4.66
N SER C 137 -9.51 -5.53 4.64
CA SER C 137 -9.04 -6.92 4.58
C SER C 137 -9.48 -7.71 5.82
N ALA C 138 -9.41 -7.09 6.99
CA ALA C 138 -9.83 -7.76 8.23
C ALA C 138 -11.30 -8.11 8.14
N ILE C 139 -12.10 -7.15 7.69
CA ILE C 139 -13.52 -7.36 7.51
C ILE C 139 -13.79 -8.52 6.52
N ASP C 140 -13.10 -8.52 5.39
CA ASP C 140 -13.36 -9.52 4.36
C ASP C 140 -12.99 -10.92 4.85
N ARG C 141 -11.94 -11.01 5.66
CA ARG C 141 -11.44 -12.29 6.18
C ARG C 141 -12.10 -12.79 7.47
N GLY C 142 -12.97 -11.97 8.07
CA GLY C 142 -13.62 -12.36 9.31
C GLY C 142 -12.69 -12.32 10.51
N ILE C 143 -11.62 -11.57 10.38
CA ILE C 143 -10.66 -11.36 11.45
C ILE C 143 -11.19 -10.36 12.47
N THR C 144 -11.08 -10.68 13.75
CA THR C 144 -11.43 -9.74 14.81
C THR C 144 -10.29 -8.73 15.00
N VAL C 145 -10.64 -7.45 15.10
CA VAL C 145 -9.67 -6.40 15.40
C VAL C 145 -10.11 -5.69 16.69
N ALA C 146 -9.23 -5.67 17.68
CA ALA C 146 -9.55 -5.09 19.00
C ALA C 146 -8.41 -4.22 19.53
N GLU C 147 -8.73 -3.26 20.40
CA GLU C 147 -7.68 -2.38 20.96
C GLU C 147 -8.06 -2.02 22.40
N VAL C 148 -7.13 -1.50 23.20
CA VAL C 148 -7.51 -1.24 24.57
C VAL C 148 -7.93 0.22 24.71
N THR C 149 -9.22 0.40 24.51
CA THR C 149 -9.87 1.68 24.49
C THR C 149 -9.68 2.36 25.82
N TYR C 150 -9.43 3.66 25.71
CA TYR C 150 -9.21 4.60 26.82
C TYR C 150 -7.95 4.41 27.64
N CYS C 151 -7.11 3.41 27.33
CA CYS C 151 -5.97 3.13 28.19
C CYS C 151 -4.98 4.29 28.36
N ASN C 152 -4.61 4.95 27.26
CA ASN C 152 -3.71 6.10 27.33
C ASN C 152 -4.31 7.48 26.92
N SER C 153 -5.63 7.54 26.76
CA SER C 153 -6.27 8.78 26.29
C SER C 153 -5.89 9.99 27.18
N ILE C 154 -5.89 9.79 28.48
CA ILE C 154 -5.55 10.87 29.37
C ILE C 154 -4.08 11.24 29.25
N SER C 155 -3.23 10.23 29.06
CA SER C 155 -1.79 10.45 28.88
C SER C 155 -1.52 11.36 27.70
N VAL C 156 -2.22 11.08 26.60
CA VAL C 156 -2.05 11.84 25.37
C VAL C 156 -2.59 13.26 25.56
N ALA C 157 -3.71 13.40 26.27
CA ALA C 157 -4.24 14.74 26.54
C ALA C 157 -3.24 15.66 27.24
N GLU C 158 -2.52 15.12 28.23
CA GLU C 158 -1.45 15.85 28.92
C GLU C 158 -0.35 16.25 27.95
N HIS C 159 0.07 15.29 27.13
CA HIS C 159 1.09 15.51 26.13
C HIS C 159 0.72 16.64 25.18
N VAL C 160 -0.56 16.67 24.77
CA VAL C 160 -1.09 17.73 23.91
C VAL C 160 -0.96 19.11 24.56
N VAL C 161 -1.41 19.22 25.82
CA VAL C 161 -1.35 20.51 26.46
C VAL C 161 0.10 20.95 26.57
N MET C 162 0.98 20.01 26.92
CA MET C 162 2.40 20.28 27.02
C MET C 162 2.97 20.82 25.71
N MET C 163 2.57 20.21 24.60
CA MET C 163 3.11 20.61 23.30
C MET C 163 2.52 21.92 22.80
N ILE C 164 1.26 22.19 23.14
CA ILE C 164 0.68 23.50 22.85
C ILE C 164 1.49 24.62 23.54
N LEU C 165 1.69 24.49 24.85
CA LEU C 165 2.46 25.48 25.60
C LEU C 165 3.87 25.61 25.08
N GLY C 166 4.54 24.48 24.82
CA GLY C 166 5.87 24.45 24.28
C GLY C 166 6.02 25.24 22.99
N LEU C 167 5.07 25.07 22.07
CA LEU C 167 5.11 25.78 20.80
C LEU C 167 4.88 27.28 20.97
N VAL C 168 3.81 27.60 21.68
CA VAL C 168 3.39 28.99 21.82
C VAL C 168 4.43 29.80 22.60
N ARG C 169 5.03 29.19 23.62
CA ARG C 169 6.01 29.88 24.47
C ARG C 169 7.45 29.71 23.96
N ASN C 170 7.61 28.95 22.87
CA ASN C 170 8.92 28.77 22.25
C ASN C 170 9.94 28.08 23.15
N TYR C 171 9.49 27.03 23.84
CA TYR C 171 10.28 26.26 24.80
C TYR C 171 11.54 25.60 24.20
N ILE C 172 11.38 24.90 23.07
CA ILE C 172 12.51 24.14 22.55
C ILE C 172 13.73 25.01 22.16
N PRO C 173 13.55 26.05 21.30
CA PRO C 173 14.72 26.92 21.03
C PRO C 173 15.28 27.64 22.26
N SER C 174 14.43 27.99 23.22
CA SER C 174 14.88 28.64 24.44
C SER C 174 15.71 27.69 25.31
N HIS C 175 15.26 26.44 25.43
CA HIS C 175 16.04 25.46 26.19
C HIS C 175 17.42 25.25 25.54
N ASP C 176 17.46 25.34 24.20
CA ASP C 176 18.72 25.24 23.46
C ASP C 176 19.74 26.26 23.86
N TRP C 177 19.28 27.50 23.90
CA TRP C 177 20.16 28.58 24.27
C TRP C 177 20.74 28.30 25.62
N ALA C 178 19.93 27.78 26.54
CA ALA C 178 20.41 27.56 27.88
C ALA C 178 21.52 26.51 27.89
N ARG C 179 21.30 25.44 27.13
CA ARG C 179 22.27 24.35 27.04
C ARG C 179 23.50 24.71 26.22
N LYS C 180 23.35 25.60 25.24
CA LYS C 180 24.47 25.97 24.37
C LYS C 180 25.34 26.97 25.10
N GLY C 181 24.94 27.34 26.31
CA GLY C 181 25.70 28.26 27.11
C GLY C 181 25.33 29.71 26.84
N GLY C 182 24.23 29.93 26.13
CA GLY C 182 23.81 31.28 25.82
C GLY C 182 22.88 31.88 26.86
N TRP C 183 22.33 33.03 26.52
CA TRP C 183 21.33 33.65 27.37
C TRP C 183 20.24 34.17 26.44
N ASN C 184 20.61 35.18 25.66
CA ASN C 184 19.89 35.50 24.43
C ASN C 184 18.41 35.71 24.62
N ILE C 185 18.05 36.58 25.55
CA ILE C 185 16.66 36.81 25.91
C ILE C 185 15.81 37.14 24.69
N ALA C 186 16.26 38.08 23.87
CA ALA C 186 15.47 38.55 22.73
C ALA C 186 15.28 37.45 21.69
N ASP C 187 16.29 36.60 21.53
CA ASP C 187 16.20 35.48 20.58
C ASP C 187 15.14 34.47 21.04
N CYS C 188 15.05 34.24 22.34
CA CYS C 188 14.03 33.35 22.89
C CYS C 188 12.63 33.91 22.68
N VAL C 189 12.40 35.17 23.04
CA VAL C 189 11.02 35.63 23.14
C VAL C 189 10.47 36.31 21.89
N GLU C 190 11.31 36.54 20.89
CA GLU C 190 10.82 37.12 19.62
C GLU C 190 9.75 36.25 18.97
N HIS C 191 9.79 34.95 19.25
CA HIS C 191 8.78 34.00 18.80
C HIS C 191 7.86 33.53 19.97
N SER C 192 7.86 34.24 21.09
CA SER C 192 7.19 33.69 22.28
C SER C 192 5.90 34.41 22.67
N TYR C 193 4.82 33.65 22.78
CA TYR C 193 3.51 34.22 23.11
C TYR C 193 2.94 33.52 24.34
N ASP C 194 2.01 34.20 25.02
CA ASP C 194 1.21 33.57 26.07
C ASP C 194 0.07 32.79 25.45
N LEU C 195 -0.37 31.72 26.09
CA LEU C 195 -1.51 30.99 25.58
C LEU C 195 -2.82 31.73 25.87
N GLU C 196 -2.88 32.43 27.00
CA GLU C 196 -4.11 33.11 27.44
C GLU C 196 -4.77 33.98 26.37
N GLY C 197 -6.08 33.77 26.18
CA GLY C 197 -6.86 34.55 25.25
C GLY C 197 -6.94 33.99 23.84
N MET C 198 -6.07 33.03 23.54
CA MET C 198 -6.06 32.43 22.22
C MET C 198 -7.30 31.54 21.97
N THR C 199 -7.54 31.27 20.70
CA THR C 199 -8.60 30.35 20.31
C THR C 199 -7.95 29.01 19.95
N VAL C 200 -8.40 27.95 20.60
CA VAL C 200 -7.92 26.61 20.32
C VAL C 200 -9.09 25.78 19.81
N GLY C 201 -8.94 25.21 18.63
CA GLY C 201 -9.91 24.26 18.11
C GLY C 201 -9.45 22.81 18.17
N SER C 202 -10.39 21.90 18.40
CA SER C 202 -10.09 20.47 18.37
C SER C 202 -10.94 19.77 17.30
N VAL C 203 -10.28 19.02 16.43
CA VAL C 203 -11.00 18.14 15.55
C VAL C 203 -11.26 16.87 16.36
N ALA C 204 -12.53 16.50 16.54
CA ALA C 204 -12.92 15.38 17.43
C ALA C 204 -12.85 15.63 18.94
N ALA C 205 -14.00 15.78 19.60
CA ALA C 205 -13.89 15.57 21.03
C ALA C 205 -14.37 14.16 21.42
N GLY C 206 -13.43 13.23 21.36
CA GLY C 206 -13.64 11.88 21.81
C GLY C 206 -12.98 11.80 23.17
N ARG C 207 -12.44 10.65 23.51
CA ARG C 207 -11.78 10.48 24.80
C ARG C 207 -10.58 11.40 25.00
N ILE C 208 -9.70 11.50 24.00
CA ILE C 208 -8.57 12.43 24.12
C ILE C 208 -9.05 13.87 23.97
N GLY C 209 -9.86 14.13 22.94
CA GLY C 209 -10.31 15.47 22.62
C GLY C 209 -11.01 16.19 23.76
N LEU C 210 -11.94 15.49 24.42
CA LEU C 210 -12.66 16.09 25.52
C LEU C 210 -11.72 16.34 26.69
N ALA C 211 -10.80 15.41 26.95
CA ALA C 211 -9.83 15.56 28.05
C ALA C 211 -8.90 16.73 27.81
N VAL C 212 -8.55 16.97 26.55
CA VAL C 212 -7.74 18.14 26.21
C VAL C 212 -8.50 19.45 26.48
N LEU C 213 -9.76 19.51 26.03
CA LEU C 213 -10.58 20.69 26.24
C LEU C 213 -10.79 20.99 27.72
N ARG C 214 -10.98 19.94 28.51
CA ARG C 214 -11.11 20.13 29.95
C ARG C 214 -9.84 20.71 30.56
N ARG C 215 -8.69 20.25 30.10
CA ARG C 215 -7.42 20.72 30.63
C ARG C 215 -7.06 22.12 30.16
N LEU C 216 -7.54 22.53 28.99
CA LEU C 216 -7.25 23.86 28.47
C LEU C 216 -8.16 24.94 29.05
N ALA C 217 -9.32 24.55 29.57
CA ALA C 217 -10.30 25.52 30.07
C ALA C 217 -9.75 26.55 31.08
N PRO C 218 -9.00 26.11 32.12
CA PRO C 218 -8.49 27.10 33.07
C PRO C 218 -7.40 28.03 32.50
N PHE C 219 -6.91 27.74 31.29
CA PHE C 219 -5.91 28.60 30.69
C PHE C 219 -6.54 29.85 30.05
N ASP C 220 -7.86 29.97 30.16
CA ASP C 220 -8.61 31.13 29.69
C ASP C 220 -8.41 31.33 28.18
N VAL C 221 -8.60 30.23 27.46
CA VAL C 221 -8.60 30.25 26.01
C VAL C 221 -10.04 30.07 25.56
N LYS C 222 -10.34 30.43 24.31
CA LYS C 222 -11.65 30.11 23.74
C LYS C 222 -11.60 28.77 23.04
N LEU C 223 -12.59 27.93 23.33
CA LEU C 223 -12.55 26.54 22.88
C LEU C 223 -13.56 26.25 21.78
N HIS C 224 -13.02 25.79 20.66
CA HIS C 224 -13.82 25.37 19.53
C HIS C 224 -13.60 23.89 19.25
N TYR C 225 -14.63 23.23 18.71
CA TYR C 225 -14.47 21.85 18.28
C TYR C 225 -15.47 21.46 17.23
N THR C 226 -15.17 20.35 16.56
CA THR C 226 -16.11 19.65 15.72
C THR C 226 -15.91 18.15 15.95
N ASP C 227 -16.94 17.37 15.62
CA ASP C 227 -16.88 15.91 15.77
C ASP C 227 -17.99 15.29 14.93
N ARG C 228 -17.82 14.01 14.61
CA ARG C 228 -18.85 13.20 13.99
C ARG C 228 -20.07 13.17 14.92
N HIS C 229 -19.80 13.08 16.23
CA HIS C 229 -20.87 13.11 17.24
C HIS C 229 -20.66 14.28 18.19
N ARG C 230 -21.68 15.11 18.28
CA ARG C 230 -21.66 16.30 19.09
C ARG C 230 -21.78 15.95 20.57
N LEU C 231 -21.08 16.68 21.42
CA LEU C 231 -21.19 16.48 22.87
C LEU C 231 -22.57 16.92 23.38
N PRO C 232 -22.98 16.40 24.54
CA PRO C 232 -24.21 16.87 25.20
C PRO C 232 -24.15 18.38 25.43
N GLU C 233 -25.30 19.05 25.37
CA GLU C 233 -25.31 20.51 25.52
C GLU C 233 -24.74 20.98 26.86
N ALA C 234 -25.00 20.20 27.91
CA ALA C 234 -24.53 20.53 29.25
C ALA C 234 -23.00 20.63 29.31
N VAL C 235 -22.33 19.70 28.62
CA VAL C 235 -20.87 19.70 28.57
C VAL C 235 -20.35 20.93 27.82
N GLU C 236 -21.03 21.27 26.72
CA GLU C 236 -20.70 22.46 25.95
C GLU C 236 -20.82 23.73 26.79
N LYS C 237 -21.86 23.80 27.61
CA LYS C 237 -22.10 24.98 28.44
C LYS C 237 -21.05 25.08 29.53
N GLU C 238 -20.78 23.94 30.16
CA GLU C 238 -19.80 23.85 31.21
C GLU C 238 -18.43 24.40 30.76
N LEU C 239 -18.01 24.03 29.56
CA LEU C 239 -16.67 24.41 29.09
C LEU C 239 -16.69 25.63 28.18
N GLY C 240 -17.88 26.18 27.91
CA GLY C 240 -18.01 27.27 26.96
C GLY C 240 -17.56 26.88 25.57
N LEU C 241 -17.89 25.66 25.15
CA LEU C 241 -17.51 25.16 23.84
C LEU C 241 -18.30 25.80 22.71
N VAL C 242 -17.62 26.13 21.61
CA VAL C 242 -18.26 26.62 20.41
C VAL C 242 -18.23 25.53 19.33
N TRP C 243 -19.43 25.06 18.95
CA TRP C 243 -19.56 23.97 17.99
C TRP C 243 -19.43 24.39 16.51
N HIS C 244 -18.78 23.54 15.72
CA HIS C 244 -18.73 23.71 14.28
C HIS C 244 -19.18 22.41 13.60
N ASP C 245 -19.94 22.52 12.53
CA ASP C 245 -20.45 21.33 11.84
C ASP C 245 -19.32 20.64 11.07
N THR C 246 -18.45 21.44 10.48
CA THR C 246 -17.34 20.88 9.72
C THR C 246 -16.04 21.50 10.19
N ARG C 247 -14.96 20.76 10.01
CA ARG C 247 -13.66 21.22 10.46
C ARG C 247 -13.18 22.40 9.61
N GLU C 248 -13.62 22.47 8.37
CA GLU C 248 -13.24 23.58 7.49
C GLU C 248 -13.88 24.90 7.97
N ASP C 249 -15.06 24.79 8.59
CA ASP C 249 -15.71 25.94 9.23
C ASP C 249 -14.95 26.41 10.47
N MET C 250 -14.24 25.48 11.11
CA MET C 250 -13.56 25.79 12.36
C MET C 250 -12.23 26.50 12.18
N TYR C 251 -11.42 26.05 11.23
CA TYR C 251 -10.05 26.53 11.05
C TYR C 251 -9.82 28.05 11.06
N PRO C 252 -10.68 28.84 10.38
CA PRO C 252 -10.37 30.28 10.34
C PRO C 252 -10.45 30.97 11.70
N HIS C 253 -11.17 30.38 12.65
CA HIS C 253 -11.31 30.97 13.97
C HIS C 253 -10.12 30.71 14.90
N CYS C 254 -9.28 29.73 14.57
CA CYS C 254 -8.35 29.15 15.55
C CYS C 254 -6.90 29.62 15.47
N ASP C 255 -6.33 29.98 16.62
CA ASP C 255 -4.90 30.18 16.72
C ASP C 255 -4.17 28.84 16.84
N VAL C 256 -4.81 27.89 17.50
CA VAL C 256 -4.20 26.57 17.68
C VAL C 256 -5.22 25.51 17.29
N VAL C 257 -4.77 24.54 16.50
CA VAL C 257 -5.62 23.40 16.18
C VAL C 257 -4.97 22.10 16.64
N THR C 258 -5.71 21.30 17.37
CA THR C 258 -5.22 20.00 17.81
C THR C 258 -6.01 18.86 17.12
N LEU C 259 -5.29 17.88 16.59
CA LEU C 259 -5.93 16.76 15.89
C LEU C 259 -6.06 15.56 16.82
N ASN C 260 -7.29 15.26 17.17
CA ASN C 260 -7.66 14.14 18.06
C ASN C 260 -8.52 13.03 17.44
N VAL C 261 -8.50 12.90 16.12
CA VAL C 261 -9.41 12.03 15.37
C VAL C 261 -8.66 10.75 14.88
N PRO C 262 -9.36 9.60 14.73
CA PRO C 262 -8.70 8.41 14.20
C PRO C 262 -8.32 8.52 12.72
N LEU C 263 -7.39 7.67 12.28
CA LEU C 263 -7.01 7.66 10.89
C LEU C 263 -7.85 6.66 10.13
N HIS C 264 -8.57 7.15 9.13
CA HIS C 264 -9.34 6.31 8.21
C HIS C 264 -9.62 7.17 6.96
N PRO C 265 -10.24 6.59 5.91
CA PRO C 265 -10.32 7.37 4.66
C PRO C 265 -10.98 8.76 4.73
N GLU C 266 -11.93 8.97 5.62
CA GLU C 266 -12.50 10.31 5.79
C GLU C 266 -11.46 11.34 6.30
N THR C 267 -10.55 10.89 7.16
CA THR C 267 -9.60 11.81 7.79
C THR C 267 -8.16 11.80 7.22
N GLU C 268 -7.86 10.87 6.31
CA GLU C 268 -6.51 10.77 5.74
C GLU C 268 -6.11 12.01 4.95
N HIS C 269 -4.92 12.54 5.22
CA HIS C 269 -4.41 13.78 4.59
C HIS C 269 -5.42 14.93 4.63
N MET C 270 -6.18 15.00 5.71
CA MET C 270 -7.15 16.07 5.90
C MET C 270 -6.47 17.43 6.09
N ILE C 271 -5.21 17.41 6.47
CA ILE C 271 -4.40 18.61 6.50
C ILE C 271 -3.51 18.57 5.26
N ASN C 272 -3.77 19.45 4.31
CA ASN C 272 -3.09 19.45 3.02
C ASN C 272 -2.97 20.90 2.53
N ASP C 273 -2.36 21.11 1.36
CA ASP C 273 -2.13 22.46 0.85
C ASP C 273 -3.42 23.27 0.74
N GLU C 274 -4.52 22.64 0.35
CA GLU C 274 -5.77 23.38 0.21
C GLU C 274 -6.37 23.73 1.58
N THR C 275 -6.46 22.77 2.49
CA THR C 275 -7.10 23.07 3.77
C THR C 275 -6.23 23.98 4.64
N LEU C 276 -4.92 23.97 4.43
CA LEU C 276 -4.02 24.84 5.21
C LEU C 276 -4.25 26.33 4.88
N LYS C 277 -4.79 26.59 3.69
CA LYS C 277 -5.14 27.96 3.30
C LYS C 277 -6.24 28.54 4.18
N LEU C 278 -7.02 27.67 4.83
CA LEU C 278 -8.10 28.13 5.70
C LEU C 278 -7.63 28.56 7.09
N PHE C 279 -6.37 28.31 7.42
CA PHE C 279 -5.85 28.64 8.75
C PHE C 279 -5.41 30.10 8.83
N LYS C 280 -5.56 30.72 9.99
CA LYS C 280 -4.96 32.04 10.25
C LYS C 280 -3.45 32.00 10.03
N ARG C 281 -2.88 33.14 9.66
CA ARG C 281 -1.43 33.25 9.61
C ARG C 281 -0.84 33.04 11.01
N GLY C 282 0.19 32.22 11.11
CA GLY C 282 0.83 31.95 12.39
C GLY C 282 0.04 31.00 13.27
N ALA C 283 -0.83 30.19 12.67
CA ALA C 283 -1.55 29.18 13.44
C ALA C 283 -0.61 28.10 13.94
N TYR C 284 -1.01 27.42 14.99
CA TYR C 284 -0.23 26.30 15.47
C TYR C 284 -1.03 25.02 15.29
N ILE C 285 -0.33 23.95 14.93
CA ILE C 285 -0.97 22.64 14.89
C ILE C 285 -0.23 21.69 15.82
N VAL C 286 -1.00 21.03 16.70
CA VAL C 286 -0.48 19.93 17.49
C VAL C 286 -1.18 18.66 17.03
N ASN C 287 -0.41 17.64 16.62
CA ASN C 287 -1.03 16.41 16.15
C ASN C 287 -0.45 15.22 16.89
N THR C 288 -1.20 14.75 17.88
CA THR C 288 -0.85 13.53 18.61
C THR C 288 -1.70 12.35 18.18
N ALA C 289 -2.52 12.54 17.14
CA ALA C 289 -3.44 11.47 16.74
C ALA C 289 -2.74 10.49 15.79
N ARG C 290 -2.59 10.86 14.53
CA ARG C 290 -1.85 10.03 13.56
C ARG C 290 -1.10 10.88 12.55
N GLY C 291 0.13 10.48 12.21
CA GLY C 291 0.96 11.21 11.26
C GLY C 291 0.27 11.44 9.92
N LYS C 292 -0.44 10.42 9.46
CA LYS C 292 -0.99 10.46 8.12
C LYS C 292 -2.22 11.35 8.02
N LEU C 293 -2.69 11.92 9.13
CA LEU C 293 -3.72 12.96 9.05
C LEU C 293 -3.24 14.21 8.27
N ALA C 294 -1.92 14.40 8.21
CA ALA C 294 -1.35 15.57 7.56
C ALA C 294 -0.43 15.14 6.41
N ASP C 295 -0.62 15.74 5.24
CA ASP C 295 0.33 15.57 4.15
C ASP C 295 1.67 16.09 4.66
N ARG C 296 2.68 15.24 4.67
CA ARG C 296 3.92 15.59 5.35
C ARG C 296 4.62 16.78 4.69
N ASP C 297 4.62 16.84 3.36
CA ASP C 297 5.32 17.93 2.68
C ASP C 297 4.51 19.22 2.76
N ALA C 298 3.18 19.11 2.85
CA ALA C 298 2.32 20.28 3.03
C ALA C 298 2.60 21.00 4.35
N ILE C 299 2.85 20.23 5.41
CA ILE C 299 3.20 20.82 6.70
C ILE C 299 4.49 21.59 6.58
N VAL C 300 5.49 20.99 5.92
CA VAL C 300 6.78 21.65 5.77
C VAL C 300 6.66 22.96 4.98
N ARG C 301 5.90 22.95 3.90
CA ARG C 301 5.74 24.15 3.09
C ARG C 301 5.06 25.26 3.88
N ALA C 302 4.11 24.89 4.75
CA ALA C 302 3.41 25.87 5.57
C ALA C 302 4.29 26.48 6.67
N ILE C 303 5.23 25.71 7.19
CA ILE C 303 6.17 26.20 8.19
C ILE C 303 7.14 27.23 7.60
N GLU C 304 7.66 26.92 6.42
CA GLU C 304 8.60 27.82 5.76
C GLU C 304 7.95 29.14 5.32
N SER C 305 6.65 29.10 5.02
CA SER C 305 5.98 30.31 4.56
C SER C 305 5.39 31.14 5.70
N GLY C 306 5.37 30.60 6.91
CA GLY C 306 4.80 31.32 8.03
C GLY C 306 3.29 31.13 8.13
N GLN C 307 2.74 30.34 7.20
CA GLN C 307 1.33 29.97 7.31
C GLN C 307 1.13 29.24 8.64
N LEU C 308 2.11 28.42 9.02
CA LEU C 308 2.14 27.85 10.35
C LEU C 308 3.29 28.45 11.16
N ALA C 309 3.01 28.83 12.41
CA ALA C 309 4.06 29.31 13.31
C ALA C 309 4.71 28.16 14.09
N GLY C 310 4.15 26.97 13.96
CA GLY C 310 4.75 25.81 14.56
C GLY C 310 3.93 24.55 14.36
N TYR C 311 4.61 23.42 14.43
CA TYR C 311 3.99 22.12 14.33
C TYR C 311 4.60 21.22 15.39
N ALA C 312 3.76 20.51 16.14
CA ALA C 312 4.26 19.56 17.13
C ALA C 312 3.37 18.33 17.18
N GLY C 313 3.99 17.20 17.50
CA GLY C 313 3.24 15.98 17.74
C GLY C 313 4.24 14.88 17.96
N ASP C 314 3.76 13.71 18.38
CA ASP C 314 4.61 12.55 18.52
C ASP C 314 4.35 11.48 17.45
N VAL C 315 3.44 11.76 16.51
CA VAL C 315 3.08 10.73 15.53
C VAL C 315 3.56 11.06 14.10
N TRP C 316 4.05 10.01 13.43
CA TRP C 316 4.68 10.14 12.14
C TRP C 316 4.10 9.08 11.20
N PHE C 317 4.35 9.24 9.90
CA PHE C 317 4.08 8.16 8.98
C PHE C 317 5.20 8.04 7.94
N PRO C 318 5.69 6.81 7.69
CA PRO C 318 5.35 5.62 8.47
C PRO C 318 6.13 5.60 9.78
N GLN C 319 5.97 4.59 10.62
CA GLN C 319 6.75 4.50 11.87
C GLN C 319 7.53 3.17 11.94
N PRO C 320 8.81 3.22 12.34
CA PRO C 320 9.60 4.40 12.71
C PRO C 320 9.81 5.33 11.53
N ALA C 321 9.95 6.62 11.85
CA ALA C 321 10.16 7.62 10.82
C ALA C 321 11.54 7.44 10.22
N PRO C 322 11.65 7.51 8.89
CA PRO C 322 12.99 7.49 8.29
C PRO C 322 13.86 8.62 8.85
N LYS C 323 15.15 8.35 8.98
CA LYS C 323 16.11 9.27 9.60
C LYS C 323 16.15 10.65 8.96
N ASP C 324 15.80 10.68 7.67
CA ASP C 324 15.74 11.92 6.92
C ASP C 324 14.32 12.50 6.80
N HIS C 325 13.35 11.95 7.53
CA HIS C 325 11.98 12.46 7.49
C HIS C 325 12.00 13.96 7.73
N PRO C 326 11.38 14.72 6.81
CA PRO C 326 11.47 16.19 6.77
C PRO C 326 10.99 16.87 8.05
N TRP C 327 10.11 16.22 8.81
CA TRP C 327 9.66 16.82 10.04
C TRP C 327 10.73 16.87 11.11
N ARG C 328 11.76 16.04 10.99
CA ARG C 328 12.80 16.05 12.00
C ARG C 328 13.57 17.37 12.07
N THR C 329 13.87 17.93 10.89
CA THR C 329 14.75 19.11 10.83
C THR C 329 14.11 20.49 10.56
N MET C 330 12.80 20.57 10.35
CA MET C 330 12.17 21.85 10.04
C MET C 330 12.20 22.77 11.28
N LYS C 331 12.15 24.08 11.08
CA LYS C 331 12.15 25.00 12.21
C LYS C 331 10.78 25.08 12.86
N TRP C 332 10.75 25.52 14.12
CA TRP C 332 9.49 25.68 14.84
C TRP C 332 8.73 24.36 14.96
N GLU C 333 9.47 23.29 15.25
CA GLU C 333 8.83 22.00 15.46
C GLU C 333 8.99 21.61 16.92
N GLY C 334 7.99 20.92 17.44
CA GLY C 334 8.01 20.35 18.76
C GLY C 334 7.99 18.82 18.75
N MET C 335 8.49 18.21 17.69
CA MET C 335 8.35 16.76 17.50
C MET C 335 9.01 15.88 18.55
N THR C 336 8.35 14.75 18.81
CA THR C 336 8.93 13.66 19.60
C THR C 336 8.73 12.35 18.81
N PRO C 337 9.50 11.28 19.10
CA PRO C 337 9.08 9.96 18.59
C PRO C 337 7.73 9.57 19.23
N HIS C 338 7.14 8.44 18.86
CA HIS C 338 5.77 8.22 19.34
C HIS C 338 5.86 7.62 20.72
N ILE C 339 5.82 8.51 21.72
CA ILE C 339 5.90 8.10 23.10
C ILE C 339 4.73 8.43 24.01
N SER C 340 3.79 9.27 23.58
CA SER C 340 2.86 9.81 24.58
C SER C 340 1.99 8.70 25.16
N GLY C 341 1.61 7.74 24.33
CA GLY C 341 0.74 6.69 24.82
C GLY C 341 1.44 5.53 25.46
N THR C 342 2.77 5.56 25.45
CA THR C 342 3.58 4.48 26.04
C THR C 342 4.40 4.91 27.28
N SER C 343 3.97 5.95 27.99
CA SER C 343 4.57 6.23 29.29
C SER C 343 4.41 5.02 30.22
N LEU C 344 5.25 4.91 31.24
CA LEU C 344 5.19 3.76 32.15
C LEU C 344 3.84 3.60 32.84
N SER C 345 3.16 4.71 33.07
CA SER C 345 1.83 4.69 33.65
C SER C 345 0.84 4.05 32.68
N ALA C 346 0.97 4.41 31.41
CA ALA C 346 0.07 3.93 30.37
C ALA C 346 0.28 2.45 30.08
N GLN C 347 1.54 2.02 30.06
CA GLN C 347 1.88 0.64 29.74
C GLN C 347 1.20 -0.35 30.67
N ALA C 348 1.14 -0.02 31.96
CA ALA C 348 0.51 -0.90 32.94
C ALA C 348 -0.95 -1.13 32.56
N ARG C 349 -1.60 -0.08 32.08
CA ARG C 349 -3.00 -0.19 31.73
C ARG C 349 -3.23 -0.96 30.41
N TYR C 350 -2.42 -0.71 29.38
CA TYR C 350 -2.72 -1.46 28.16
C TYR C 350 -2.15 -2.88 28.21
N ALA C 351 -1.17 -3.15 29.08
CA ALA C 351 -0.70 -4.53 29.25
C ALA C 351 -1.78 -5.34 29.91
N ALA C 352 -2.44 -4.73 30.90
CA ALA C 352 -3.54 -5.39 31.59
C ALA C 352 -4.73 -5.61 30.66
N GLY C 353 -5.01 -4.60 29.83
CA GLY C 353 -6.11 -4.65 28.88
C GLY C 353 -5.88 -5.69 27.80
N THR C 354 -4.64 -5.76 27.35
CA THR C 354 -4.23 -6.77 26.38
C THR C 354 -4.53 -8.15 26.93
N ARG C 355 -4.15 -8.38 28.17
CA ARG C 355 -4.41 -9.65 28.81
C ARG C 355 -5.90 -9.96 28.96
N GLU C 356 -6.68 -8.96 29.37
CA GLU C 356 -8.12 -9.13 29.52
C GLU C 356 -8.76 -9.60 28.21
N ILE C 357 -8.36 -9.01 27.10
CA ILE C 357 -8.89 -9.35 25.78
C ILE C 357 -8.51 -10.76 25.35
N LEU C 358 -7.24 -11.13 25.57
CA LEU C 358 -6.78 -12.47 25.24
C LEU C 358 -7.51 -13.53 26.03
N GLU C 359 -7.65 -13.32 27.34
CA GLU C 359 -8.44 -14.21 28.19
C GLU C 359 -9.85 -14.39 27.65
N CYS C 360 -10.53 -13.27 27.40
CA CYS C 360 -11.87 -13.34 26.83
C CYS C 360 -11.90 -14.11 25.51
N PHE C 361 -10.98 -13.77 24.61
CA PHE C 361 -10.92 -14.37 23.30
C PHE C 361 -10.71 -15.90 23.40
N PHE C 362 -9.83 -16.32 24.29
CA PHE C 362 -9.49 -17.75 24.41
C PHE C 362 -10.47 -18.57 25.24
N GLU C 363 -11.34 -17.92 26.00
CA GLU C 363 -12.37 -18.62 26.76
C GLU C 363 -13.71 -18.59 26.03
N GLY C 364 -13.72 -17.98 24.84
CA GLY C 364 -14.93 -17.87 24.07
C GLY C 364 -15.95 -16.94 24.72
N ARG C 365 -15.48 -16.06 25.61
CA ARG C 365 -16.34 -15.02 26.17
C ARG C 365 -16.26 -13.81 25.25
N PRO C 366 -17.32 -12.99 25.23
CA PRO C 366 -17.27 -11.79 24.39
C PRO C 366 -16.26 -10.75 24.88
N ILE C 367 -15.52 -10.19 23.93
CA ILE C 367 -14.63 -9.07 24.18
C ILE C 367 -15.50 -7.84 24.46
N ARG C 368 -15.11 -7.00 25.42
CA ARG C 368 -15.86 -5.77 25.70
C ARG C 368 -16.16 -5.04 24.41
N ASP C 369 -17.41 -4.60 24.26
CA ASP C 369 -17.81 -3.91 23.06
C ASP C 369 -16.91 -2.69 22.79
N GLU C 370 -16.53 -1.96 23.85
CA GLU C 370 -15.72 -0.75 23.63
C GLU C 370 -14.32 -1.10 23.15
N TYR C 371 -13.89 -2.35 23.34
CA TYR C 371 -12.59 -2.78 22.81
C TYR C 371 -12.61 -3.16 21.32
N LEU C 372 -13.78 -3.45 20.78
CA LEU C 372 -13.88 -3.96 19.41
C LEU C 372 -13.80 -2.89 18.31
N ILE C 373 -13.05 -3.21 17.27
CA ILE C 373 -12.97 -2.38 16.08
C ILE C 373 -13.67 -3.13 14.95
N VAL C 374 -13.22 -4.36 14.70
CA VAL C 374 -13.84 -5.21 13.70
C VAL C 374 -14.19 -6.56 14.32
N GLN C 375 -15.43 -6.98 14.09
CA GLN C 375 -15.80 -8.33 14.48
C GLN C 375 -16.87 -8.90 13.55
N GLY C 376 -16.71 -10.16 13.19
CA GLY C 376 -17.68 -10.85 12.35
C GLY C 376 -17.97 -10.15 11.03
N GLY C 377 -16.93 -9.68 10.35
CA GLY C 377 -17.11 -9.14 9.01
C GLY C 377 -17.73 -7.76 8.95
N ALA C 378 -17.69 -7.03 10.05
CA ALA C 378 -18.18 -5.66 10.05
C ALA C 378 -17.46 -4.84 11.11
N LEU C 379 -17.47 -3.51 10.96
CA LEU C 379 -17.15 -2.61 12.04
C LEU C 379 -18.08 -2.90 13.20
N ALA C 380 -17.54 -2.91 14.41
CA ALA C 380 -18.34 -3.20 15.60
C ALA C 380 -17.85 -2.31 16.76
N GLY C 381 -18.69 -2.13 17.77
CA GLY C 381 -18.31 -1.41 18.97
C GLY C 381 -17.74 -0.05 18.66
N THR C 382 -16.55 0.20 19.19
CA THR C 382 -15.87 1.48 19.00
C THR C 382 -15.57 1.69 17.52
N GLY C 383 -15.38 0.60 16.79
CA GLY C 383 -15.09 0.68 15.36
C GLY C 383 -16.22 1.36 14.59
N ALA C 384 -17.45 0.92 14.86
CA ALA C 384 -18.63 1.51 14.25
C ALA C 384 -18.76 2.98 14.63
N HIS C 385 -18.41 3.30 15.87
CA HIS C 385 -18.56 4.66 16.36
C HIS C 385 -17.55 5.61 15.73
N SER C 386 -16.27 5.23 15.79
CA SER C 386 -15.21 6.16 15.44
C SER C 386 -14.53 5.95 14.08
N TYR C 387 -14.81 4.86 13.39
CA TYR C 387 -14.07 4.59 12.17
C TYR C 387 -14.97 4.54 10.95
N SER C 388 -14.36 4.39 9.79
CA SER C 388 -15.09 4.00 8.58
C SER C 388 -14.27 2.92 7.88
N LYS C 389 -14.92 2.12 7.05
CA LYS C 389 -14.22 1.02 6.37
C LYS C 389 -13.19 1.57 5.37
N GLY C 390 -12.12 0.83 5.17
CA GLY C 390 -11.11 1.24 4.22
C GLY C 390 -9.74 0.81 4.66
N ASN C 391 -8.72 1.20 3.88
CA ASN C 391 -7.34 0.82 4.09
C ASN C 391 -6.41 2.03 4.21
N ALA C 392 -5.83 2.23 5.40
CA ALA C 392 -4.94 3.36 5.67
C ALA C 392 -3.45 3.00 5.66
N THR C 393 -3.12 1.75 5.38
CA THR C 393 -1.73 1.31 5.54
C THR C 393 -0.87 1.56 4.30
N GLY C 394 -1.47 2.12 3.25
CA GLY C 394 -0.73 2.45 2.04
C GLY C 394 0.46 3.37 2.30
N GLY C 395 1.63 2.93 1.86
CA GLY C 395 2.87 3.67 2.05
C GLY C 395 3.64 3.30 3.31
N SER C 396 3.16 2.28 4.03
CA SER C 396 3.80 1.91 5.29
C SER C 396 5.09 1.14 5.12
N GLU C 397 5.31 0.59 3.92
CA GLU C 397 6.49 -0.24 3.65
C GLU C 397 7.77 0.59 3.63
N GLY D 4 13.32 72.25 36.82
CA GLY D 4 13.11 72.33 35.39
C GLY D 4 11.92 71.53 34.87
N SER D 5 11.60 71.72 33.60
CA SER D 5 10.48 71.05 32.99
C SER D 5 10.87 69.88 32.09
N MET D 6 12.16 69.71 31.87
CA MET D 6 12.62 68.71 30.92
C MET D 6 13.43 67.69 31.67
N ALA D 7 13.11 66.41 31.44
CA ALA D 7 13.66 65.32 32.23
C ALA D 7 14.55 64.43 31.38
N LYS D 8 15.50 63.79 32.04
CA LYS D 8 16.25 62.73 31.41
C LYS D 8 15.69 61.36 31.81
N ILE D 9 15.20 60.59 30.84
CA ILE D 9 14.69 59.24 31.13
C ILE D 9 15.72 58.25 30.64
N LEU D 10 16.21 57.46 31.57
CA LEU D 10 17.24 56.48 31.32
C LEU D 10 16.65 55.07 31.35
N CYS D 11 16.72 54.36 30.24
CA CYS D 11 16.03 53.09 30.11
C CYS D 11 16.96 51.94 29.77
N VAL D 12 17.00 50.92 30.63
CA VAL D 12 17.87 49.78 30.37
C VAL D 12 17.06 48.59 29.87
N LEU D 13 17.41 48.13 28.68
CA LEU D 13 16.68 47.04 28.01
C LEU D 13 17.66 45.97 27.55
N TYR D 14 17.19 44.75 27.29
CA TYR D 14 18.11 43.69 26.87
C TYR D 14 18.49 43.81 25.41
N ASP D 15 19.57 43.14 25.04
CA ASP D 15 20.13 43.20 23.71
C ASP D 15 19.11 42.81 22.65
N ASP D 16 19.24 43.38 21.45
CA ASP D 16 18.46 42.91 20.30
C ASP D 16 18.79 41.46 19.96
N PRO D 17 17.92 40.78 19.18
CA PRO D 17 18.27 39.43 18.71
C PRO D 17 19.57 39.46 17.89
N VAL D 18 20.30 38.35 17.86
CA VAL D 18 21.61 38.29 17.19
C VAL D 18 21.54 38.61 15.68
N ASP D 19 20.46 38.24 14.99
CA ASP D 19 20.35 38.58 13.58
C ASP D 19 19.78 39.97 13.39
N GLY D 20 19.55 40.68 14.49
CA GLY D 20 19.02 42.02 14.40
C GLY D 20 17.57 42.13 14.85
N TYR D 21 17.13 43.37 15.02
CA TYR D 21 15.78 43.63 15.43
C TYR D 21 14.81 43.21 14.32
N PRO D 22 13.81 42.39 14.68
CA PRO D 22 12.91 41.86 13.66
C PRO D 22 11.97 42.94 13.16
N LYS D 23 11.66 43.03 11.87
CA LYS D 23 10.53 43.88 11.50
C LYS D 23 9.30 43.08 11.07
N THR D 24 9.37 41.74 11.13
CA THR D 24 8.14 40.97 11.01
C THR D 24 8.04 39.90 12.10
N TYR D 25 6.81 39.50 12.38
CA TYR D 25 6.53 38.54 13.45
C TYR D 25 5.65 37.39 12.97
N ALA D 26 5.58 36.34 13.76
CA ALA D 26 4.83 35.14 13.36
C ALA D 26 3.33 35.39 13.16
N ARG D 27 2.78 36.37 13.86
CA ARG D 27 1.33 36.59 13.81
C ARG D 27 0.96 38.06 13.70
N ASP D 28 -0.29 38.32 13.35
CA ASP D 28 -0.72 39.69 13.05
C ASP D 28 -0.97 40.53 14.31
N ASP D 29 -1.69 39.95 15.26
CA ASP D 29 -2.06 40.65 16.50
C ASP D 29 -2.12 39.72 17.71
N LEU D 30 -2.19 40.31 18.90
CA LEU D 30 -2.38 39.59 20.16
C LEU D 30 -3.84 39.42 20.59
N PRO D 31 -4.14 38.30 21.26
CA PRO D 31 -5.45 38.10 21.90
C PRO D 31 -5.79 39.23 22.87
N LYS D 32 -7.07 39.55 22.93
CA LYS D 32 -7.53 40.59 23.82
C LYS D 32 -7.80 39.99 25.19
N ILE D 33 -7.24 40.61 26.23
CA ILE D 33 -7.43 40.15 27.60
C ILE D 33 -8.31 41.16 28.31
N ASP D 34 -9.36 40.67 28.96
CA ASP D 34 -10.40 41.54 29.48
C ASP D 34 -10.02 42.20 30.81
N HIS D 35 -9.53 41.41 31.76
CA HIS D 35 -8.97 41.93 33.00
C HIS D 35 -8.06 40.86 33.59
N TYR D 36 -7.45 41.13 34.74
CA TYR D 36 -6.68 40.12 35.49
C TYR D 36 -7.64 39.38 36.41
N PRO D 37 -7.31 38.14 36.78
CA PRO D 37 -8.13 37.41 37.75
C PRO D 37 -8.23 38.14 39.09
N GLY D 38 -9.46 38.30 39.60
CA GLY D 38 -9.65 39.03 40.84
C GLY D 38 -10.08 40.47 40.59
N GLY D 39 -10.05 40.87 39.32
CA GLY D 39 -10.64 42.12 38.87
C GLY D 39 -9.77 43.31 38.45
N GLN D 40 -8.50 43.36 38.85
CA GLN D 40 -7.62 44.46 38.42
C GLN D 40 -7.63 44.63 36.90
N THR D 41 -7.80 45.88 36.47
CA THR D 41 -7.84 46.16 35.05
C THR D 41 -6.44 46.18 34.45
N LEU D 42 -6.37 45.88 33.16
CA LEU D 42 -5.13 46.02 32.40
C LEU D 42 -4.73 47.49 32.34
N PRO D 43 -3.45 47.77 32.01
CA PRO D 43 -3.02 49.18 31.96
C PRO D 43 -3.88 50.05 31.04
N THR D 44 -4.07 51.29 31.45
CA THR D 44 -4.89 52.23 30.69
C THR D 44 -4.14 53.51 30.31
N PRO D 45 -3.13 53.39 29.46
CA PRO D 45 -2.48 54.64 29.03
C PRO D 45 -3.40 55.42 28.10
N LYS D 46 -3.19 56.73 27.98
CA LYS D 46 -4.01 57.55 27.11
C LYS D 46 -3.86 57.11 25.67
N ALA D 47 -2.64 56.79 25.29
CA ALA D 47 -2.34 56.28 23.97
C ALA D 47 -1.07 55.43 24.02
N ILE D 48 -0.86 54.63 22.99
CA ILE D 48 0.40 53.92 22.78
C ILE D 48 0.96 54.09 21.37
N ASP D 49 2.28 54.12 21.27
CA ASP D 49 2.97 54.31 20.01
C ASP D 49 3.51 53.00 19.44
N PHE D 50 2.99 51.87 19.90
CA PHE D 50 3.43 50.58 19.37
C PHE D 50 2.25 49.70 19.01
N THR D 51 2.52 48.64 18.24
CA THR D 51 1.52 47.62 17.99
C THR D 51 1.78 46.43 18.91
N PRO D 52 0.78 46.03 19.70
CA PRO D 52 0.93 44.84 20.55
C PRO D 52 1.38 43.65 19.72
N GLY D 53 2.40 42.94 20.18
CA GLY D 53 2.98 41.87 19.40
C GLY D 53 4.37 42.21 18.89
N GLN D 54 4.76 43.49 18.99
CA GLN D 54 6.13 43.89 18.66
C GLN D 54 7.10 43.56 19.78
N LEU D 55 8.38 43.40 19.45
CA LEU D 55 9.38 43.18 20.49
C LEU D 55 9.70 44.55 21.12
N LEU D 56 9.23 44.75 22.35
CA LEU D 56 9.36 46.05 23.00
C LEU D 56 10.44 46.15 24.06
N GLY D 57 10.92 45.00 24.52
CA GLY D 57 11.80 44.93 25.67
C GLY D 57 13.27 44.94 25.32
N SER D 58 13.57 44.94 24.02
CA SER D 58 14.97 44.99 23.65
C SER D 58 15.31 46.45 23.31
N VAL D 59 16.58 46.75 23.09
CA VAL D 59 16.99 48.16 22.98
C VAL D 59 16.33 48.89 21.82
N SER D 60 16.14 48.21 20.70
CA SER D 60 15.51 48.84 19.55
C SER D 60 14.01 49.02 19.73
N GLY D 61 13.41 48.27 20.65
CA GLY D 61 11.99 48.42 20.94
C GLY D 61 11.65 49.63 21.79
N GLU D 62 12.53 49.93 22.73
CA GLU D 62 12.44 51.13 23.58
C GLU D 62 11.14 51.26 24.36
N LEU D 63 10.48 50.13 24.57
CA LEU D 63 9.18 50.07 25.24
C LEU D 63 8.16 50.99 24.58
N GLY D 64 8.39 51.32 23.32
CA GLY D 64 7.54 52.25 22.60
C GLY D 64 7.44 53.64 23.20
N LEU D 65 8.47 54.07 23.93
CA LEU D 65 8.39 55.35 24.65
C LEU D 65 8.98 56.58 23.99
N ARG D 66 9.81 56.41 22.96
CA ARG D 66 10.63 57.53 22.49
C ARG D 66 9.80 58.72 21.97
N LYS D 67 8.84 58.42 21.11
CA LYS D 67 8.04 59.46 20.47
C LYS D 67 7.30 60.29 21.52
N TYR D 68 6.67 59.62 22.47
CA TYR D 68 5.96 60.28 23.54
C TYR D 68 6.85 61.17 24.38
N LEU D 69 8.03 60.68 24.74
CA LEU D 69 8.90 61.43 25.64
C LEU D 69 9.52 62.65 24.95
N GLU D 70 10.09 62.45 23.77
CA GLU D 70 10.76 63.53 23.06
C GLU D 70 9.79 64.61 22.56
N ALA D 71 8.55 64.22 22.28
CA ALA D 71 7.53 65.18 21.87
C ALA D 71 7.18 66.11 23.03
N ASN D 72 7.45 65.65 24.25
CA ASN D 72 7.25 66.45 25.45
C ASN D 72 8.54 67.13 25.91
N GLY D 73 9.58 67.06 25.07
CA GLY D 73 10.84 67.74 25.30
C GLY D 73 11.81 67.05 26.24
N HIS D 74 11.51 65.80 26.60
CA HIS D 74 12.41 65.00 27.44
C HIS D 74 13.53 64.35 26.65
N THR D 75 14.62 64.03 27.34
CA THR D 75 15.69 63.25 26.75
C THR D 75 15.53 61.76 27.13
N PHE D 76 15.65 60.88 26.13
CA PHE D 76 15.42 59.45 26.35
C PHE D 76 16.68 58.67 26.02
N VAL D 77 17.31 58.09 27.03
CA VAL D 77 18.51 57.30 26.77
C VAL D 77 18.24 55.81 26.99
N VAL D 78 18.51 55.00 25.98
CA VAL D 78 18.27 53.56 26.03
C VAL D 78 19.57 52.79 25.90
N THR D 79 19.79 51.84 26.80
CA THR D 79 21.02 51.06 26.73
C THR D 79 20.81 49.66 27.29
N SER D 80 21.63 48.72 26.84
CA SER D 80 21.75 47.43 27.48
C SER D 80 22.95 47.32 28.40
N ASP D 81 23.82 48.33 28.38
CA ASP D 81 25.08 48.21 29.12
C ASP D 81 24.88 48.70 30.55
N LYS D 82 24.68 47.73 31.42
CA LYS D 82 24.26 47.97 32.80
C LYS D 82 25.35 47.62 33.81
N ASP D 83 26.40 46.96 33.35
CA ASP D 83 27.31 46.28 34.25
C ASP D 83 28.61 47.04 34.46
N GLY D 84 28.96 47.28 35.71
CA GLY D 84 30.24 47.91 36.01
C GLY D 84 30.12 49.38 36.36
N PRO D 85 31.22 49.94 36.88
CA PRO D 85 31.32 51.38 37.17
C PRO D 85 31.41 52.13 35.85
N ASP D 86 31.84 51.40 34.82
CA ASP D 86 32.10 51.95 33.50
C ASP D 86 30.91 51.89 32.54
N SER D 87 29.81 51.29 32.96
CA SER D 87 28.68 51.08 32.05
C SER D 87 28.09 52.40 31.57
N VAL D 88 27.49 52.35 30.38
CA VAL D 88 26.73 53.47 29.88
C VAL D 88 25.68 53.85 30.91
N PHE D 89 25.09 52.82 31.53
CA PHE D 89 24.05 53.05 32.52
C PHE D 89 24.55 53.92 33.67
N GLU D 90 25.73 53.62 34.21
CA GLU D 90 26.19 54.33 35.41
C GLU D 90 26.67 55.73 35.10
N LYS D 91 27.14 55.95 33.88
CA LYS D 91 27.52 57.29 33.46
C LYS D 91 26.30 58.18 33.34
N GLU D 92 25.26 57.66 32.72
CA GLU D 92 24.03 58.41 32.48
C GLU D 92 23.20 58.56 33.75
N LEU D 93 23.45 57.72 34.74
CA LEU D 93 22.62 57.67 35.92
C LEU D 93 22.72 58.92 36.83
N VAL D 94 23.89 59.53 36.86
CA VAL D 94 24.13 60.64 37.78
C VAL D 94 23.11 61.81 37.62
N ASP D 95 22.78 62.16 36.38
CA ASP D 95 21.77 63.21 36.15
C ASP D 95 20.37 62.72 35.75
N ALA D 96 20.13 61.41 35.74
CA ALA D 96 18.83 60.90 35.32
C ALA D 96 17.69 61.27 36.28
N ASP D 97 16.57 61.71 35.72
CA ASP D 97 15.37 61.93 36.50
C ASP D 97 14.54 60.65 36.69
N VAL D 98 14.50 59.82 35.67
CA VAL D 98 13.72 58.58 35.67
C VAL D 98 14.58 57.42 35.21
N VAL D 99 14.53 56.31 35.95
CA VAL D 99 15.18 55.09 35.50
C VAL D 99 14.13 53.98 35.29
N ILE D 100 14.21 53.33 34.13
CA ILE D 100 13.34 52.19 33.79
C ILE D 100 14.20 50.95 33.52
N SER D 101 13.91 49.83 34.18
CA SER D 101 14.47 48.54 33.75
C SER D 101 13.49 47.38 33.99
N GLN D 102 13.84 46.21 33.44
CA GLN D 102 13.04 44.99 33.59
C GLN D 102 13.79 44.03 34.50
N PRO D 103 13.06 43.21 35.29
CA PRO D 103 13.73 42.23 36.16
C PRO D 103 14.54 41.19 35.38
N PHE D 104 14.26 41.03 34.09
CA PHE D 104 14.99 40.06 33.25
C PHE D 104 16.39 40.55 32.87
N TRP D 105 16.58 41.87 32.87
CA TRP D 105 17.88 42.49 32.59
C TRP D 105 17.96 43.76 33.46
N PRO D 106 18.05 43.57 34.78
CA PRO D 106 17.79 44.66 35.73
C PRO D 106 18.92 45.67 35.87
N ALA D 107 18.57 46.95 35.96
CA ALA D 107 19.57 47.96 36.32
C ALA D 107 19.49 48.09 37.84
N TYR D 108 20.49 47.56 38.53
CA TYR D 108 20.39 47.49 39.99
C TYR D 108 20.47 48.87 40.63
N LEU D 109 19.47 49.27 41.41
CA LEU D 109 19.62 50.52 42.12
C LEU D 109 19.95 50.21 43.57
N THR D 110 21.26 50.16 43.83
CA THR D 110 21.83 49.96 45.13
C THR D 110 21.90 51.27 45.91
N PRO D 111 22.12 51.20 47.23
CA PRO D 111 22.38 52.40 48.03
C PRO D 111 23.50 53.27 47.43
N GLU D 112 24.58 52.64 46.96
CA GLU D 112 25.69 53.35 46.34
C GLU D 112 25.24 54.19 45.13
N ARG D 113 24.46 53.57 44.24
CA ARG D 113 24.01 54.21 43.01
C ARG D 113 22.94 55.27 43.24
N ILE D 114 22.07 55.01 44.20
CA ILE D 114 21.02 55.98 44.50
C ILE D 114 21.66 57.24 45.08
N ALA D 115 22.69 57.06 45.89
CA ALA D 115 23.44 58.20 46.41
C ALA D 115 24.10 58.96 45.25
N LYS D 116 24.58 58.22 44.26
CA LYS D 116 25.19 58.83 43.07
C LYS D 116 24.22 59.55 42.12
N ALA D 117 22.95 59.16 42.12
CA ALA D 117 22.01 59.76 41.17
C ALA D 117 21.31 60.95 41.80
N LYS D 118 21.80 62.14 41.46
CA LYS D 118 21.34 63.37 42.12
C LYS D 118 19.92 63.77 41.76
N ASN D 119 19.52 63.50 40.52
CA ASN D 119 18.21 63.94 40.06
C ASN D 119 17.06 62.93 40.15
N LEU D 120 17.32 61.72 40.63
CA LEU D 120 16.34 60.64 40.48
C LEU D 120 15.02 60.90 41.20
N LYS D 121 13.92 61.01 40.46
CA LYS D 121 12.62 61.11 41.11
C LYS D 121 11.73 59.88 40.97
N LEU D 122 11.99 59.04 39.98
CA LEU D 122 11.11 57.89 39.74
C LEU D 122 11.90 56.66 39.32
N ALA D 123 11.70 55.58 40.08
CA ALA D 123 12.25 54.28 39.73
C ALA D 123 11.13 53.36 39.27
N LEU D 124 11.14 53.00 37.99
CA LEU D 124 10.03 52.27 37.40
C LEU D 124 10.49 50.86 36.99
N THR D 125 9.78 49.85 37.48
CA THR D 125 10.05 48.47 37.07
C THR D 125 9.15 48.11 35.90
N ALA D 126 9.73 47.80 34.73
CA ALA D 126 8.84 47.37 33.64
C ALA D 126 8.74 45.87 33.80
N GLY D 127 7.70 45.46 34.52
CA GLY D 127 7.68 44.13 35.06
C GLY D 127 7.08 44.19 36.45
N ILE D 128 7.41 43.19 37.26
CA ILE D 128 6.89 43.07 38.61
C ILE D 128 8.06 43.02 39.58
N GLY D 129 7.94 43.71 40.72
CA GLY D 129 8.93 43.60 41.77
C GLY D 129 10.00 44.69 41.87
N SER D 130 10.34 45.03 43.10
CA SER D 130 11.32 46.07 43.37
C SER D 130 12.69 45.50 43.83
N ASP D 131 12.90 44.20 43.69
CA ASP D 131 14.07 43.56 44.32
C ASP D 131 15.45 44.02 43.80
N HIS D 132 15.49 44.70 42.66
CA HIS D 132 16.74 45.28 42.19
C HIS D 132 16.92 46.71 42.73
N VAL D 133 15.95 47.15 43.53
CA VAL D 133 15.98 48.48 44.16
C VAL D 133 16.06 48.46 45.68
N ASP D 134 16.98 49.23 46.26
CA ASP D 134 17.02 49.31 47.73
C ASP D 134 15.91 50.25 48.18
N LEU D 135 14.92 49.72 48.88
CA LEU D 135 13.73 50.51 49.19
C LEU D 135 13.97 51.54 50.28
N GLN D 136 14.94 51.29 51.15
CA GLN D 136 15.25 52.23 52.23
C GLN D 136 15.78 53.54 51.68
N SER D 137 16.71 53.46 50.73
CA SER D 137 17.28 54.66 50.13
C SER D 137 16.21 55.49 49.45
N ALA D 138 15.34 54.81 48.71
CA ALA D 138 14.26 55.48 48.00
C ALA D 138 13.34 56.21 48.98
N ILE D 139 13.02 55.56 50.09
CA ILE D 139 12.09 56.15 51.06
C ILE D 139 12.53 57.54 51.55
N ASP D 140 13.73 57.66 52.10
CA ASP D 140 14.19 58.95 52.61
C ASP D 140 14.58 59.94 51.52
N ARG D 141 14.97 59.45 50.35
CA ARG D 141 15.33 60.37 49.28
C ARG D 141 14.06 60.89 48.60
N GLY D 142 12.91 60.33 48.99
CA GLY D 142 11.64 60.73 48.43
C GLY D 142 11.41 60.26 47.00
N ILE D 143 12.11 59.21 46.60
CA ILE D 143 11.93 58.66 45.26
C ILE D 143 10.67 57.81 45.16
N THR D 144 9.89 58.00 44.10
CA THR D 144 8.76 57.12 43.85
C THR D 144 9.25 55.82 43.19
N VAL D 145 8.78 54.68 43.69
CA VAL D 145 9.09 53.39 43.10
C VAL D 145 7.80 52.69 42.65
N ALA D 146 7.77 52.28 41.39
CA ALA D 146 6.56 51.71 40.81
C ALA D 146 6.84 50.45 40.01
N GLU D 147 5.82 49.62 39.85
CA GLU D 147 5.91 48.38 39.09
C GLU D 147 4.63 48.20 38.31
N VAL D 148 4.63 47.37 37.27
CA VAL D 148 3.39 47.16 36.54
C VAL D 148 2.82 45.84 37.07
N THR D 149 1.96 45.99 38.07
CA THR D 149 1.42 44.88 38.82
C THR D 149 0.62 43.92 37.93
N TYR D 150 0.84 42.63 38.18
CA TYR D 150 0.10 41.55 37.51
C TYR D 150 0.39 41.44 35.98
N CYS D 151 1.27 42.27 35.44
CA CYS D 151 1.49 42.24 34.00
C CYS D 151 1.95 40.88 33.42
N ASN D 152 2.87 40.18 34.08
CA ASN D 152 3.30 38.85 33.58
C ASN D 152 2.97 37.61 34.44
N SER D 153 2.16 37.78 35.48
CA SER D 153 1.86 36.69 36.40
C SER D 153 1.33 35.42 35.71
N ILE D 154 0.39 35.59 34.77
CA ILE D 154 -0.20 34.45 34.08
C ILE D 154 0.83 33.83 33.14
N SER D 155 1.67 34.67 32.54
CA SER D 155 2.74 34.19 31.68
C SER D 155 3.67 33.24 32.44
N VAL D 156 4.01 33.62 33.66
CA VAL D 156 4.90 32.78 34.46
C VAL D 156 4.18 31.48 34.87
N ALA D 157 2.91 31.57 35.24
CA ALA D 157 2.11 30.39 35.57
C ALA D 157 2.04 29.39 34.42
N GLU D 158 1.81 29.87 33.19
CA GLU D 158 1.81 28.98 32.02
C GLU D 158 3.16 28.30 31.90
N HIS D 159 4.23 29.07 32.08
CA HIS D 159 5.59 28.54 31.99
C HIS D 159 5.81 27.41 33.01
N VAL D 160 5.32 27.61 34.23
CA VAL D 160 5.42 26.59 35.27
C VAL D 160 4.74 25.27 34.87
N VAL D 161 3.50 25.35 34.41
CA VAL D 161 2.74 24.15 34.03
C VAL D 161 3.42 23.43 32.87
N MET D 162 3.87 24.22 31.91
CA MET D 162 4.59 23.66 30.78
C MET D 162 5.79 22.85 31.26
N MET D 163 6.51 23.37 32.25
CA MET D 163 7.73 22.70 32.70
C MET D 163 7.46 21.50 33.57
N ILE D 164 6.42 21.57 34.39
CA ILE D 164 6.03 20.44 35.19
C ILE D 164 5.74 19.27 34.24
N LEU D 165 4.91 19.51 33.24
CA LEU D 165 4.63 18.49 32.23
C LEU D 165 5.86 17.98 31.51
N GLY D 166 6.70 18.92 31.07
CA GLY D 166 7.94 18.60 30.37
C GLY D 166 8.84 17.67 31.16
N LEU D 167 8.96 17.92 32.45
CA LEU D 167 9.79 17.08 33.33
C LEU D 167 9.19 15.68 33.52
N VAL D 168 7.92 15.62 33.87
CA VAL D 168 7.31 14.36 34.20
C VAL D 168 7.24 13.43 33.00
N ARG D 169 6.95 14.00 31.83
CA ARG D 169 6.79 13.20 30.62
C ARG D 169 8.09 13.02 29.88
N ASN D 170 9.17 13.62 30.39
CA ASN D 170 10.51 13.48 29.80
C ASN D 170 10.57 14.05 28.39
N TYR D 171 9.99 15.24 28.21
CA TYR D 171 9.91 15.90 26.92
C TYR D 171 11.26 16.21 26.26
N ILE D 172 12.16 16.87 26.98
CA ILE D 172 13.39 17.38 26.35
C ILE D 172 14.28 16.24 25.80
N PRO D 173 14.59 15.20 26.60
CA PRO D 173 15.37 14.11 26.00
C PRO D 173 14.69 13.39 24.83
N SER D 174 13.37 13.31 24.87
CA SER D 174 12.64 12.63 23.80
C SER D 174 12.73 13.45 22.53
N HIS D 175 12.61 14.76 22.68
CA HIS D 175 12.75 15.67 21.56
C HIS D 175 14.12 15.54 20.90
N ASP D 176 15.13 15.28 21.73
CA ASP D 176 16.50 15.03 21.23
C ASP D 176 16.64 13.86 20.28
N TRP D 177 16.09 12.75 20.72
CA TRP D 177 16.14 11.54 19.93
C TRP D 177 15.52 11.78 18.58
N ALA D 178 14.42 12.52 18.52
CA ALA D 178 13.78 12.76 17.22
C ALA D 178 14.71 13.58 16.31
N ARG D 179 15.36 14.57 16.91
CA ARG D 179 16.26 15.42 16.13
C ARG D 179 17.53 14.75 15.66
N LYS D 180 18.07 13.84 16.46
CA LYS D 180 19.33 13.20 16.13
C LYS D 180 19.09 12.09 15.12
N GLY D 181 17.83 11.88 14.72
CA GLY D 181 17.53 10.84 13.75
C GLY D 181 17.19 9.48 14.36
N GLY D 182 16.95 9.45 15.67
CA GLY D 182 16.59 8.21 16.34
C GLY D 182 15.10 7.92 16.40
N TRP D 183 14.74 6.90 17.16
CA TRP D 183 13.34 6.61 17.45
C TRP D 183 13.30 6.29 18.92
N ASN D 184 13.89 5.15 19.27
CA ASN D 184 14.35 4.90 20.63
C ASN D 184 13.28 5.07 21.68
N ILE D 185 12.14 4.42 21.47
CA ILE D 185 11.00 4.54 22.37
C ILE D 185 11.36 4.20 23.81
N ALA D 186 12.05 3.07 24.01
CA ALA D 186 12.34 2.62 25.36
C ALA D 186 13.25 3.60 26.08
N ASP D 187 14.16 4.24 25.35
CA ASP D 187 15.07 5.19 25.95
C ASP D 187 14.33 6.44 26.42
N CYS D 188 13.32 6.85 25.67
CA CYS D 188 12.49 7.98 26.08
C CYS D 188 11.66 7.64 27.31
N VAL D 189 10.97 6.50 27.26
CA VAL D 189 9.90 6.28 28.23
C VAL D 189 10.36 5.56 29.48
N GLU D 190 11.61 5.10 29.51
CA GLU D 190 12.15 4.58 30.76
C GLU D 190 12.09 5.64 31.87
N HIS D 191 12.14 6.92 31.48
CA HIS D 191 12.01 8.06 32.42
C HIS D 191 10.66 8.83 32.33
N SER D 192 9.64 8.25 31.70
CA SER D 192 8.42 9.00 31.41
C SER D 192 7.17 8.52 32.19
N TYR D 193 6.51 9.46 32.89
CA TYR D 193 5.30 9.16 33.67
C TYR D 193 4.13 10.10 33.31
N ASP D 194 2.91 9.69 33.62
CA ASP D 194 1.76 10.58 33.52
C ASP D 194 1.69 11.46 34.74
N LEU D 195 1.20 12.69 34.57
CA LEU D 195 1.00 13.58 35.70
C LEU D 195 -0.21 13.15 36.53
N GLU D 196 -1.22 12.56 35.85
CA GLU D 196 -2.48 12.18 36.47
C GLU D 196 -2.27 11.38 37.76
N GLY D 197 -2.90 11.81 38.85
CA GLY D 197 -2.83 11.09 40.11
C GLY D 197 -1.68 11.51 41.01
N MET D 198 -0.71 12.25 40.45
CA MET D 198 0.42 12.73 41.26
C MET D 198 0.05 13.82 42.25
N THR D 199 0.92 14.04 43.23
CA THR D 199 0.71 15.13 44.17
C THR D 199 1.64 16.28 43.83
N VAL D 200 1.07 17.46 43.67
CA VAL D 200 1.87 18.65 43.41
C VAL D 200 1.76 19.63 44.57
N GLY D 201 2.89 19.99 45.16
CA GLY D 201 2.87 21.04 46.16
C GLY D 201 3.37 22.38 45.64
N SER D 202 2.82 23.47 46.15
CA SER D 202 3.39 24.79 45.86
C SER D 202 3.73 25.47 47.18
N VAL D 203 4.97 25.95 47.28
CA VAL D 203 5.36 26.80 48.38
C VAL D 203 4.96 28.23 48.02
N ALA D 204 4.08 28.86 48.82
CA ALA D 204 3.53 30.19 48.48
C ALA D 204 2.54 30.20 47.32
N ALA D 205 1.24 30.28 47.60
CA ALA D 205 0.33 30.62 46.51
C ALA D 205 -0.07 32.10 46.51
N GLY D 206 0.65 32.88 45.68
CA GLY D 206 0.35 34.27 45.41
C GLY D 206 -0.36 34.37 44.07
N ARG D 207 -0.14 35.44 43.32
CA ARG D 207 -0.77 35.59 42.02
C ARG D 207 -0.32 34.49 41.05
N ILE D 208 0.98 34.22 41.01
CA ILE D 208 1.50 33.17 40.15
C ILE D 208 1.07 31.80 40.65
N GLY D 209 1.28 31.57 41.94
CA GLY D 209 0.97 30.29 42.55
C GLY D 209 -0.47 29.88 42.39
N LEU D 210 -1.40 30.81 42.62
CA LEU D 210 -2.82 30.49 42.48
C LEU D 210 -3.16 30.16 41.03
N ALA D 211 -2.59 30.92 40.09
CA ALA D 211 -2.84 30.67 38.67
C ALA D 211 -2.32 29.28 38.26
N VAL D 212 -1.19 28.85 38.85
CA VAL D 212 -0.67 27.52 38.59
C VAL D 212 -1.66 26.47 39.12
N LEU D 213 -2.12 26.64 40.35
CA LEU D 213 -3.06 25.69 40.95
C LEU D 213 -4.34 25.55 40.15
N ARG D 214 -4.85 26.68 39.67
CA ARG D 214 -6.05 26.66 38.86
C ARG D 214 -5.83 25.86 37.58
N ARG D 215 -4.67 26.01 36.97
CA ARG D 215 -4.38 25.30 35.74
C ARG D 215 -4.10 23.81 35.96
N LEU D 216 -3.63 23.45 37.15
CA LEU D 216 -3.33 22.05 37.43
C LEU D 216 -4.57 21.24 37.83
N ALA D 217 -5.61 21.92 38.30
CA ALA D 217 -6.81 21.25 38.80
C ALA D 217 -7.45 20.22 37.82
N PRO D 218 -7.66 20.58 36.53
CA PRO D 218 -8.28 19.58 35.62
C PRO D 218 -7.37 18.40 35.25
N PHE D 219 -6.09 18.46 35.62
CA PHE D 219 -5.21 17.34 35.35
C PHE D 219 -5.37 16.19 36.35
N ASP D 220 -6.31 16.35 37.28
CA ASP D 220 -6.61 15.34 38.31
C ASP D 220 -5.39 15.02 39.13
N VAL D 221 -4.72 16.04 39.62
CA VAL D 221 -3.66 15.84 40.58
C VAL D 221 -4.15 16.19 41.97
N LYS D 222 -3.36 15.85 42.98
CA LYS D 222 -3.61 16.29 44.34
C LYS D 222 -2.82 17.56 44.58
N LEU D 223 -3.48 18.58 45.09
CA LEU D 223 -2.84 19.88 45.24
C LEU D 223 -2.60 20.20 46.71
N HIS D 224 -1.33 20.41 47.04
CA HIS D 224 -0.96 20.81 48.38
C HIS D 224 -0.33 22.19 48.30
N TYR D 225 -0.45 22.96 49.36
CA TYR D 225 0.24 24.23 49.39
C TYR D 225 0.50 24.66 50.82
N THR D 226 1.47 25.55 50.94
CA THR D 226 1.72 26.22 52.18
C THR D 226 2.03 27.66 51.80
N ASP D 227 1.89 28.56 52.77
CA ASP D 227 2.07 29.98 52.57
C ASP D 227 2.02 30.58 53.95
N ARG D 228 2.50 31.80 54.10
CA ARG D 228 2.35 32.47 55.37
C ARG D 228 0.87 32.66 55.78
N HIS D 229 -0.01 32.89 54.80
CA HIS D 229 -1.45 33.01 55.01
C HIS D 229 -2.27 31.98 54.20
N ARG D 230 -3.25 31.32 54.82
CA ARG D 230 -4.09 30.36 54.11
C ARG D 230 -4.99 31.13 53.14
N LEU D 231 -5.29 30.53 52.00
CA LEU D 231 -6.25 31.09 51.06
C LEU D 231 -7.68 31.03 51.64
N PRO D 232 -8.60 31.88 51.14
CA PRO D 232 -9.99 31.77 51.58
C PRO D 232 -10.59 30.37 51.38
N GLU D 233 -11.51 30.00 52.27
CA GLU D 233 -12.08 28.66 52.28
C GLU D 233 -12.79 28.29 50.98
N ALA D 234 -13.44 29.26 50.35
CA ALA D 234 -14.14 29.00 49.10
C ALA D 234 -13.14 28.53 48.06
N VAL D 235 -11.98 29.17 48.04
CA VAL D 235 -10.92 28.82 47.10
C VAL D 235 -10.30 27.44 47.40
N GLU D 236 -10.06 27.13 48.67
CA GLU D 236 -9.53 25.81 49.02
C GLU D 236 -10.49 24.70 48.57
N LYS D 237 -11.78 24.94 48.77
CA LYS D 237 -12.80 23.95 48.41
C LYS D 237 -13.00 23.89 46.90
N GLU D 238 -13.03 25.03 46.22
CA GLU D 238 -13.15 25.03 44.77
C GLU D 238 -12.05 24.15 44.15
N LEU D 239 -10.82 24.24 44.66
CA LEU D 239 -9.67 23.53 44.09
C LEU D 239 -9.25 22.25 44.81
N GLY D 240 -9.96 21.90 45.88
CA GLY D 240 -9.59 20.75 46.69
C GLY D 240 -8.18 20.82 47.27
N LEU D 241 -7.77 22.00 47.70
CA LEU D 241 -6.42 22.25 48.22
C LEU D 241 -6.17 21.65 49.58
N VAL D 242 -4.97 21.11 49.78
CA VAL D 242 -4.56 20.63 51.10
C VAL D 242 -3.51 21.55 51.74
N TRP D 243 -3.86 22.14 52.88
CA TRP D 243 -3.00 23.08 53.58
C TRP D 243 -1.93 22.40 54.46
N HIS D 244 -0.72 22.95 54.43
CA HIS D 244 0.33 22.58 55.37
C HIS D 244 0.87 23.83 56.06
N ASP D 245 1.18 23.71 57.34
CA ASP D 245 1.67 24.86 58.13
C ASP D 245 3.09 25.25 57.81
N THR D 246 3.93 24.27 57.53
CA THR D 246 5.31 24.54 57.16
C THR D 246 5.64 23.82 55.86
N ARG D 247 6.66 24.31 55.16
CA ARG D 247 7.09 23.72 53.89
C ARG D 247 7.66 22.31 54.11
N GLU D 248 8.26 22.09 55.27
CA GLU D 248 8.85 20.79 55.59
C GLU D 248 7.78 19.71 55.83
N ASP D 249 6.61 20.11 56.32
CA ASP D 249 5.49 19.18 56.46
C ASP D 249 4.97 18.71 55.10
N MET D 250 5.10 19.58 54.10
CA MET D 250 4.54 19.31 52.79
C MET D 250 5.40 18.40 51.92
N TYR D 251 6.72 18.59 51.93
CA TYR D 251 7.62 17.88 51.01
C TYR D 251 7.43 16.36 50.89
N PRO D 252 7.24 15.63 52.02
CA PRO D 252 7.15 14.18 51.85
C PRO D 252 5.94 13.71 51.04
N HIS D 253 4.93 14.56 50.94
CA HIS D 253 3.71 14.18 50.23
C HIS D 253 3.82 14.34 48.72
N CYS D 254 4.83 15.09 48.28
CA CYS D 254 4.82 15.65 46.93
C CYS D 254 5.67 14.91 45.91
N ASP D 255 5.06 14.62 44.76
CA ASP D 255 5.81 14.17 43.60
C ASP D 255 6.45 15.36 42.89
N VAL D 256 5.76 16.48 42.90
CA VAL D 256 6.23 17.70 42.24
C VAL D 256 6.15 18.85 43.23
N VAL D 257 7.21 19.63 43.33
CA VAL D 257 7.19 20.85 44.14
C VAL D 257 7.52 22.04 43.27
N THR D 258 6.67 23.06 43.31
CA THR D 258 6.94 24.31 42.59
C THR D 258 7.14 25.44 43.60
N LEU D 259 8.20 26.23 43.39
CA LEU D 259 8.59 27.30 44.32
C LEU D 259 8.12 28.68 43.90
N ASN D 260 7.22 29.29 44.69
CA ASN D 260 6.72 30.65 44.47
C ASN D 260 7.13 31.69 45.52
N VAL D 261 8.07 31.36 46.39
CA VAL D 261 8.29 32.16 47.57
C VAL D 261 9.36 33.22 47.25
N PRO D 262 9.24 34.42 47.85
CA PRO D 262 10.30 35.42 47.63
C PRO D 262 11.62 35.01 48.28
N LEU D 263 12.71 35.59 47.80
CA LEU D 263 14.04 35.32 48.33
C LEU D 263 14.47 36.30 49.42
N HIS D 264 14.86 35.75 50.56
CA HIS D 264 15.50 36.50 51.64
C HIS D 264 16.24 35.46 52.51
N PRO D 265 17.02 35.89 53.50
CA PRO D 265 17.88 34.92 54.21
C PRO D 265 17.15 33.72 54.86
N GLU D 266 15.90 33.92 55.26
CA GLU D 266 15.08 32.83 55.77
C GLU D 266 14.81 31.76 54.69
N THR D 267 14.63 32.20 53.45
CA THR D 267 14.30 31.27 52.37
C THR D 267 15.54 30.92 51.54
N GLU D 268 16.66 31.58 51.86
CA GLU D 268 17.91 31.36 51.14
C GLU D 268 18.35 29.91 51.25
N HIS D 269 18.65 29.30 50.12
CA HIS D 269 19.04 27.89 50.06
C HIS D 269 18.11 26.98 50.84
N MET D 270 16.81 27.28 50.84
CA MET D 270 15.84 26.47 51.56
C MET D 270 15.73 25.06 50.97
N ILE D 271 16.22 24.90 49.74
CA ILE D 271 16.40 23.58 49.14
C ILE D 271 17.88 23.21 49.22
N ASN D 272 18.22 22.25 50.07
CA ASN D 272 19.61 21.90 50.36
C ASN D 272 19.74 20.41 50.60
N ASP D 273 20.97 19.94 50.83
CA ASP D 273 21.24 18.50 51.00
C ASP D 273 20.36 17.88 52.10
N GLU D 274 20.17 18.62 53.19
CA GLU D 274 19.38 18.14 54.33
C GLU D 274 17.90 18.12 54.04
N THR D 275 17.40 19.22 53.49
CA THR D 275 15.96 19.33 53.27
C THR D 275 15.51 18.47 52.07
N LEU D 276 16.42 18.19 51.14
CA LEU D 276 16.09 17.35 50.00
C LEU D 276 15.83 15.90 50.43
N LYS D 277 16.40 15.50 51.56
CA LYS D 277 16.18 14.15 52.09
C LYS D 277 14.73 13.92 52.50
N LEU D 278 13.97 15.00 52.69
CA LEU D 278 12.57 14.86 53.06
C LEU D 278 11.70 14.56 51.82
N PHE D 279 12.29 14.69 50.63
CA PHE D 279 11.53 14.47 49.39
C PHE D 279 11.46 12.98 49.05
N LYS D 280 10.35 12.57 48.45
CA LYS D 280 10.26 11.23 47.87
C LYS D 280 11.38 11.04 46.86
N ARG D 281 11.85 9.81 46.71
CA ARG D 281 12.80 9.50 45.67
C ARG D 281 12.13 9.71 44.32
N GLY D 282 12.83 10.37 43.40
CA GLY D 282 12.30 10.66 42.09
C GLY D 282 11.32 11.85 42.05
N ALA D 283 11.41 12.73 43.04
CA ALA D 283 10.60 13.94 43.05
C ALA D 283 11.06 14.91 41.95
N TYR D 284 10.17 15.84 41.56
CA TYR D 284 10.53 16.87 40.59
C TYR D 284 10.47 18.27 41.21
N ILE D 285 11.40 19.14 40.85
CA ILE D 285 11.29 20.54 41.30
C ILE D 285 11.26 21.51 40.13
N VAL D 286 10.26 22.38 40.15
CA VAL D 286 10.20 23.50 39.22
C VAL D 286 10.35 24.80 40.01
N ASN D 287 11.31 25.64 39.63
CA ASN D 287 11.57 26.89 40.33
C ASN D 287 11.64 28.07 39.36
N THR D 288 10.57 28.85 39.30
CA THR D 288 10.55 30.09 38.54
C THR D 288 10.63 31.32 39.45
N ALA D 289 10.85 31.10 40.74
CA ALA D 289 10.80 32.21 41.68
C ALA D 289 12.15 32.91 41.77
N ARG D 290 13.11 32.30 42.47
CA ARG D 290 14.45 32.89 42.54
C ARG D 290 15.49 31.77 42.57
N GLY D 291 16.57 31.95 41.82
CA GLY D 291 17.60 30.93 41.73
C GLY D 291 18.21 30.43 43.04
N LYS D 292 18.45 31.34 43.97
CA LYS D 292 19.16 30.99 45.20
C LYS D 292 18.27 30.33 46.26
N LEU D 293 16.99 30.12 45.96
CA LEU D 293 16.14 29.30 46.81
C LEU D 293 16.70 27.88 46.89
N ALA D 294 17.47 27.50 45.89
CA ALA D 294 18.04 26.17 45.81
C ALA D 294 19.56 26.25 45.79
N ASP D 295 20.20 25.49 46.67
CA ASP D 295 21.65 25.33 46.60
C ASP D 295 21.98 24.65 45.27
N ARG D 296 22.76 25.31 44.42
CA ARG D 296 22.96 24.81 43.05
C ARG D 296 23.60 23.40 43.06
N ASP D 297 24.54 23.18 43.97
CA ASP D 297 25.27 21.93 43.99
C ASP D 297 24.46 20.81 44.65
N ALA D 298 23.60 21.18 45.60
CA ALA D 298 22.72 20.21 46.23
C ALA D 298 21.75 19.59 45.21
N ILE D 299 21.26 20.43 44.30
CA ILE D 299 20.37 19.97 43.23
C ILE D 299 21.10 19.00 42.31
N VAL D 300 22.33 19.35 41.94
CA VAL D 300 23.12 18.50 41.04
C VAL D 300 23.37 17.12 41.67
N ARG D 301 23.69 17.10 42.96
CA ARG D 301 23.93 15.84 43.67
C ARG D 301 22.65 15.02 43.79
N ALA D 302 21.52 15.70 43.96
CA ALA D 302 20.23 15.01 44.07
C ALA D 302 19.80 14.41 42.71
N ILE D 303 20.17 15.09 41.62
CA ILE D 303 19.93 14.58 40.28
C ILE D 303 20.77 13.32 40.00
N GLU D 304 22.05 13.38 40.37
CA GLU D 304 22.97 12.26 40.18
C GLU D 304 22.63 11.07 41.09
N SER D 305 22.06 11.35 42.26
CA SER D 305 21.73 10.30 43.22
C SER D 305 20.34 9.69 43.02
N GLY D 306 19.53 10.30 42.15
CA GLY D 306 18.20 9.79 41.91
C GLY D 306 17.19 10.28 42.93
N GLN D 307 17.65 11.09 43.88
CA GLN D 307 16.74 11.74 44.81
C GLN D 307 15.76 12.66 44.06
N LEU D 308 16.26 13.33 43.02
CA LEU D 308 15.43 14.10 42.09
C LEU D 308 15.34 13.41 40.72
N ALA D 309 14.14 13.31 40.17
CA ALA D 309 13.98 12.79 38.81
C ALA D 309 14.03 13.92 37.78
N GLY D 310 14.04 15.17 38.24
CA GLY D 310 14.19 16.29 37.33
C GLY D 310 14.14 17.67 38.00
N TYR D 311 14.76 18.64 37.34
CA TYR D 311 14.74 20.02 37.82
C TYR D 311 14.55 20.97 36.65
N ALA D 312 13.64 21.92 36.79
CA ALA D 312 13.45 22.91 35.75
C ALA D 312 13.14 24.27 36.33
N GLY D 313 13.50 25.32 35.60
CA GLY D 313 13.10 26.67 35.95
C GLY D 313 13.75 27.62 34.98
N ASP D 314 13.38 28.89 35.01
CA ASP D 314 14.06 29.88 34.21
C ASP D 314 14.94 30.83 35.05
N VAL D 315 15.04 30.59 36.36
CA VAL D 315 15.82 31.50 37.23
C VAL D 315 17.10 30.84 37.72
N TRP D 316 18.17 31.63 37.76
CA TRP D 316 19.50 31.09 38.06
C TRP D 316 20.24 31.93 39.12
N PHE D 317 21.31 31.37 39.65
CA PHE D 317 22.28 32.17 40.39
C PHE D 317 23.68 31.76 39.98
N PRO D 318 24.52 32.75 39.65
CA PRO D 318 24.07 34.13 39.47
C PRO D 318 23.38 34.35 38.11
N GLN D 319 22.88 35.57 37.87
CA GLN D 319 22.25 35.89 36.58
C GLN D 319 22.90 37.11 35.92
N PRO D 320 23.12 37.04 34.59
CA PRO D 320 22.84 35.88 33.74
C PRO D 320 23.76 34.71 34.09
N ALA D 321 23.31 33.48 33.82
CA ALA D 321 24.12 32.33 34.18
C ALA D 321 25.39 32.29 33.35
N PRO D 322 26.53 32.05 33.99
CA PRO D 322 27.83 31.82 33.36
C PRO D 322 27.77 30.65 32.38
N LYS D 323 28.58 30.65 31.32
CA LYS D 323 28.55 29.55 30.34
C LYS D 323 28.78 28.17 30.93
N ASP D 324 29.52 28.10 32.03
CA ASP D 324 29.79 26.83 32.71
C ASP D 324 28.86 26.54 33.90
N HIS D 325 27.79 27.32 34.08
CA HIS D 325 26.86 27.04 35.19
C HIS D 325 26.41 25.58 35.13
N PRO D 326 26.52 24.85 36.26
CA PRO D 326 26.30 23.40 36.33
C PRO D 326 24.93 22.94 35.89
N TRP D 327 23.91 23.79 36.03
CA TRP D 327 22.55 23.41 35.63
C TRP D 327 22.35 23.31 34.12
N ARG D 328 23.26 23.93 33.37
CA ARG D 328 23.15 23.90 31.92
C ARG D 328 23.29 22.49 31.38
N THR D 329 24.25 21.76 31.95
CA THR D 329 24.61 20.46 31.39
C THR D 329 24.13 19.20 32.12
N MET D 330 23.47 19.34 33.28
CA MET D 330 23.10 18.14 34.04
C MET D 330 21.97 17.37 33.34
N LYS D 331 21.85 16.08 33.61
CA LYS D 331 20.76 15.31 33.01
C LYS D 331 19.45 15.60 33.73
N TRP D 332 18.34 15.37 33.02
CA TRP D 332 17.00 15.59 33.57
C TRP D 332 16.73 17.05 33.97
N GLU D 333 17.15 17.98 33.14
CA GLU D 333 16.84 19.39 33.41
C GLU D 333 15.93 19.96 32.33
N GLY D 334 15.06 20.88 32.75
CA GLY D 334 14.17 21.63 31.86
C GLY D 334 14.44 23.14 31.78
N MET D 335 15.67 23.57 32.01
CA MET D 335 15.99 25.01 32.13
C MET D 335 15.74 25.83 30.86
N THR D 336 15.32 27.08 31.04
CA THR D 336 15.36 28.09 29.98
C THR D 336 16.08 29.29 30.60
N PRO D 337 16.59 30.22 29.76
CA PRO D 337 17.11 31.47 30.34
C PRO D 337 15.99 32.24 31.02
N HIS D 338 16.24 33.39 31.64
CA HIS D 338 15.16 33.97 32.42
C HIS D 338 14.28 34.77 31.48
N ILE D 339 13.32 34.06 30.90
CA ILE D 339 12.41 34.60 29.91
C ILE D 339 10.90 34.57 30.22
N SER D 340 10.48 33.91 31.29
CA SER D 340 9.05 33.56 31.40
C SER D 340 8.12 34.78 31.46
N GLY D 341 8.56 35.86 32.10
CA GLY D 341 7.72 37.05 32.19
C GLY D 341 7.85 38.05 31.06
N THR D 342 8.73 37.76 30.11
CA THR D 342 8.97 38.66 28.99
C THR D 342 8.48 38.17 27.61
N SER D 343 7.50 37.28 27.58
CA SER D 343 6.86 36.97 26.29
C SER D 343 6.27 38.23 25.64
N LEU D 344 6.07 38.17 24.33
CA LEU D 344 5.55 39.30 23.60
C LEU D 344 4.20 39.76 24.12
N SER D 345 3.40 38.82 24.63
CA SER D 345 2.11 39.17 25.20
C SER D 345 2.26 40.00 26.47
N ALA D 346 3.20 39.61 27.32
CA ALA D 346 3.43 40.31 28.58
C ALA D 346 4.08 41.68 28.30
N GLN D 347 4.97 41.73 27.31
CA GLN D 347 5.68 42.97 26.99
C GLN D 347 4.70 44.07 26.62
N ALA D 348 3.67 43.73 25.86
CA ALA D 348 2.66 44.71 25.44
C ALA D 348 2.01 45.30 26.64
N ARG D 349 1.74 44.46 27.64
CA ARG D 349 1.07 44.91 28.85
C ARG D 349 1.98 45.77 29.74
N TYR D 350 3.23 45.36 29.94
CA TYR D 350 4.05 46.20 30.81
C TYR D 350 4.64 47.42 30.08
N ALA D 351 4.70 47.39 28.75
CA ALA D 351 5.06 48.62 28.02
C ALA D 351 3.91 49.63 28.15
N ALA D 352 2.68 49.13 28.03
CA ALA D 352 1.51 49.97 28.19
C ALA D 352 1.44 50.51 29.62
N GLY D 353 1.77 49.67 30.59
CA GLY D 353 1.75 50.08 31.98
C GLY D 353 2.80 51.12 32.32
N THR D 354 3.99 50.95 31.75
CA THR D 354 5.09 51.89 31.90
C THR D 354 4.66 53.26 31.38
N ARG D 355 4.05 53.28 30.22
CA ARG D 355 3.55 54.53 29.65
C ARG D 355 2.46 55.17 30.50
N GLU D 356 1.54 54.35 31.00
CA GLU D 356 0.46 54.84 31.85
C GLU D 356 1.03 55.52 33.09
N ILE D 357 2.04 54.92 33.69
CA ILE D 357 2.64 55.48 34.90
C ILE D 357 3.39 56.79 34.61
N LEU D 358 4.14 56.82 33.51
CA LEU D 358 4.88 58.00 33.09
C LEU D 358 3.94 59.17 32.77
N GLU D 359 2.88 58.90 32.01
CA GLU D 359 1.86 59.90 31.72
C GLU D 359 1.35 60.50 33.03
N CYS D 360 1.00 59.63 33.98
CA CYS D 360 0.56 60.09 35.30
C CYS D 360 1.62 60.95 35.98
N PHE D 361 2.86 60.48 35.95
CA PHE D 361 3.96 61.17 36.61
C PHE D 361 4.24 62.58 36.06
N PHE D 362 4.27 62.72 34.73
CA PHE D 362 4.59 64.00 34.09
C PHE D 362 3.40 64.98 34.03
N GLU D 363 2.19 64.47 34.21
CA GLU D 363 1.00 65.31 34.20
C GLU D 363 0.57 65.65 35.63
N GLY D 364 1.34 65.17 36.60
CA GLY D 364 1.05 65.42 38.00
C GLY D 364 -0.21 64.76 38.51
N ARG D 365 -0.69 63.74 37.81
CA ARG D 365 -1.81 62.94 38.29
C ARG D 365 -1.29 61.80 39.15
N PRO D 366 -2.09 61.33 40.11
CA PRO D 366 -1.63 60.21 40.96
C PRO D 366 -1.51 58.88 40.19
N ILE D 367 -0.41 58.19 40.44
CA ILE D 367 -0.17 56.83 39.94
C ILE D 367 -1.11 55.85 40.64
N ARG D 368 -1.61 54.85 39.92
CA ARG D 368 -2.44 53.80 40.53
C ARG D 368 -1.83 53.24 41.78
N ASP D 369 -2.65 53.14 42.82
CA ASP D 369 -2.20 52.62 44.10
C ASP D 369 -1.58 51.24 43.96
N GLU D 370 -2.18 50.37 43.15
CA GLU D 370 -1.66 49.02 43.02
C GLU D 370 -0.30 49.01 42.31
N TYR D 371 0.00 50.07 41.55
CA TYR D 371 1.31 50.16 40.90
C TYR D 371 2.39 50.63 41.85
N LEU D 372 1.98 51.34 42.90
CA LEU D 372 2.94 51.98 43.81
C LEU D 372 3.55 51.01 44.81
N ILE D 373 4.86 51.14 44.99
CA ILE D 373 5.62 50.43 46.01
C ILE D 373 6.03 51.44 47.08
N VAL D 374 6.74 52.47 46.65
CA VAL D 374 7.15 53.56 47.53
C VAL D 374 6.71 54.91 46.95
N GLN D 375 6.13 55.74 47.81
CA GLN D 375 5.70 57.10 47.46
C GLN D 375 5.80 58.01 48.67
N GLY D 376 6.21 59.25 48.44
CA GLY D 376 6.31 60.22 49.52
C GLY D 376 7.25 59.69 50.60
N GLY D 377 6.72 59.54 51.81
CA GLY D 377 7.52 59.04 52.90
C GLY D 377 7.74 57.54 52.96
N ALA D 378 6.75 56.75 52.56
CA ALA D 378 6.75 55.32 52.88
C ALA D 378 6.12 54.45 51.79
N LEU D 379 5.84 53.21 52.19
CA LEU D 379 5.28 52.20 51.31
C LEU D 379 3.81 52.51 51.03
PA NAD E . -8.41 -40.79 -17.48
O1A NAD E . -9.20 -42.08 -17.30
O2A NAD E . -6.96 -40.97 -17.25
O5B NAD E . -8.96 -39.77 -16.41
C5B NAD E . -10.27 -39.76 -15.96
C4B NAD E . -10.39 -39.31 -14.56
O4B NAD E . -11.70 -39.00 -14.20
C3B NAD E . -9.94 -40.38 -13.68
O3B NAD E . -8.90 -39.81 -12.89
C2B NAD E . -11.09 -40.72 -12.91
O2B NAD E . -10.72 -41.09 -11.60
C1B NAD E . -11.91 -39.49 -12.92
N9A NAD E . -13.34 -39.76 -12.74
C8A NAD E . -14.20 -40.68 -13.20
N7A NAD E . -15.39 -40.37 -12.68
C5A NAD E . -15.27 -39.26 -11.90
C6A NAD E . -16.17 -38.53 -11.12
N6A NAD E . -17.55 -38.90 -11.04
N1A NAD E . -15.75 -37.46 -10.44
C2A NAD E . -14.46 -37.09 -10.52
N3A NAD E . -13.56 -37.78 -11.25
C4A NAD E . -13.94 -38.86 -11.94
O3 NAD E . -8.78 -40.31 -18.93
PN NAD E . -8.21 -39.05 -19.69
O1N NAD E . -7.74 -38.01 -18.68
O2N NAD E . -7.16 -39.52 -20.67
O5D NAD E . -9.49 -38.57 -20.42
C5D NAD E . -10.56 -38.04 -19.75
C4D NAD E . -11.73 -37.83 -20.56
O4D NAD E . -11.41 -36.76 -21.50
C3D NAD E . -12.01 -39.01 -21.41
O3D NAD E . -12.91 -39.91 -20.90
C2D NAD E . -12.56 -38.46 -22.64
O2D NAD E . -13.92 -38.48 -22.56
C1D NAD E . -12.10 -37.04 -22.68
N1N NAD E . -11.47 -36.51 -23.90
C2N NAD E . -11.41 -35.61 -24.87
C3N NAD E . -10.56 -35.75 -26.06
C7N NAD E . -10.72 -34.72 -27.08
O7N NAD E . -10.29 -34.91 -28.19
N7N NAD E . -11.39 -33.50 -26.76
C4N NAD E . -9.52 -36.83 -26.14
C5N NAD E . -9.46 -37.62 -24.87
C6N NAD E . -10.60 -37.55 -23.89
PA NAD F . 14.01 -6.79 -22.07
O1A NAD F . 14.94 -5.57 -22.18
O2A NAD F . 13.96 -7.33 -20.68
O5B NAD F . 14.53 -7.91 -23.04
C5B NAD F . 15.19 -7.67 -24.23
C4B NAD F . 16.33 -8.58 -24.53
O4B NAD F . 16.80 -8.41 -25.84
C3B NAD F . 17.48 -8.28 -23.66
O3B NAD F . 17.79 -9.47 -22.96
C2B NAD F . 18.54 -7.88 -24.53
O2B NAD F . 19.76 -8.38 -24.07
C1B NAD F . 18.20 -8.52 -25.80
N9A NAD F . 18.76 -7.82 -26.95
C8A NAD F . 18.85 -6.55 -27.32
N7A NAD F . 19.42 -6.55 -28.54
C5A NAD F . 19.68 -7.82 -28.91
C6A NAD F . 20.28 -8.37 -30.05
N6A NAD F . 20.74 -7.51 -31.10
N1A NAD F . 20.41 -9.70 -30.16
C2A NAD F . 19.97 -10.49 -29.15
N3A NAD F . 19.40 -9.99 -28.03
C4A NAD F . 19.25 -8.66 -27.89
O3 NAD F . 12.59 -6.34 -22.59
PN NAD F . 11.31 -7.31 -22.65
O1N NAD F . 10.45 -6.89 -21.50
O2N NAD F . 11.66 -8.77 -22.63
O5D NAD F . 10.58 -6.90 -23.95
C5D NAD F . 11.19 -7.16 -25.15
C4D NAD F . 10.71 -6.42 -26.28
O4D NAD F . 9.36 -6.90 -26.56
C3D NAD F . 10.54 -5.01 -25.86
O3D NAD F . 11.64 -4.23 -26.13
C2D NAD F . 9.34 -4.55 -26.58
O2D NAD F . 9.66 -4.02 -27.79
C1D NAD F . 8.58 -5.80 -26.89
N1N NAD F . 7.16 -5.90 -26.54
C2N NAD F . 5.89 -6.03 -26.92
C3N NAD F . 4.75 -5.95 -26.01
C7N NAD F . 3.43 -6.22 -26.59
O7N NAD F . 2.42 -5.64 -26.19
N7N NAD F . 3.36 -7.15 -27.66
C4N NAD F . 4.97 -5.49 -24.59
C5N NAD F . 6.42 -5.53 -24.21
C6N NAD F . 7.48 -5.67 -25.25
PA NAD G . -12.10 8.03 20.48
O1A NAD G . -12.72 8.17 21.83
O2A NAD G . -12.74 6.93 19.65
O5B NAD G . -12.27 9.45 19.80
C5B NAD G . -12.36 9.64 18.43
C4B NAD G . -13.30 10.68 17.97
O4B NAD G . -13.13 10.98 16.63
C3B NAD G . -14.69 10.20 18.10
O3B NAD G . -15.38 11.11 18.96
C2B NAD G . -15.22 10.15 16.79
O2B NAD G . -16.58 10.51 16.80
C1B NAD G . -14.41 11.12 16.05
N9A NAD G . -14.36 10.83 14.60
C8A NAD G . -14.16 9.74 13.87
N7A NAD G . -14.17 10.12 12.58
C5A NAD G . -14.38 11.46 12.52
C6A NAD G . -14.49 12.38 11.47
N6A NAD G . -14.39 11.94 10.10
N1A NAD G . -14.70 13.66 11.74
C2A NAD G . -14.79 14.08 13.01
N3A NAD G . -14.69 13.24 14.05
C4A NAD G . -14.49 11.92 13.84
O3 NAD G . -10.58 7.66 20.60
PN NAD G . -9.47 8.57 21.30
O1N NAD G . -9.06 7.83 22.56
O2N NAD G . -10.02 9.95 21.60
O5D NAD G . -8.26 8.56 20.35
C5D NAD G . -8.34 9.11 19.10
C4D NAD G . -7.26 8.82 18.19
O4D NAD G . -6.01 9.37 18.72
C3D NAD G . -7.06 7.37 18.11
O3D NAD G . -7.75 6.83 17.07
C2D NAD G . -5.61 7.20 17.90
O2D NAD G . -5.35 7.18 16.56
C1D NAD G . -5.00 8.45 18.42
N1N NAD G . -3.88 8.39 19.38
C2N NAD G . -2.58 8.50 19.64
C3N NAD G . -1.97 8.13 20.93
C7N NAD G . -0.55 8.48 21.07
O7N NAD G . 0.20 7.80 21.74
N7N NAD G . -0.04 9.62 20.37
C4N NAD G . -2.71 7.28 21.90
C5N NAD G . -4.18 7.24 21.58
C6N NAD G . -4.67 7.70 20.24
#